data_8XGJ
#
_entry.id   8XGJ
#
_cell.length_a   1.00
_cell.length_b   1.00
_cell.length_c   1.00
_cell.angle_alpha   90.00
_cell.angle_beta   90.00
_cell.angle_gamma   90.00
#
_symmetry.space_group_name_H-M   'P 1'
#
loop_
_entity.id
_entity.type
_entity.pdbx_description
1 polymer 'Gap junction delta-2 protein'
2 non-polymer '(11R,12S)- Mefloquine'
3 non-polymer 1,2-DIMYRISTOYL-RAC-GLYCERO-3-PHOSPHOCHOLINE
#
_entity_poly.entity_id   1
_entity_poly.type   'polypeptide(L)'
_entity_poly.pdbx_seq_one_letter_code
;MGEWTILERLLEAAVQQHSTMIGRILLTVVVIFRILIVAIVGETVYDDEQTMFVCNTLQPGCNQACYDRAFPISHIRYWV
FQIIMVCTPSLCFITYSVHQSAKQRERRYSTVFLALDRDPPESIGGPGGTGGGGSGGGKREDKKLQNAIVNGVLQNTENT
SKETEPDCLEVKELTPHPSGLRTASKSKLRRQEGISRFYIIQVVFRNALEIGFLVGQYFLYGFSVPGLYECNRYPCIKEV
ECYVSRPTEKTVFLVFMFAVSGICVVLNLAELNHLGWRKIKLAVRGAQAKRKSIYEIRNKDLPRVSVPNFGRTQSSDSAY
VSRDYKDDDDK
;
_entity_poly.pdbx_strand_id   A,B,C,D,E,F,G,H,I,J,K,L
#
loop_
_chem_comp.id
_chem_comp.type
_chem_comp.name
_chem_comp.formula
MC3 non-polymer 1,2-DIMYRISTOYL-RAC-GLYCERO-3-PHOSPHOCHOLINE 'C36 H72 N O8 P'
YMZ non-polymer '(11R,12S)- Mefloquine' 'C17 H16 F6 N2 O'
#
# COMPACT_ATOMS: atom_id res chain seq x y z
N SER A 19 -46.12 -38.82 36.13
CA SER A 19 -44.72 -38.94 35.76
C SER A 19 -44.55 -38.86 34.24
N THR A 20 -45.41 -39.58 33.52
CA THR A 20 -45.49 -39.49 32.06
C THR A 20 -46.21 -38.24 31.59
N MET A 21 -46.95 -37.58 32.48
CA MET A 21 -47.64 -36.35 32.11
C MET A 21 -46.65 -35.20 31.87
N ILE A 22 -45.74 -34.98 32.82
CA ILE A 22 -44.78 -33.88 32.70
C ILE A 22 -43.77 -34.12 31.59
N GLY A 23 -43.48 -35.38 31.25
CA GLY A 23 -42.47 -35.64 30.24
C GLY A 23 -42.77 -34.99 28.91
N ARG A 24 -44.03 -35.00 28.50
CA ARG A 24 -44.41 -34.36 27.24
C ARG A 24 -44.19 -32.86 27.33
N ILE A 25 -44.55 -32.26 28.46
CA ILE A 25 -44.43 -30.81 28.64
C ILE A 25 -42.97 -30.41 28.55
N LEU A 26 -42.09 -31.17 29.20
CA LEU A 26 -40.69 -30.81 29.19
C LEU A 26 -40.05 -31.08 27.85
N LEU A 27 -40.50 -32.12 27.14
CA LEU A 27 -39.96 -32.34 25.80
C LEU A 27 -40.31 -31.17 24.87
N THR A 28 -41.57 -30.72 24.93
CA THR A 28 -41.97 -29.58 24.11
C THR A 28 -41.18 -28.31 24.47
N VAL A 29 -40.96 -28.10 25.77
CA VAL A 29 -40.25 -26.89 26.19
C VAL A 29 -38.79 -26.94 25.76
N VAL A 30 -38.16 -28.11 25.87
CA VAL A 30 -36.77 -28.24 25.47
C VAL A 30 -36.63 -28.00 23.98
N VAL A 31 -37.52 -28.57 23.18
CA VAL A 31 -37.46 -28.39 21.73
C VAL A 31 -37.57 -26.91 21.37
N ILE A 32 -38.56 -26.22 21.96
CA ILE A 32 -38.75 -24.81 21.62
C ILE A 32 -37.55 -23.98 22.06
N PHE A 33 -37.01 -24.28 23.24
CA PHE A 33 -35.83 -23.55 23.73
C PHE A 33 -34.65 -23.68 22.76
N ARG A 34 -34.40 -24.91 22.32
CA ARG A 34 -33.30 -25.15 21.38
C ARG A 34 -33.50 -24.37 20.09
N ILE A 35 -34.72 -24.43 19.53
CA ILE A 35 -35.00 -23.70 18.30
C ILE A 35 -34.76 -22.21 18.49
N LEU A 36 -35.24 -21.64 19.59
CA LEU A 36 -35.08 -20.20 19.81
C LEU A 36 -33.61 -19.81 19.91
N ILE A 37 -32.83 -20.57 20.67
CA ILE A 37 -31.41 -20.24 20.83
C ILE A 37 -30.72 -20.29 19.47
N VAL A 38 -31.02 -21.29 18.66
CA VAL A 38 -30.33 -21.39 17.37
C VAL A 38 -30.76 -20.25 16.45
N ALA A 39 -32.06 -19.93 16.44
CA ALA A 39 -32.60 -18.98 15.48
C ALA A 39 -32.21 -17.53 15.77
N ILE A 40 -32.11 -17.14 17.04
CA ILE A 40 -31.98 -15.70 17.32
C ILE A 40 -30.52 -15.23 17.31
N VAL A 41 -29.60 -15.99 17.88
CA VAL A 41 -28.24 -15.50 18.06
C VAL A 41 -27.20 -16.22 17.20
N GLY A 42 -27.37 -17.50 16.92
CA GLY A 42 -26.31 -18.26 16.25
C GLY A 42 -25.93 -17.77 14.87
N GLU A 43 -26.78 -17.12 14.15
CA GLU A 43 -26.36 -16.74 12.84
C GLU A 43 -25.36 -15.61 12.82
N THR A 44 -25.07 -14.97 13.96
CA THR A 44 -24.25 -13.77 13.98
C THR A 44 -22.92 -13.95 14.68
N VAL A 45 -22.72 -15.09 15.34
CA VAL A 45 -21.39 -15.49 15.81
C VAL A 45 -20.51 -15.93 14.65
N TYR A 46 -21.08 -16.68 13.70
CA TYR A 46 -20.38 -17.25 12.55
C TYR A 46 -20.29 -16.34 11.33
N ASP A 47 -20.88 -15.14 11.38
CA ASP A 47 -20.91 -14.29 10.18
C ASP A 47 -19.52 -13.96 9.63
N ASP A 48 -18.55 -13.65 10.49
CA ASP A 48 -17.20 -13.30 10.06
C ASP A 48 -16.22 -14.48 10.07
N GLU A 49 -16.68 -15.69 9.83
CA GLU A 49 -15.81 -16.85 10.05
C GLU A 49 -14.60 -16.86 9.13
N GLN A 50 -14.80 -16.56 7.85
CA GLN A 50 -13.75 -16.61 6.85
C GLN A 50 -13.05 -15.27 6.64
N THR A 51 -13.74 -14.16 6.87
CA THR A 51 -13.15 -12.83 6.69
C THR A 51 -12.08 -12.52 7.73
N MET A 52 -12.18 -13.10 8.93
CA MET A 52 -11.19 -12.93 9.98
C MET A 52 -10.29 -14.16 10.16
N PHE A 53 -10.29 -15.08 9.20
CA PHE A 53 -9.33 -16.19 9.17
C PHE A 53 -8.08 -15.76 8.41
N VAL A 54 -6.91 -15.96 9.02
CA VAL A 54 -5.66 -15.47 8.45
C VAL A 54 -4.54 -16.48 8.70
N CYS A 55 -3.64 -16.60 7.71
CA CYS A 55 -2.48 -17.48 7.75
C CYS A 55 -1.21 -16.66 7.52
N ASN A 56 -0.10 -17.14 8.08
CA ASN A 56 1.21 -16.49 7.95
C ASN A 56 1.90 -17.00 6.69
N THR A 57 1.75 -16.25 5.60
CA THR A 57 2.19 -16.69 4.28
C THR A 57 2.08 -15.52 3.31
N LEU A 58 2.78 -15.66 2.18
CA LEU A 58 2.70 -14.71 1.07
C LEU A 58 2.20 -15.37 -0.21
N GLN A 59 1.69 -16.58 -0.12
CA GLN A 59 1.25 -17.38 -1.27
C GLN A 59 -0.22 -17.13 -1.56
N PRO A 60 -0.59 -16.74 -2.78
CA PRO A 60 -2.00 -16.57 -3.11
C PRO A 60 -2.76 -17.90 -3.15
N GLY A 61 -3.94 -17.92 -2.54
CA GLY A 61 -4.78 -19.10 -2.49
C GLY A 61 -4.62 -20.00 -1.29
N CYS A 62 -3.67 -19.73 -0.39
CA CYS A 62 -3.43 -20.62 0.73
C CYS A 62 -4.51 -20.48 1.79
N ASN A 63 -4.99 -19.25 2.01
CA ASN A 63 -6.06 -19.02 2.98
C ASN A 63 -7.33 -19.78 2.62
N GLN A 64 -7.70 -19.79 1.33
CA GLN A 64 -8.89 -20.52 0.90
C GLN A 64 -8.76 -22.01 1.21
N ALA A 65 -7.66 -22.63 0.80
CA ALA A 65 -7.47 -24.05 1.02
C ALA A 65 -7.44 -24.41 2.50
N CYS A 66 -6.76 -23.60 3.31
CA CYS A 66 -6.63 -23.94 4.72
C CYS A 66 -7.94 -23.72 5.48
N TYR A 67 -8.68 -22.66 5.15
CA TYR A 67 -10.01 -22.49 5.73
C TYR A 67 -10.93 -23.65 5.35
N ASP A 68 -10.90 -24.07 4.09
CA ASP A 68 -11.76 -25.16 3.66
C ASP A 68 -11.41 -26.46 4.38
N ARG A 69 -10.12 -26.71 4.60
CA ARG A 69 -9.70 -27.92 5.31
C ARG A 69 -10.01 -27.86 6.80
N ALA A 70 -9.93 -26.69 7.43
CA ALA A 70 -10.24 -26.58 8.85
C ALA A 70 -11.72 -26.66 9.15
N PHE A 71 -12.58 -26.06 8.32
CA PHE A 71 -14.03 -26.00 8.56
C PHE A 71 -14.79 -26.47 7.33
N PRO A 72 -14.89 -27.79 7.13
CA PRO A 72 -15.58 -28.30 5.93
C PRO A 72 -17.07 -27.97 5.87
N ILE A 73 -17.78 -28.21 6.96
CA ILE A 73 -19.17 -27.80 7.13
C ILE A 73 -19.27 -27.00 8.42
N SER A 74 -19.81 -25.79 8.32
CA SER A 74 -19.98 -24.92 9.48
C SER A 74 -21.00 -25.48 10.46
N HIS A 75 -20.78 -25.17 11.74
CA HIS A 75 -21.65 -25.70 12.80
C HIS A 75 -23.11 -25.34 12.57
N ILE A 76 -23.36 -24.09 12.17
CA ILE A 76 -24.72 -23.58 12.08
C ILE A 76 -25.51 -24.29 10.99
N ARG A 77 -24.86 -24.64 9.88
CA ARG A 77 -25.50 -25.43 8.84
C ARG A 77 -25.92 -26.80 9.35
N TYR A 78 -25.01 -27.49 10.04
CA TYR A 78 -25.31 -28.80 10.61
C TYR A 78 -26.48 -28.72 11.60
N TRP A 79 -26.50 -27.69 12.45
CA TRP A 79 -27.57 -27.59 13.44
C TRP A 79 -28.92 -27.29 12.79
N VAL A 80 -28.95 -26.41 11.79
CA VAL A 80 -30.22 -26.16 11.10
C VAL A 80 -30.72 -27.44 10.44
N PHE A 81 -29.83 -28.17 9.76
CA PHE A 81 -30.24 -29.41 9.12
C PHE A 81 -30.81 -30.40 10.13
N GLN A 82 -30.11 -30.60 11.25
CA GLN A 82 -30.59 -31.51 12.28
C GLN A 82 -31.95 -31.10 12.82
N ILE A 83 -32.12 -29.80 13.14
CA ILE A 83 -33.40 -29.33 13.66
C ILE A 83 -34.53 -29.62 12.69
N ILE A 84 -34.31 -29.35 11.40
CA ILE A 84 -35.37 -29.59 10.44
C ILE A 84 -35.66 -31.09 10.29
N MET A 85 -34.62 -31.92 10.27
CA MET A 85 -34.83 -33.34 10.04
C MET A 85 -35.47 -34.04 11.22
N VAL A 86 -35.26 -33.57 12.45
CA VAL A 86 -35.91 -34.22 13.59
C VAL A 86 -37.36 -33.84 13.79
N CYS A 87 -37.94 -32.99 12.94
CA CYS A 87 -39.35 -32.62 13.05
C CYS A 87 -40.21 -33.18 11.93
N THR A 88 -39.66 -34.06 11.09
CA THR A 88 -40.37 -34.58 9.93
C THR A 88 -41.42 -35.62 10.30
N PRO A 89 -41.16 -36.53 11.25
CA PRO A 89 -42.21 -37.49 11.62
C PRO A 89 -43.48 -36.83 12.13
N SER A 90 -43.37 -35.74 12.90
CA SER A 90 -44.56 -35.02 13.32
C SER A 90 -45.33 -34.48 12.13
N LEU A 91 -44.63 -33.89 11.15
CA LEU A 91 -45.31 -33.37 9.97
C LEU A 91 -46.00 -34.49 9.21
N CYS A 92 -45.35 -35.65 9.10
CA CYS A 92 -45.98 -36.79 8.44
C CYS A 92 -47.25 -37.20 9.17
N PHE A 93 -47.18 -37.33 10.49
CA PHE A 93 -48.36 -37.72 11.26
C PHE A 93 -49.48 -36.71 11.08
N ILE A 94 -49.16 -35.42 11.07
CA ILE A 94 -50.18 -34.39 10.92
C ILE A 94 -50.82 -34.50 9.54
N THR A 95 -50.01 -34.66 8.50
CA THR A 95 -50.54 -34.76 7.14
C THR A 95 -51.42 -35.98 6.99
N TYR A 96 -51.02 -37.11 7.60
CA TYR A 96 -51.85 -38.30 7.58
C TYR A 96 -53.19 -38.03 8.24
N SER A 97 -53.18 -37.48 9.44
CA SER A 97 -54.45 -37.27 10.14
C SER A 97 -55.34 -36.29 9.40
N VAL A 98 -54.72 -35.26 8.78
CA VAL A 98 -55.50 -34.31 7.98
C VAL A 98 -56.12 -35.00 6.76
N HIS A 99 -55.38 -35.91 6.12
CA HIS A 99 -55.96 -36.63 5.00
C HIS A 99 -57.08 -37.55 5.45
N GLN A 100 -56.95 -38.13 6.64
CA GLN A 100 -57.97 -39.04 7.14
C GLN A 100 -59.33 -38.36 7.24
N SER A 101 -59.35 -37.04 7.31
CA SER A 101 -60.58 -36.29 7.51
C SER A 101 -61.24 -35.97 6.17
N GLY A 194 -55.39 -47.39 11.83
CA GLY A 194 -54.28 -47.77 12.70
C GLY A 194 -53.44 -46.59 13.14
N ILE A 195 -54.09 -45.64 13.83
CA ILE A 195 -53.39 -44.45 14.29
C ILE A 195 -52.30 -44.82 15.29
N SER A 196 -52.56 -45.82 16.14
CA SER A 196 -51.61 -46.17 17.18
C SER A 196 -50.34 -46.76 16.59
N ARG A 197 -50.47 -47.50 15.49
CA ARG A 197 -49.28 -48.01 14.80
C ARG A 197 -48.43 -46.85 14.30
N PHE A 198 -49.05 -45.82 13.75
CA PHE A 198 -48.30 -44.63 13.33
C PHE A 198 -47.62 -43.97 14.50
N TYR A 199 -48.29 -43.88 15.65
CA TYR A 199 -47.65 -43.30 16.83
C TYR A 199 -46.40 -44.07 17.21
N ILE A 200 -46.51 -45.39 17.28
CA ILE A 200 -45.36 -46.22 17.64
C ILE A 200 -44.21 -45.99 16.67
N ILE A 201 -44.51 -46.06 15.37
CA ILE A 201 -43.46 -45.97 14.38
C ILE A 201 -42.78 -44.62 14.42
N GLN A 202 -43.55 -43.54 14.54
CA GLN A 202 -42.91 -42.22 14.55
C GLN A 202 -42.06 -42.02 15.79
N VAL A 203 -42.47 -42.59 16.94
CA VAL A 203 -41.63 -42.50 18.12
C VAL A 203 -40.30 -43.21 17.90
N VAL A 204 -40.37 -44.42 17.32
CA VAL A 204 -39.15 -45.18 17.03
C VAL A 204 -38.22 -44.37 16.13
N PHE A 205 -38.79 -43.80 15.07
CA PHE A 205 -37.98 -43.08 14.10
C PHE A 205 -37.33 -41.85 14.73
N ARG A 206 -38.09 -41.11 15.55
CA ARG A 206 -37.50 -39.95 16.20
C ARG A 206 -36.33 -40.34 17.09
N ASN A 207 -36.48 -41.41 17.86
CA ASN A 207 -35.37 -41.89 18.68
C ASN A 207 -34.14 -42.16 17.83
N ALA A 208 -34.31 -42.93 16.76
CA ALA A 208 -33.17 -43.28 15.92
C ALA A 208 -32.50 -42.05 15.35
N LEU A 209 -33.29 -41.10 14.85
CA LEU A 209 -32.74 -39.92 14.21
C LEU A 209 -31.93 -39.09 15.20
N GLU A 210 -32.41 -38.98 16.44
CA GLU A 210 -31.72 -38.11 17.38
C GLU A 210 -30.42 -38.75 17.87
N ILE A 211 -30.40 -40.09 18.00
CA ILE A 211 -29.14 -40.73 18.39
C ILE A 211 -28.12 -40.62 17.26
N GLY A 212 -28.55 -40.82 16.02
CA GLY A 212 -27.63 -40.67 14.91
C GLY A 212 -27.04 -39.28 14.83
N PHE A 213 -27.86 -38.25 15.01
CA PHE A 213 -27.35 -36.89 14.88
C PHE A 213 -26.38 -36.54 16.02
N LEU A 214 -26.66 -36.99 17.24
CA LEU A 214 -25.73 -36.72 18.34
C LEU A 214 -24.38 -37.41 18.11
N VAL A 215 -24.40 -38.67 17.69
CA VAL A 215 -23.16 -39.38 17.40
C VAL A 215 -22.38 -38.68 16.29
N GLY A 216 -23.08 -38.27 15.23
CA GLY A 216 -22.40 -37.58 14.14
C GLY A 216 -21.76 -36.27 14.58
N GLN A 217 -22.45 -35.51 15.44
CA GLN A 217 -21.86 -34.30 15.97
C GLN A 217 -20.56 -34.59 16.69
N TYR A 218 -20.57 -35.58 17.58
CA TYR A 218 -19.35 -35.93 18.30
C TYR A 218 -18.22 -36.32 17.35
N PHE A 219 -18.54 -37.08 16.30
CA PHE A 219 -17.49 -37.55 15.40
C PHE A 219 -17.00 -36.44 14.46
N LEU A 220 -17.84 -35.46 14.14
CA LEU A 220 -17.43 -34.39 13.24
C LEU A 220 -16.63 -33.31 13.97
N TYR A 221 -17.03 -32.92 15.18
CA TYR A 221 -16.49 -31.71 15.78
C TYR A 221 -15.75 -31.91 17.10
N GLY A 222 -16.06 -32.95 17.87
CA GLY A 222 -15.47 -33.10 19.20
C GLY A 222 -16.06 -32.17 20.26
N PHE A 223 -15.22 -31.68 21.17
CA PHE A 223 -15.67 -30.87 22.30
C PHE A 223 -15.01 -29.51 22.44
N SER A 224 -14.17 -29.08 21.49
CA SER A 224 -13.51 -27.79 21.61
C SER A 224 -13.11 -27.27 20.24
N VAL A 225 -12.92 -25.96 20.15
CA VAL A 225 -12.41 -25.31 18.95
C VAL A 225 -11.08 -24.65 19.30
N PRO A 226 -9.95 -25.13 18.80
CA PRO A 226 -8.66 -24.51 19.11
C PRO A 226 -8.41 -23.23 18.33
N GLY A 227 -7.52 -22.40 18.89
CA GLY A 227 -7.14 -21.14 18.29
C GLY A 227 -6.14 -21.20 17.16
N LEU A 228 -5.31 -22.25 17.10
CA LEU A 228 -4.35 -22.44 16.03
C LEU A 228 -4.69 -23.67 15.20
N TYR A 229 -4.30 -23.61 13.91
CA TYR A 229 -4.47 -24.72 12.99
C TYR A 229 -3.23 -24.86 12.11
N GLU A 230 -2.80 -26.10 11.90
CA GLU A 230 -1.63 -26.44 11.10
C GLU A 230 -2.08 -27.06 9.78
N CYS A 231 -1.63 -26.47 8.67
CA CYS A 231 -2.15 -26.76 7.35
C CYS A 231 -1.01 -27.17 6.43
N ASN A 232 -1.26 -28.19 5.60
CA ASN A 232 -0.29 -28.68 4.62
C ASN A 232 -0.96 -29.01 3.29
N ARG A 233 -1.83 -28.13 2.80
CA ARG A 233 -2.52 -28.35 1.54
C ARG A 233 -2.00 -27.42 0.44
N TYR A 234 -1.89 -27.98 -0.77
CA TYR A 234 -1.52 -27.21 -1.95
C TYR A 234 -2.50 -26.04 -2.15
N PRO A 235 -2.03 -24.84 -2.51
CA PRO A 235 -0.66 -24.43 -2.91
C PRO A 235 0.27 -23.99 -1.78
N CYS A 236 -0.06 -24.24 -0.53
CA CYS A 236 0.83 -23.88 0.57
C CYS A 236 2.11 -24.72 0.52
N ILE A 237 3.25 -24.03 0.69
CA ILE A 237 4.55 -24.68 0.78
C ILE A 237 4.75 -25.25 2.17
N LYS A 238 5.10 -26.53 2.25
CA LYS A 238 5.22 -27.28 3.49
C LYS A 238 4.08 -26.98 4.45
N GLU A 239 4.35 -26.82 5.74
CA GLU A 239 3.32 -26.54 6.73
C GLU A 239 3.33 -25.09 7.19
N VAL A 240 2.13 -24.52 7.30
CA VAL A 240 1.90 -23.12 7.68
C VAL A 240 1.00 -23.09 8.91
N GLU A 241 1.03 -21.96 9.60
CA GLU A 241 0.24 -21.72 10.81
C GLU A 241 -0.85 -20.69 10.55
N CYS A 242 -2.08 -21.00 10.96
CA CYS A 242 -3.25 -20.14 10.76
C CYS A 242 -3.94 -19.89 12.10
N TYR A 243 -4.77 -18.85 12.12
CA TYR A 243 -5.36 -18.31 13.35
C TYR A 243 -6.87 -18.14 13.20
N VAL A 244 -7.61 -18.60 14.21
CA VAL A 244 -9.06 -18.70 14.18
C VAL A 244 -9.71 -17.51 14.87
N SER A 245 -10.94 -17.19 14.46
CA SER A 245 -11.76 -16.14 15.06
C SER A 245 -12.74 -16.70 16.08
N ARG A 246 -12.83 -16.03 17.23
CA ARG A 246 -13.79 -16.33 18.29
C ARG A 246 -13.85 -17.79 18.74
N PRO A 247 -12.71 -18.39 19.14
CA PRO A 247 -12.75 -19.81 19.49
C PRO A 247 -13.51 -20.12 20.79
N THR A 248 -13.43 -19.25 21.80
CA THR A 248 -14.06 -19.52 23.09
C THR A 248 -15.58 -19.53 23.01
N GLU A 249 -16.16 -18.54 22.33
CA GLU A 249 -17.60 -18.49 22.16
C GLU A 249 -18.12 -19.73 21.42
N LYS A 250 -17.39 -20.16 20.39
CA LYS A 250 -17.78 -21.33 19.63
C LYS A 250 -17.68 -22.61 20.46
N THR A 251 -16.67 -22.70 21.33
CA THR A 251 -16.60 -23.84 22.25
C THR A 251 -17.79 -23.85 23.21
N VAL A 252 -18.16 -22.69 23.74
CA VAL A 252 -19.32 -22.62 24.64
C VAL A 252 -20.58 -23.07 23.92
N PHE A 253 -20.79 -22.59 22.69
CA PHE A 253 -21.95 -22.99 21.90
C PHE A 253 -21.98 -24.50 21.65
N LEU A 254 -20.83 -25.07 21.26
CA LEU A 254 -20.73 -26.53 21.09
C LEU A 254 -21.20 -27.28 22.33
N VAL A 255 -20.67 -26.91 23.50
CA VAL A 255 -20.99 -27.65 24.72
C VAL A 255 -22.47 -27.52 25.06
N PHE A 256 -23.01 -26.32 24.94
CA PHE A 256 -24.43 -26.10 25.21
C PHE A 256 -25.31 -26.98 24.31
N MET A 257 -25.01 -27.01 23.02
CA MET A 257 -25.83 -27.81 22.11
C MET A 257 -25.75 -29.30 22.43
N PHE A 258 -24.55 -29.80 22.76
CA PHE A 258 -24.44 -31.19 23.15
C PHE A 258 -25.30 -31.50 24.37
N ALA A 259 -25.28 -30.62 25.37
CA ALA A 259 -26.07 -30.85 26.58
C ALA A 259 -27.56 -30.93 26.26
N VAL A 260 -28.06 -29.98 25.47
CA VAL A 260 -29.48 -29.98 25.13
C VAL A 260 -29.86 -31.27 24.40
N SER A 261 -29.06 -31.67 23.40
CA SER A 261 -29.41 -32.88 22.66
C SER A 261 -29.37 -34.12 23.54
N GLY A 262 -28.43 -34.17 24.49
CA GLY A 262 -28.44 -35.27 25.45
C GLY A 262 -29.73 -35.34 26.25
N ILE A 263 -30.19 -34.18 26.74
CA ILE A 263 -31.46 -34.15 27.48
C ILE A 263 -32.58 -34.73 26.61
N CYS A 264 -32.65 -34.30 25.34
CA CYS A 264 -33.71 -34.78 24.48
C CYS A 264 -33.65 -36.29 24.28
N VAL A 265 -32.44 -36.83 24.10
CA VAL A 265 -32.28 -38.27 23.96
C VAL A 265 -32.81 -38.99 25.19
N VAL A 266 -32.44 -38.51 26.37
CA VAL A 266 -32.88 -39.16 27.60
C VAL A 266 -34.41 -39.17 27.66
N LEU A 267 -35.03 -38.03 27.37
CA LEU A 267 -36.48 -37.95 27.49
C LEU A 267 -37.17 -38.90 26.51
N ASN A 268 -36.70 -38.96 25.27
CA ASN A 268 -37.34 -39.85 24.30
C ASN A 268 -37.18 -41.31 24.68
N LEU A 269 -36.01 -41.69 25.21
CA LEU A 269 -35.89 -43.07 25.71
C LEU A 269 -36.85 -43.30 26.87
N ALA A 270 -37.02 -42.30 27.73
CA ALA A 270 -37.98 -42.42 28.83
C ALA A 270 -39.35 -42.81 28.30
N GLU A 271 -39.85 -42.04 27.32
CA GLU A 271 -41.20 -42.29 26.83
C GLU A 271 -41.30 -43.60 26.08
N LEU A 272 -40.26 -43.94 25.30
CA LEU A 272 -40.22 -45.23 24.62
C LEU A 272 -40.40 -46.36 25.62
N ASN A 273 -39.69 -46.31 26.74
CA ASN A 273 -39.82 -47.38 27.72
C ASN A 273 -41.15 -47.28 28.48
N HIS A 274 -41.73 -46.08 28.54
CA HIS A 274 -43.04 -45.93 29.17
C HIS A 274 -44.12 -46.68 28.40
N LEU A 275 -44.13 -46.56 27.07
CA LEU A 275 -45.13 -47.31 26.31
C LEU A 275 -44.74 -48.77 26.18
N GLY A 276 -43.50 -49.05 25.79
CA GLY A 276 -42.99 -50.41 25.80
C GLY A 276 -43.29 -51.19 24.54
N SER B 19 -51.78 -3.13 47.43
CA SER B 19 -50.32 -3.13 47.46
C SER B 19 -49.75 -4.27 46.62
N THR B 20 -50.33 -5.45 46.79
CA THR B 20 -50.01 -6.61 45.95
C THR B 20 -50.66 -6.52 44.57
N MET B 21 -51.65 -5.65 44.39
CA MET B 21 -52.30 -5.49 43.10
C MET B 21 -51.34 -4.84 42.09
N ILE B 22 -50.74 -3.71 42.48
CA ILE B 22 -49.86 -2.98 41.58
C ILE B 22 -48.56 -3.74 41.30
N GLY B 23 -48.12 -4.59 42.22
CA GLY B 23 -46.85 -5.28 42.03
C GLY B 23 -46.82 -6.09 40.74
N ARG B 24 -47.93 -6.77 40.42
CA ARG B 24 -47.98 -7.55 39.18
C ARG B 24 -47.88 -6.64 37.97
N ILE B 25 -48.57 -5.51 38.02
CA ILE B 25 -48.59 -4.58 36.90
C ILE B 25 -47.19 -4.05 36.64
N LEU B 26 -46.48 -3.68 37.70
CA LEU B 26 -45.16 -3.13 37.53
C LEU B 26 -44.16 -4.20 37.11
N LEU B 27 -44.34 -5.44 37.59
CA LEU B 27 -43.44 -6.50 37.14
C LEU B 27 -43.59 -6.73 35.63
N THR B 28 -44.84 -6.78 35.16
CA THR B 28 -45.07 -6.95 33.72
C THR B 28 -44.49 -5.79 32.92
N VAL B 29 -44.64 -4.57 33.43
CA VAL B 29 -44.16 -3.41 32.68
C VAL B 29 -42.64 -3.39 32.64
N VAL B 30 -41.98 -3.76 33.75
CA VAL B 30 -40.54 -3.78 33.78
C VAL B 30 -40.00 -4.82 32.82
N VAL B 31 -40.61 -6.01 32.81
CA VAL B 31 -40.16 -7.07 31.91
C VAL B 31 -40.27 -6.63 30.45
N ILE B 32 -41.42 -6.04 30.08
CA ILE B 32 -41.59 -5.63 28.69
C ILE B 32 -40.61 -4.52 28.31
N PHE B 33 -40.39 -3.59 29.24
CA PHE B 33 -39.44 -2.50 28.97
C PHE B 33 -38.04 -3.04 28.70
N ARG B 34 -37.59 -3.97 29.54
CA ARG B 34 -36.27 -4.57 29.35
C ARG B 34 -36.16 -5.27 28.01
N ILE B 35 -37.18 -6.06 27.66
CA ILE B 35 -37.16 -6.76 26.37
C ILE B 35 -37.07 -5.76 25.23
N LEU B 36 -37.86 -4.69 25.27
CA LEU B 36 -37.86 -3.73 24.18
C LEU B 36 -36.50 -3.05 24.02
N ILE B 37 -35.91 -2.62 25.14
CA ILE B 37 -34.61 -1.95 25.07
C ILE B 37 -33.57 -2.89 24.48
N VAL B 38 -33.58 -4.17 24.88
CA VAL B 38 -32.56 -5.07 24.37
C VAL B 38 -32.79 -5.34 22.88
N ALA B 39 -34.05 -5.52 22.48
CA ALA B 39 -34.37 -5.94 21.12
C ALA B 39 -34.17 -4.85 20.08
N ILE B 40 -34.43 -3.58 20.41
CA ILE B 40 -34.46 -2.58 19.35
C ILE B 40 -33.10 -1.95 19.07
N VAL B 41 -32.32 -1.64 20.11
CA VAL B 41 -31.10 -0.89 19.92
C VAL B 41 -29.82 -1.68 20.17
N GLY B 42 -29.83 -2.63 21.10
CA GLY B 42 -28.58 -3.28 21.50
C GLY B 42 -27.86 -4.05 20.40
N GLU B 43 -28.53 -4.52 19.40
CA GLU B 43 -27.79 -5.29 18.43
C GLU B 43 -26.89 -4.44 17.56
N THR B 44 -26.96 -3.11 17.63
CA THR B 44 -26.26 -2.25 16.69
C THR B 44 -25.16 -1.42 17.34
N VAL B 45 -25.07 -1.42 18.67
CA VAL B 45 -23.90 -0.91 19.37
C VAL B 45 -22.71 -1.85 19.23
N TYR B 46 -22.96 -3.15 19.31
CA TYR B 46 -21.94 -4.19 19.27
C TYR B 46 -21.57 -4.69 17.87
N ASP B 47 -22.22 -4.19 16.82
CA ASP B 47 -21.98 -4.71 15.48
C ASP B 47 -20.51 -4.62 15.04
N ASP B 48 -19.84 -3.50 15.32
CA ASP B 48 -18.45 -3.32 14.92
C ASP B 48 -17.44 -3.66 16.03
N GLU B 49 -17.73 -4.62 16.90
CA GLU B 49 -16.90 -4.81 18.08
C GLU B 49 -15.48 -5.25 17.72
N GLN B 50 -15.35 -6.19 16.77
CA GLN B 50 -14.05 -6.73 16.40
C GLN B 50 -13.40 -6.03 15.22
N THR B 51 -14.20 -5.44 14.33
CA THR B 51 -13.67 -4.74 13.16
C THR B 51 -12.93 -3.45 13.54
N MET B 52 -13.33 -2.81 14.64
CA MET B 52 -12.67 -1.60 15.13
C MET B 52 -11.77 -1.87 16.35
N PHE B 53 -11.46 -3.12 16.64
CA PHE B 53 -10.47 -3.48 17.66
C PHE B 53 -9.10 -3.54 17.02
N VAL B 54 -8.13 -2.84 17.60
CA VAL B 54 -6.79 -2.71 17.02
C VAL B 54 -5.72 -2.75 18.10
N CYS B 55 -4.59 -3.37 17.78
CA CYS B 55 -3.43 -3.50 18.66
C CYS B 55 -2.20 -2.93 17.95
N ASN B 56 -1.26 -2.43 18.76
CA ASN B 56 0.00 -1.85 18.27
C ASN B 56 1.04 -2.95 18.11
N THR B 57 1.14 -3.49 16.89
CA THR B 57 1.95 -4.67 16.63
C THR B 57 2.05 -4.88 15.12
N LEU B 58 3.03 -5.68 14.72
CA LEU B 58 3.20 -6.11 13.34
C LEU B 58 3.10 -7.62 13.18
N GLN B 59 2.67 -8.32 14.21
CA GLN B 59 2.61 -9.78 14.26
C GLN B 59 1.25 -10.27 13.75
N PRO B 60 1.22 -11.16 12.75
CA PRO B 60 -0.06 -11.72 12.30
C PRO B 60 -0.70 -12.64 13.34
N GLY B 61 -2.00 -12.45 13.56
CA GLY B 61 -2.74 -13.25 14.52
C GLY B 61 -2.86 -12.71 15.92
N CYS B 62 -2.21 -11.59 16.23
CA CYS B 62 -2.23 -11.09 17.61
C CYS B 62 -3.57 -10.44 17.93
N ASN B 63 -4.17 -9.74 16.96
CA ASN B 63 -5.47 -9.12 17.16
C ASN B 63 -6.55 -10.15 17.50
N GLN B 64 -6.56 -11.28 16.81
CA GLN B 64 -7.53 -12.33 17.10
C GLN B 64 -7.40 -12.83 18.53
N ALA B 65 -6.20 -13.20 18.96
CA ALA B 65 -5.99 -13.71 20.30
C ALA B 65 -6.34 -12.68 21.37
N CYS B 66 -5.96 -11.43 21.16
CA CYS B 66 -6.20 -10.42 22.19
C CYS B 66 -7.67 -10.04 22.27
N TYR B 67 -8.36 -9.94 21.13
CA TYR B 67 -9.81 -9.74 21.18
C TYR B 67 -10.51 -10.89 21.88
N ASP B 68 -10.12 -12.13 21.58
CA ASP B 68 -10.76 -13.28 22.21
C ASP B 68 -10.53 -13.28 23.71
N ARG B 69 -9.34 -12.89 24.16
CA ARG B 69 -9.06 -12.84 25.60
C ARG B 69 -9.77 -11.67 26.30
N ALA B 70 -9.93 -10.53 25.62
CA ALA B 70 -10.62 -9.41 26.25
C ALA B 70 -12.13 -9.59 26.33
N PHE B 71 -12.76 -10.19 25.30
CA PHE B 71 -14.22 -10.33 25.25
C PHE B 71 -14.59 -11.78 24.93
N PRO B 72 -14.55 -12.65 25.95
CA PRO B 72 -14.85 -14.08 25.69
C PRO B 72 -16.29 -14.34 25.25
N ILE B 73 -17.26 -13.77 25.96
CA ILE B 73 -18.66 -13.79 25.55
C ILE B 73 -19.16 -12.35 25.54
N SER B 74 -19.72 -11.94 24.41
CA SER B 74 -20.25 -10.59 24.24
C SER B 74 -21.47 -10.36 25.13
N HIS B 75 -21.62 -9.10 25.55
CA HIS B 75 -22.71 -8.74 26.47
C HIS B 75 -24.07 -9.13 25.91
N ILE B 76 -24.29 -8.87 24.61
CA ILE B 76 -25.60 -9.02 24.01
C ILE B 76 -26.01 -10.49 23.98
N ARG B 77 -25.06 -11.40 23.76
CA ARG B 77 -25.35 -12.84 23.83
C ARG B 77 -25.81 -13.24 25.22
N TYR B 78 -25.08 -12.80 26.25
CA TYR B 78 -25.44 -13.10 27.63
C TYR B 78 -26.84 -12.57 27.97
N TRP B 79 -27.15 -11.35 27.52
CA TRP B 79 -28.46 -10.78 27.85
C TRP B 79 -29.59 -11.50 27.15
N VAL B 80 -29.41 -11.86 25.87
CA VAL B 80 -30.45 -12.63 25.18
C VAL B 80 -30.67 -13.95 25.89
N PHE B 81 -29.59 -14.65 26.23
CA PHE B 81 -29.73 -15.94 26.92
C PHE B 81 -30.50 -15.79 28.23
N GLN B 82 -30.11 -14.79 29.04
CA GLN B 82 -30.80 -14.56 30.31
C GLN B 82 -32.29 -14.26 30.10
N ILE B 83 -32.61 -13.38 29.16
CA ILE B 83 -34.01 -13.03 28.91
C ILE B 83 -34.82 -14.27 28.55
N ILE B 84 -34.27 -15.12 27.67
CA ILE B 84 -35.01 -16.31 27.28
C ILE B 84 -35.15 -17.28 28.44
N MET B 85 -34.09 -17.46 29.24
CA MET B 85 -34.15 -18.45 30.31
C MET B 85 -35.05 -18.02 31.46
N VAL B 86 -35.21 -16.72 31.71
CA VAL B 86 -36.10 -16.31 32.80
C VAL B 86 -37.57 -16.33 32.44
N CYS B 87 -37.95 -16.74 31.23
CA CYS B 87 -39.36 -16.82 30.83
C CYS B 87 -39.84 -18.25 30.65
N THR B 88 -39.04 -19.24 31.02
CA THR B 88 -39.36 -20.64 30.80
C THR B 88 -40.42 -21.16 31.77
N PRO B 89 -40.37 -20.80 33.05
CA PRO B 89 -41.42 -21.27 33.97
C PRO B 89 -42.83 -20.85 33.55
N SER B 90 -42.99 -19.63 33.04
CA SER B 90 -44.29 -19.22 32.53
C SER B 90 -44.73 -20.12 31.38
N LEU B 91 -43.83 -20.41 30.44
CA LEU B 91 -44.19 -21.28 29.33
C LEU B 91 -44.58 -22.66 29.82
N CYS B 92 -43.86 -23.18 30.81
CA CYS B 92 -44.21 -24.48 31.37
C CYS B 92 -45.60 -24.44 31.99
N PHE B 93 -45.89 -23.41 32.78
CA PHE B 93 -47.21 -23.31 33.40
C PHE B 93 -48.31 -23.23 32.35
N ILE B 94 -48.06 -22.46 31.28
CA ILE B 94 -49.07 -22.33 30.23
C ILE B 94 -49.30 -23.67 29.55
N THR B 95 -48.23 -24.38 29.22
CA THR B 95 -48.36 -25.67 28.55
C THR B 95 -49.09 -26.67 29.44
N TYR B 96 -48.80 -26.66 30.74
CA TYR B 96 -49.52 -27.52 31.66
C TYR B 96 -51.00 -27.19 31.65
N SER B 97 -51.36 -25.92 31.80
CA SER B 97 -52.78 -25.59 31.87
C SER B 97 -53.49 -25.91 30.56
N VAL B 98 -52.79 -25.72 29.43
CA VAL B 98 -53.37 -26.08 28.14
C VAL B 98 -53.60 -27.58 28.04
N HIS B 99 -52.66 -28.38 28.53
CA HIS B 99 -52.87 -29.83 28.53
C HIS B 99 -54.01 -30.23 29.43
N GLN B 100 -54.17 -29.53 30.56
CA GLN B 100 -55.23 -29.87 31.50
C GLN B 100 -56.61 -29.79 30.84
N SER B 101 -56.73 -29.05 29.75
CA SER B 101 -58.01 -28.82 29.10
C SER B 101 -58.30 -29.91 28.08
N GLY B 194 -53.52 -29.75 41.27
CA GLY B 194 -52.68 -28.96 42.14
C GLY B 194 -52.07 -27.76 41.44
N ILE B 195 -52.93 -26.87 40.94
CA ILE B 195 -52.46 -25.69 40.22
C ILE B 195 -51.66 -24.78 41.16
N SER B 196 -52.09 -24.69 42.42
CA SER B 196 -51.44 -23.78 43.36
C SER B 196 -50.02 -24.23 43.66
N ARG B 197 -49.79 -25.55 43.72
CA ARG B 197 -48.44 -26.05 43.89
C ARG B 197 -47.55 -25.63 42.74
N PHE B 198 -48.07 -25.71 41.51
CA PHE B 198 -47.31 -25.23 40.36
C PHE B 198 -47.00 -23.74 40.46
N TYR B 199 -47.97 -22.95 40.92
CA TYR B 199 -47.72 -21.52 41.10
C TYR B 199 -46.56 -21.28 42.06
N ILE B 200 -46.61 -21.95 43.22
CA ILE B 200 -45.56 -21.79 44.22
C ILE B 200 -44.20 -22.15 43.62
N ILE B 201 -44.13 -23.32 42.98
CA ILE B 201 -42.85 -23.81 42.50
C ILE B 201 -42.29 -22.88 41.42
N GLN B 202 -43.14 -22.42 40.50
CA GLN B 202 -42.61 -21.56 39.45
C GLN B 202 -42.14 -20.22 40.00
N VAL B 203 -42.81 -19.70 41.03
CA VAL B 203 -42.33 -18.47 41.65
C VAL B 203 -40.96 -18.67 42.27
N VAL B 204 -40.79 -19.79 42.99
CA VAL B 204 -39.50 -20.10 43.60
C VAL B 204 -38.41 -20.16 42.54
N PHE B 205 -38.69 -20.88 41.45
CA PHE B 205 -37.70 -21.08 40.39
C PHE B 205 -37.32 -19.76 39.74
N ARG B 206 -38.31 -18.91 39.46
CA ARG B 206 -38.01 -17.61 38.86
C ARG B 206 -37.09 -16.78 39.76
N ASN B 207 -37.39 -16.75 41.07
CA ASN B 207 -36.51 -16.04 42.00
C ASN B 207 -35.07 -16.55 41.90
N ALA B 208 -34.90 -17.87 41.99
CA ALA B 208 -33.56 -18.44 41.97
C ALA B 208 -32.83 -18.07 40.68
N LEU B 209 -33.53 -18.20 39.54
CA LEU B 209 -32.88 -17.96 38.26
C LEU B 209 -32.42 -16.51 38.14
N GLU B 210 -33.24 -15.57 38.64
CA GLU B 210 -32.87 -14.17 38.47
C GLU B 210 -31.73 -13.77 39.38
N ILE B 211 -31.66 -14.34 40.58
CA ILE B 211 -30.53 -14.04 41.44
C ILE B 211 -29.24 -14.62 40.86
N GLY B 212 -29.31 -15.86 40.35
CA GLY B 212 -28.13 -16.44 39.73
C GLY B 212 -27.61 -15.62 38.57
N PHE B 213 -28.52 -15.15 37.71
CA PHE B 213 -28.08 -14.40 36.54
C PHE B 213 -27.48 -13.05 36.92
N LEU B 214 -28.05 -12.36 37.90
CA LEU B 214 -27.47 -11.09 38.33
C LEU B 214 -26.07 -11.28 38.91
N VAL B 215 -25.91 -12.29 39.78
CA VAL B 215 -24.58 -12.56 40.34
C VAL B 215 -23.58 -12.89 39.25
N GLY B 216 -23.98 -13.72 38.28
CA GLY B 216 -23.07 -14.06 37.20
C GLY B 216 -22.68 -12.86 36.37
N GLN B 217 -23.62 -11.95 36.11
CA GLN B 217 -23.26 -10.73 35.40
C GLN B 217 -22.18 -9.95 36.15
N TYR B 218 -22.38 -9.75 37.45
CA TYR B 218 -21.38 -9.04 38.23
C TYR B 218 -20.02 -9.71 38.18
N PHE B 219 -19.99 -11.04 38.26
CA PHE B 219 -18.70 -11.74 38.28
C PHE B 219 -18.05 -11.80 36.91
N LEU B 220 -18.83 -11.75 35.82
CA LEU B 220 -18.25 -11.81 34.48
C LEU B 220 -17.75 -10.45 34.01
N TYR B 221 -18.49 -9.38 34.28
CA TYR B 221 -18.21 -8.10 33.61
C TYR B 221 -17.85 -6.95 34.54
N GLY B 222 -18.30 -6.95 35.78
CA GLY B 222 -18.09 -5.80 36.65
C GLY B 222 -18.98 -4.61 36.36
N PHE B 223 -18.45 -3.39 36.48
CA PHE B 223 -19.25 -2.18 36.34
C PHE B 223 -18.73 -1.17 35.32
N SER B 224 -17.70 -1.50 34.55
CA SER B 224 -17.18 -0.55 33.56
C SER B 224 -16.45 -1.30 32.46
N VAL B 225 -16.32 -0.63 31.32
CA VAL B 225 -15.54 -1.13 30.18
C VAL B 225 -14.40 -0.14 29.93
N PRO B 226 -13.15 -0.51 30.18
CA PRO B 226 -12.03 0.41 29.94
C PRO B 226 -11.66 0.52 28.46
N GLY B 227 -11.01 1.64 28.14
CA GLY B 227 -10.56 1.91 26.79
C GLY B 227 -9.28 1.23 26.35
N LEU B 228 -8.41 0.84 27.30
CA LEU B 228 -7.18 0.13 26.99
C LEU B 228 -7.20 -1.28 27.56
N TYR B 229 -6.50 -2.18 26.90
CA TYR B 229 -6.33 -3.56 27.34
C TYR B 229 -4.89 -4.02 27.12
N GLU B 230 -4.36 -4.72 28.11
CA GLU B 230 -2.99 -5.23 28.09
C GLU B 230 -3.02 -6.74 27.89
N CYS B 231 -2.33 -7.23 26.85
CA CYS B 231 -2.44 -8.59 26.37
C CYS B 231 -1.06 -9.26 26.35
N ASN B 232 -1.03 -10.52 26.77
CA ASN B 232 0.20 -11.31 26.78
C ASN B 232 -0.05 -12.74 26.30
N ARG B 233 -0.81 -12.91 25.21
CA ARG B 233 -1.11 -14.23 24.68
C ARG B 233 -0.37 -14.50 23.37
N TYR B 234 0.10 -15.74 23.23
CA TYR B 234 0.72 -16.19 22.00
C TYR B 234 -0.23 -16.01 20.82
N PRO B 235 0.25 -15.55 19.65
CA PRO B 235 1.65 -15.30 19.22
C PRO B 235 2.20 -13.91 19.51
N CYS B 236 1.56 -13.11 20.35
CA CYS B 236 2.10 -11.80 20.70
C CYS B 236 3.38 -11.93 21.50
N ILE B 237 4.39 -11.14 21.11
CA ILE B 237 5.66 -11.06 21.83
C ILE B 237 5.51 -10.17 23.05
N LYS B 238 5.90 -10.70 24.21
CA LYS B 238 5.72 -10.05 25.50
C LYS B 238 4.34 -9.41 25.64
N GLU B 239 4.24 -8.21 26.21
CA GLU B 239 2.97 -7.53 26.37
C GLU B 239 2.77 -6.40 25.38
N VAL B 240 1.55 -6.32 24.83
CA VAL B 240 1.14 -5.36 23.82
C VAL B 240 -0.07 -4.58 24.35
N GLU B 241 -0.30 -3.41 23.75
CA GLU B 241 -1.39 -2.52 24.11
C GLU B 241 -2.43 -2.48 22.99
N CYS B 242 -3.70 -2.63 23.35
CA CYS B 242 -4.82 -2.65 22.41
C CYS B 242 -5.87 -1.63 22.82
N TYR B 243 -6.74 -1.27 21.87
CA TYR B 243 -7.67 -0.15 22.00
C TYR B 243 -9.09 -0.58 21.63
N VAL B 244 -10.05 -0.19 22.47
CA VAL B 244 -11.43 -0.66 22.40
C VAL B 244 -12.32 0.37 21.69
N SER B 245 -13.40 -0.13 21.09
CA SER B 245 -14.41 0.69 20.43
C SER B 245 -15.59 0.97 21.35
N ARG B 246 -16.04 2.23 21.36
CA ARG B 246 -17.23 2.66 22.07
C ARG B 246 -17.32 2.25 23.55
N PRO B 247 -16.30 2.57 24.37
CA PRO B 247 -16.35 2.10 25.77
C PRO B 247 -17.41 2.79 26.62
N THR B 248 -17.67 4.09 26.42
CA THR B 248 -18.60 4.83 27.26
C THR B 248 -20.04 4.35 27.08
N GLU B 249 -20.48 4.17 25.83
CA GLU B 249 -21.82 3.68 25.57
C GLU B 249 -22.03 2.30 26.18
N LYS B 250 -21.03 1.43 26.08
CA LYS B 250 -21.13 0.09 26.65
C LYS B 250 -21.18 0.13 28.18
N THR B 251 -20.44 1.05 28.81
CA THR B 251 -20.56 1.22 30.26
C THR B 251 -21.96 1.67 30.66
N VAL B 252 -22.53 2.62 29.91
CA VAL B 252 -23.89 3.08 30.20
C VAL B 252 -24.88 1.92 30.10
N PHE B 253 -24.77 1.13 29.03
CA PHE B 253 -25.64 -0.03 28.85
C PHE B 253 -25.51 -1.03 30.00
N LEU B 254 -24.27 -1.34 30.40
CA LEU B 254 -24.04 -2.21 31.55
C LEU B 254 -24.78 -1.73 32.80
N VAL B 255 -24.61 -0.44 33.13
CA VAL B 255 -25.21 0.08 34.36
C VAL B 255 -26.73 0.03 34.30
N PHE B 256 -27.30 0.42 33.15
CA PHE B 256 -28.74 0.38 32.99
C PHE B 256 -29.29 -1.04 33.18
N MET B 257 -28.65 -2.04 32.56
CA MET B 257 -29.13 -3.41 32.69
C MET B 257 -29.06 -3.90 34.13
N PHE B 258 -27.97 -3.58 34.84
CA PHE B 258 -27.88 -3.96 36.24
C PHE B 258 -29.02 -3.35 37.06
N ALA B 259 -29.33 -2.08 36.82
CA ALA B 259 -30.40 -1.42 37.58
C ALA B 259 -31.74 -2.12 37.34
N VAL B 260 -32.06 -2.40 36.08
CA VAL B 260 -33.34 -3.05 35.77
C VAL B 260 -33.43 -4.42 36.45
N SER B 261 -32.37 -5.23 36.34
CA SER B 261 -32.42 -6.55 36.95
C SER B 261 -32.54 -6.47 38.47
N GLY B 262 -31.91 -5.48 39.09
CA GLY B 262 -32.11 -5.28 40.53
C GLY B 262 -33.55 -5.00 40.88
N ILE B 263 -34.20 -4.12 40.11
CA ILE B 263 -35.62 -3.85 40.34
C ILE B 263 -36.42 -5.14 40.28
N CYS B 264 -36.17 -5.96 39.25
CA CYS B 264 -36.94 -7.20 39.11
C CYS B 264 -36.72 -8.14 40.30
N VAL B 265 -35.48 -8.24 40.78
CA VAL B 265 -35.20 -9.08 41.95
C VAL B 265 -36.00 -8.59 43.15
N VAL B 266 -36.00 -7.27 43.38
CA VAL B 266 -36.71 -6.73 44.53
C VAL B 266 -38.20 -7.09 44.43
N LEU B 267 -38.79 -6.90 43.25
CA LEU B 267 -40.23 -7.14 43.11
C LEU B 267 -40.56 -8.62 43.35
N ASN B 268 -39.76 -9.53 42.80
CA ASN B 268 -40.06 -10.94 42.99
C ASN B 268 -39.91 -11.35 44.45
N LEU B 269 -38.91 -10.82 45.16
CA LEU B 269 -38.86 -11.10 46.59
C LEU B 269 -40.08 -10.54 47.30
N ALA B 270 -40.54 -9.36 46.88
CA ALA B 270 -41.74 -8.79 47.47
C ALA B 270 -42.89 -9.78 47.39
N GLU B 271 -43.16 -10.30 46.20
CA GLU B 271 -44.32 -11.18 46.01
C GLU B 271 -44.11 -12.51 46.75
N LEU B 272 -42.89 -13.04 46.71
CA LEU B 272 -42.59 -14.26 47.47
C LEU B 272 -42.96 -14.09 48.93
N ASN B 273 -42.59 -12.96 49.54
CA ASN B 273 -42.92 -12.76 50.94
C ASN B 273 -44.40 -12.44 51.12
N HIS B 274 -45.05 -11.92 50.07
CA HIS B 274 -46.48 -11.68 50.15
C HIS B 274 -47.26 -12.98 50.29
N LEU B 275 -46.92 -13.99 49.50
CA LEU B 275 -47.63 -15.26 49.64
C LEU B 275 -47.13 -16.04 50.86
N GLY B 276 -45.82 -16.17 51.02
CA GLY B 276 -45.26 -16.73 52.23
C GLY B 276 -45.16 -18.25 52.22
N SER C 19 -62.47 23.19 22.39
CA SER C 19 -61.07 23.60 22.53
C SER C 19 -60.23 22.47 23.12
N THR C 20 -60.76 21.83 24.16
CA THR C 20 -60.15 20.64 24.75
C THR C 20 -60.40 19.39 23.91
N MET C 21 -61.36 19.44 22.98
CA MET C 21 -61.63 18.30 22.11
C MET C 21 -60.49 18.09 21.12
N ILE C 22 -60.07 19.15 20.42
CA ILE C 22 -59.03 19.02 19.41
C ILE C 22 -57.66 18.75 20.03
N GLY C 23 -57.44 19.16 21.28
CA GLY C 23 -56.12 18.98 21.88
C GLY C 23 -55.69 17.53 21.91
N ARG C 24 -56.63 16.61 22.22
CA ARG C 24 -56.30 15.19 22.23
C ARG C 24 -55.93 14.70 20.84
N ILE C 25 -56.67 15.17 19.84
CA ILE C 25 -56.44 14.72 18.47
C ILE C 25 -55.06 15.16 18.02
N LEU C 26 -54.69 16.40 18.32
CA LEU C 26 -53.40 16.90 17.88
C LEU C 26 -52.26 16.27 18.68
N LEU C 27 -52.49 15.96 19.96
CA LEU C 27 -51.44 15.28 20.70
C LEU C 27 -51.16 13.90 20.10
N THR C 28 -52.23 13.16 19.79
CA THR C 28 -52.05 11.84 19.17
C THR C 28 -51.34 11.94 17.82
N VAL C 29 -51.70 12.96 17.03
CA VAL C 29 -51.10 13.09 15.70
C VAL C 29 -49.63 13.45 15.81
N VAL C 30 -49.29 14.34 16.75
CA VAL C 30 -47.90 14.74 16.92
C VAL C 30 -47.06 13.55 17.37
N VAL C 31 -47.57 12.77 18.31
CA VAL C 31 -46.84 11.60 18.79
C VAL C 31 -46.57 10.63 17.64
N ILE C 32 -47.60 10.32 16.85
CA ILE C 32 -47.41 9.36 15.76
C ILE C 32 -46.43 9.90 14.72
N PHE C 33 -46.54 11.20 14.42
CA PHE C 33 -45.62 11.80 13.45
C PHE C 33 -44.17 11.67 13.90
N ARG C 34 -43.90 11.98 15.17
CA ARG C 34 -42.56 11.86 15.70
C ARG C 34 -42.04 10.43 15.60
N ILE C 35 -42.87 9.47 16.02
CA ILE C 35 -42.45 8.07 15.94
C ILE C 35 -42.12 7.68 14.51
N LEU C 36 -42.95 8.06 13.55
CA LEU C 36 -42.71 7.68 12.16
C LEU C 36 -41.41 8.27 11.63
N ILE C 37 -41.17 9.56 11.91
CA ILE C 37 -39.95 10.19 11.42
C ILE C 37 -38.73 9.50 12.00
N VAL C 38 -38.77 9.15 13.29
CA VAL C 38 -37.60 8.53 13.89
C VAL C 38 -37.40 7.12 13.33
N ALA C 39 -38.49 6.37 13.16
CA ALA C 39 -38.39 4.96 12.79
C ALA C 39 -37.98 4.75 11.34
N ILE C 40 -38.41 5.60 10.41
CA ILE C 40 -38.21 5.25 9.00
C ILE C 40 -36.87 5.73 8.45
N VAL C 41 -36.42 6.93 8.79
CA VAL C 41 -35.24 7.49 8.16
C VAL C 41 -34.03 7.62 9.10
N GLY C 42 -34.23 7.88 10.38
CA GLY C 42 -33.11 8.19 11.25
C GLY C 42 -32.07 7.09 11.40
N GLU C 43 -32.41 5.85 11.23
CA GLU C 43 -31.39 4.86 11.44
C GLU C 43 -30.34 4.83 10.36
N THR C 44 -30.51 5.57 9.25
CA THR C 44 -29.63 5.44 8.11
C THR C 44 -28.80 6.69 7.83
N VAL C 45 -29.08 7.79 8.53
CA VAL C 45 -28.18 8.93 8.57
C VAL C 45 -26.94 8.64 9.41
N TYR C 46 -27.12 7.96 10.54
CA TYR C 46 -26.06 7.65 11.50
C TYR C 46 -25.30 6.36 11.23
N ASP C 47 -25.67 5.60 10.20
CA ASP C 47 -25.04 4.30 9.97
C ASP C 47 -23.52 4.38 9.81
N ASP C 48 -23.01 5.36 9.06
CA ASP C 48 -21.58 5.51 8.82
C ASP C 48 -20.89 6.48 9.78
N GLU C 49 -21.35 6.62 11.02
CA GLU C 49 -20.86 7.70 11.87
C GLU C 49 -19.38 7.54 12.19
N GLN C 50 -18.94 6.34 12.51
CA GLN C 50 -17.55 6.08 12.91
C GLN C 50 -16.65 5.66 11.76
N THR C 51 -17.20 5.03 10.73
CA THR C 51 -16.43 4.60 9.57
C THR C 51 -15.91 5.76 8.75
N MET C 52 -16.62 6.89 8.72
CA MET C 52 -16.20 8.09 8.02
C MET C 52 -15.65 9.18 8.95
N PHE C 53 -15.35 8.85 10.19
CA PHE C 53 -14.66 9.74 11.12
C PHE C 53 -13.16 9.55 10.98
N VAL C 54 -12.43 10.65 10.77
CA VAL C 54 -10.99 10.60 10.49
C VAL C 54 -10.26 11.74 11.17
N CYS C 55 -9.04 11.44 11.64
CA CYS C 55 -8.17 12.39 12.31
C CYS C 55 -6.82 12.46 11.58
N ASN C 56 -6.17 13.62 11.66
CA ASN C 56 -4.87 13.85 11.03
C ASN C 56 -3.76 13.42 11.98
N THR C 57 -3.30 12.18 11.81
CA THR C 57 -2.37 11.56 12.76
C THR C 57 -1.86 10.25 12.17
N LEU C 58 -0.76 9.77 12.73
CA LEU C 58 -0.19 8.46 12.39
C LEU C 58 -0.15 7.52 13.59
N GLN C 59 -0.81 7.88 14.69
CA GLN C 59 -0.79 7.15 15.94
C GLN C 59 -1.92 6.11 15.97
N PRO C 60 -1.62 4.84 16.21
CA PRO C 60 -2.71 3.84 16.32
C PRO C 60 -3.54 4.04 17.59
N GLY C 61 -4.86 3.97 17.43
CA GLY C 61 -5.79 4.12 18.53
C GLY C 61 -6.32 5.52 18.78
N CYS C 62 -5.85 6.53 18.06
CA CYS C 62 -6.26 7.90 18.33
C CYS C 62 -7.69 8.15 17.83
N ASN C 63 -8.03 7.56 16.67
CA ASN C 63 -9.38 7.71 16.13
C ASN C 63 -10.44 7.18 17.08
N GLN C 64 -10.20 6.02 17.68
CA GLN C 64 -11.14 5.45 18.64
C GLN C 64 -11.38 6.39 19.81
N ALA C 65 -10.31 6.85 20.45
CA ALA C 65 -10.45 7.73 21.61
C ALA C 65 -11.14 9.04 21.26
N CYS C 66 -10.80 9.63 20.12
CA CYS C 66 -11.37 10.92 19.77
C CYS C 66 -12.83 10.79 19.35
N TYR C 67 -13.19 9.74 18.62
CA TYR C 67 -14.60 9.51 18.33
C TYR C 67 -15.40 9.29 19.61
N ASP C 68 -14.87 8.51 20.54
CA ASP C 68 -15.57 8.24 21.78
C ASP C 68 -15.77 9.52 22.59
N ARG C 69 -14.78 10.40 22.60
CA ARG C 69 -14.90 11.67 23.32
C ARG C 69 -15.84 12.66 22.63
N ALA C 70 -15.88 12.66 21.30
CA ALA C 70 -16.78 13.57 20.60
C ALA C 70 -18.24 13.15 20.65
N PHE C 71 -18.53 11.84 20.58
CA PHE C 71 -19.90 11.33 20.53
C PHE C 71 -20.08 10.23 21.56
N PRO C 72 -20.28 10.59 22.83
CA PRO C 72 -20.41 9.57 23.89
C PRO C 72 -21.64 8.70 23.76
N ILE C 73 -22.80 9.30 23.54
CA ILE C 73 -24.05 8.61 23.22
C ILE C 73 -24.60 9.21 21.93
N SER C 74 -24.86 8.36 20.95
CA SER C 74 -25.41 8.79 19.67
C SER C 74 -26.83 9.31 19.82
N HIS C 75 -27.18 10.27 18.95
CA HIS C 75 -28.49 10.92 19.03
C HIS C 75 -29.62 9.90 18.93
N ILE C 76 -29.49 8.94 18.02
CA ILE C 76 -30.58 8.01 17.72
C ILE C 76 -30.88 7.11 18.91
N ARG C 77 -29.85 6.71 19.66
CA ARG C 77 -30.06 5.94 20.89
C ARG C 77 -30.85 6.74 21.93
N TYR C 78 -30.46 8.00 22.14
CA TYR C 78 -31.17 8.86 23.07
C TYR C 78 -32.63 9.04 22.67
N TRP C 79 -32.89 9.25 21.38
CA TRP C 79 -34.26 9.46 20.93
C TRP C 79 -35.12 8.21 21.07
N VAL C 80 -34.57 7.04 20.74
CA VAL C 80 -35.33 5.80 20.94
C VAL C 80 -35.66 5.62 22.42
N PHE C 81 -34.67 5.83 23.29
CA PHE C 81 -34.92 5.67 24.72
C PHE C 81 -36.01 6.62 25.20
N GLN C 82 -35.93 7.89 24.80
CA GLN C 82 -36.95 8.85 25.20
C GLN C 82 -38.34 8.46 24.71
N ILE C 83 -38.45 8.06 23.43
CA ILE C 83 -39.74 7.68 22.88
C ILE C 83 -40.35 6.52 23.68
N ILE C 84 -39.53 5.52 23.99
CA ILE C 84 -40.06 4.38 24.73
C ILE C 84 -40.46 4.78 26.15
N MET C 85 -39.65 5.61 26.81
CA MET C 85 -39.93 5.94 28.20
C MET C 85 -41.14 6.87 28.35
N VAL C 86 -41.44 7.70 27.36
CA VAL C 86 -42.62 8.58 27.48
C VAL C 86 -43.93 7.88 27.18
N CYS C 87 -43.94 6.58 26.86
CA CYS C 87 -45.17 5.85 26.60
C CYS C 87 -45.50 4.83 27.68
N THR C 88 -44.77 4.83 28.79
CA THR C 88 -44.94 3.82 29.83
C THR C 88 -46.18 4.06 30.68
N PRO C 89 -46.51 5.31 31.04
CA PRO C 89 -47.74 5.52 31.82
C PRO C 89 -48.99 5.04 31.12
N SER C 90 -49.09 5.22 29.80
CA SER C 90 -50.23 4.67 29.07
C SER C 90 -50.29 3.15 29.19
N LEU C 91 -49.14 2.48 29.04
CA LEU C 91 -49.13 1.03 29.16
C LEU C 91 -49.56 0.60 30.56
N CYS C 92 -49.10 1.32 31.58
CA CYS C 92 -49.52 1.01 32.95
C CYS C 92 -51.02 1.15 33.10
N PHE C 93 -51.58 2.27 32.62
CA PHE C 93 -53.02 2.48 32.72
C PHE C 93 -53.79 1.38 32.00
N ILE C 94 -53.31 0.97 30.83
CA ILE C 94 -54.00 -0.07 30.07
C ILE C 94 -53.96 -1.39 30.84
N THR C 95 -52.79 -1.75 31.37
CA THR C 95 -52.66 -3.00 32.11
C THR C 95 -53.54 -2.99 33.35
N TYR C 96 -53.60 -1.85 34.04
CA TYR C 96 -54.51 -1.74 35.19
C TYR C 96 -55.95 -1.97 34.77
N SER C 97 -56.41 -1.28 33.73
CA SER C 97 -57.81 -1.41 33.35
C SER C 97 -58.11 -2.84 32.89
N VAL C 98 -57.15 -3.47 32.20
CA VAL C 98 -57.34 -4.86 31.78
C VAL C 98 -57.44 -5.79 32.99
N HIS C 99 -56.62 -5.55 34.01
CA HIS C 99 -56.72 -6.37 35.21
C HIS C 99 -58.05 -6.15 35.93
N GLN C 100 -58.54 -4.90 35.90
CA GLN C 100 -59.80 -4.61 36.57
C GLN C 100 -60.95 -5.46 36.04
N SER C 101 -60.81 -5.99 34.82
CA SER C 101 -61.88 -6.74 34.18
C SER C 101 -61.81 -8.21 34.55
N GLY C 194 -60.84 3.83 41.69
CA GLY C 194 -60.31 5.17 41.54
C GLY C 194 -59.61 5.40 40.21
N ILE C 195 -60.35 5.22 39.12
CA ILE C 195 -59.77 5.39 37.79
C ILE C 195 -59.32 6.82 37.58
N SER C 196 -60.07 7.79 38.10
CA SER C 196 -59.76 9.19 37.88
C SER C 196 -58.45 9.58 38.55
N ARG C 197 -58.18 9.00 39.72
CA ARG C 197 -56.90 9.24 40.37
C ARG C 197 -55.75 8.74 39.50
N PHE C 198 -55.90 7.58 38.88
CA PHE C 198 -54.89 7.08 37.95
C PHE C 198 -54.72 8.03 36.76
N TYR C 199 -55.82 8.57 36.23
CA TYR C 199 -55.72 9.52 35.13
C TYR C 199 -54.88 10.73 35.54
N ILE C 200 -55.20 11.30 36.70
CA ILE C 200 -54.47 12.48 37.18
C ILE C 200 -52.99 12.16 37.30
N ILE C 201 -52.68 11.05 37.97
CA ILE C 201 -51.28 10.74 38.26
C ILE C 201 -50.51 10.51 36.97
N GLN C 202 -51.10 9.78 36.02
CA GLN C 202 -50.35 9.50 34.79
C GLN C 202 -50.14 10.78 33.98
N VAL C 203 -51.09 11.71 34.01
CA VAL C 203 -50.88 12.98 33.32
C VAL C 203 -49.71 13.74 33.94
N VAL C 204 -49.68 13.79 35.28
CA VAL C 204 -48.58 14.46 35.98
C VAL C 204 -47.24 13.85 35.59
N PHE C 205 -47.18 12.51 35.61
CA PHE C 205 -45.93 11.82 35.32
C PHE C 205 -45.47 12.08 33.90
N ARG C 206 -46.39 12.04 32.94
CA ARG C 206 -46.02 12.31 31.55
C ARG C 206 -45.43 13.71 31.40
N ASN C 207 -46.08 14.71 32.02
CA ASN C 207 -45.54 16.06 31.98
C ASN C 207 -44.10 16.10 32.50
N ALA C 208 -43.88 15.52 33.68
CA ALA C 208 -42.54 15.57 34.28
C ALA C 208 -41.52 14.90 33.37
N LEU C 209 -41.87 13.74 32.83
CA LEU C 209 -40.91 12.99 32.02
C LEU C 209 -40.53 13.77 30.77
N GLU C 210 -41.50 14.46 30.15
CA GLU C 210 -41.19 15.13 28.89
C GLU C 210 -40.37 16.39 29.14
N ILE C 211 -40.59 17.07 30.26
CA ILE C 211 -39.76 18.24 30.55
C ILE C 211 -38.33 17.80 30.86
N GLY C 212 -38.18 16.73 31.64
CA GLY C 212 -36.84 16.23 31.92
C GLY C 212 -36.08 15.84 30.67
N PHE C 213 -36.75 15.16 29.75
CA PHE C 213 -36.04 14.71 28.54
C PHE C 213 -35.65 15.89 27.65
N LEU C 214 -36.52 16.90 27.51
CA LEU C 214 -36.15 18.06 26.70
C LEU C 214 -34.96 18.81 27.31
N VAL C 215 -34.97 19.02 28.63
CA VAL C 215 -33.84 19.69 29.27
C VAL C 215 -32.56 18.88 29.08
N GLY C 216 -32.63 17.57 29.26
CA GLY C 216 -31.45 16.75 29.06
C GLY C 216 -30.91 16.81 27.65
N GLN C 217 -31.80 16.83 26.66
CA GLN C 217 -31.34 16.99 25.27
C GLN C 217 -30.55 18.27 25.10
N TYR C 218 -31.11 19.39 25.59
CA TYR C 218 -30.41 20.66 25.48
C TYR C 218 -29.04 20.63 26.15
N PHE C 219 -28.95 20.00 27.33
CA PHE C 219 -27.69 19.98 28.04
C PHE C 219 -26.68 19.01 27.45
N LEU C 220 -27.13 17.96 26.78
CA LEU C 220 -26.21 16.99 26.20
C LEU C 220 -25.68 17.45 24.84
N TYR C 221 -26.53 18.03 23.99
CA TYR C 221 -26.16 18.23 22.59
C TYR C 221 -26.13 19.68 22.12
N GLY C 222 -26.90 20.57 22.73
CA GLY C 222 -27.00 21.93 22.21
C GLY C 222 -27.86 22.08 20.97
N PHE C 223 -27.46 22.95 20.04
CA PHE C 223 -28.26 23.27 18.87
C PHE C 223 -27.55 23.10 17.53
N SER C 224 -26.32 22.57 17.50
CA SER C 224 -25.61 22.41 16.23
C SER C 224 -24.57 21.31 16.37
N VAL C 225 -24.17 20.77 15.22
CA VAL C 225 -23.09 19.80 15.13
C VAL C 225 -21.98 20.40 14.27
N PRO C 226 -20.82 20.75 14.84
CA PRO C 226 -19.74 21.33 14.02
C PRO C 226 -18.99 20.28 13.20
N GLY C 227 -18.34 20.77 12.14
CA GLY C 227 -17.56 19.94 11.25
C GLY C 227 -16.17 19.56 11.73
N LEU C 228 -15.57 20.36 12.62
CA LEU C 228 -14.26 20.07 13.19
C LEU C 228 -14.35 19.79 14.68
N TYR C 229 -13.43 18.95 15.17
CA TYR C 229 -13.32 18.65 16.58
C TYR C 229 -11.85 18.60 17.00
N GLU C 230 -11.55 19.18 18.16
CA GLU C 230 -10.21 19.26 18.71
C GLU C 230 -10.09 18.30 19.89
N CYS C 231 -9.11 17.40 19.82
CA CYS C 231 -9.01 16.25 20.72
C CYS C 231 -7.65 16.26 21.41
N ASN C 232 -7.64 15.94 22.71
CA ASN C 232 -6.41 15.86 23.50
C ASN C 232 -6.44 14.66 24.45
N ARG C 233 -6.87 13.50 23.95
CA ARG C 233 -6.93 12.29 24.77
C ARG C 233 -5.84 11.29 24.39
N TYR C 234 -5.29 10.65 25.42
CA TYR C 234 -4.31 9.57 25.23
C TYR C 234 -4.92 8.46 24.37
N PRO C 235 -4.17 7.88 23.42
CA PRO C 235 -2.73 8.03 23.12
C PRO C 235 -2.35 9.14 22.14
N CYS C 236 -3.25 10.08 21.83
CA CYS C 236 -2.91 11.18 20.94
C CYS C 236 -1.88 12.10 21.59
N ILE C 237 -0.86 12.46 20.81
CA ILE C 237 0.16 13.42 21.23
C ILE C 237 -0.38 14.84 21.10
N LYS C 238 -0.28 15.60 22.18
CA LYS C 238 -0.85 16.95 22.28
C LYS C 238 -2.25 17.02 21.68
N GLU C 239 -2.57 18.08 20.94
CA GLU C 239 -3.89 18.24 20.33
C GLU C 239 -3.88 17.97 18.83
N VAL C 240 -4.90 17.24 18.37
CA VAL C 240 -5.08 16.82 16.99
C VAL C 240 -6.42 17.34 16.49
N GLU C 241 -6.55 17.40 15.17
CA GLU C 241 -7.76 17.86 14.49
C GLU C 241 -8.45 16.70 13.78
N CYS C 242 -9.76 16.59 13.97
CA CYS C 242 -10.58 15.51 13.40
C CYS C 242 -11.76 16.11 12.64
N TYR C 243 -12.36 15.30 11.76
CA TYR C 243 -13.36 15.73 10.79
C TYR C 243 -14.59 14.84 10.83
N VAL C 244 -15.77 15.48 10.86
CA VAL C 244 -17.05 14.81 11.09
C VAL C 244 -17.76 14.53 9.76
N SER C 245 -18.61 13.50 9.78
CA SER C 245 -19.44 13.13 8.65
C SER C 245 -20.85 13.71 8.77
N ARG C 246 -21.36 14.26 7.67
CA ARG C 246 -22.73 14.75 7.55
C ARG C 246 -23.19 15.71 8.66
N PRO C 247 -22.46 16.80 8.90
CA PRO C 247 -22.86 17.68 10.02
C PRO C 247 -24.15 18.46 9.78
N THR C 248 -24.42 18.91 8.55
CA THR C 248 -25.59 19.73 8.26
C THR C 248 -26.90 18.95 8.44
N GLU C 249 -26.96 17.73 7.91
CA GLU C 249 -28.14 16.90 8.08
C GLU C 249 -28.43 16.63 9.54
N LYS C 250 -27.40 16.36 10.32
CA LYS C 250 -27.56 16.09 11.75
C LYS C 250 -28.03 17.34 12.50
N THR C 251 -27.54 18.52 12.11
CA THR C 251 -28.06 19.75 12.71
C THR C 251 -29.54 19.95 12.40
N VAL C 252 -29.95 19.68 11.15
CA VAL C 252 -31.36 19.80 10.79
C VAL C 252 -32.22 18.86 11.62
N PHE C 253 -31.77 17.61 11.75
CA PHE C 253 -32.49 16.62 12.57
C PHE C 253 -32.62 17.07 14.03
N LEU C 254 -31.51 17.55 14.61
CA LEU C 254 -31.56 18.10 15.97
C LEU C 254 -32.64 19.17 16.13
N VAL C 255 -32.64 20.15 15.23
CA VAL C 255 -33.58 21.27 15.37
C VAL C 255 -35.02 20.78 15.23
N PHE C 256 -35.28 19.91 14.26
CA PHE C 256 -36.61 19.37 14.07
C PHE C 256 -37.11 18.64 15.32
N MET C 257 -36.26 17.80 15.92
CA MET C 257 -36.68 17.06 17.11
C MET C 257 -36.97 17.99 18.28
N PHE C 258 -36.14 19.01 18.47
CA PHE C 258 -36.41 19.98 19.53
C PHE C 258 -37.77 20.66 19.33
N ALA C 259 -38.08 21.05 18.09
CA ALA C 259 -39.35 21.71 17.83
C ALA C 259 -40.53 20.81 18.17
N VAL C 260 -40.48 19.56 17.72
CA VAL C 260 -41.58 18.63 18.01
C VAL C 260 -41.76 18.45 19.51
N SER C 261 -40.67 18.21 20.24
CA SER C 261 -40.80 18.01 21.67
C SER C 261 -41.34 19.24 22.38
N GLY C 262 -40.97 20.44 21.92
CA GLY C 262 -41.57 21.65 22.47
C GLY C 262 -43.06 21.70 22.28
N ILE C 263 -43.53 21.37 21.07
CA ILE C 263 -44.97 21.32 20.84
C ILE C 263 -45.64 20.38 21.82
N CYS C 264 -45.07 19.19 22.02
CA CYS C 264 -45.69 18.22 22.92
C CYS C 264 -45.75 18.76 24.35
N VAL C 265 -44.69 19.42 24.80
CA VAL C 265 -44.69 20.01 26.15
C VAL C 265 -45.81 21.02 26.28
N VAL C 266 -45.95 21.90 25.29
CA VAL C 266 -46.99 22.93 25.35
C VAL C 266 -48.36 22.27 25.47
N LEU C 267 -48.62 21.26 24.64
CA LEU C 267 -49.95 20.63 24.64
C LEU C 267 -50.25 19.97 25.99
N ASN C 268 -49.27 19.26 26.55
CA ASN C 268 -49.52 18.60 27.83
C ASN C 268 -49.76 19.60 28.94
N LEU C 269 -49.02 20.72 28.94
CA LEU C 269 -49.34 21.75 29.94
C LEU C 269 -50.74 22.31 29.71
N ALA C 270 -51.14 22.45 28.46
CA ALA C 270 -52.49 22.91 28.15
C ALA C 270 -53.52 22.02 28.85
N GLU C 271 -53.40 20.71 28.65
CA GLU C 271 -54.41 19.80 29.20
C GLU C 271 -54.34 19.75 30.72
N LEU C 272 -53.12 19.77 31.27
CA LEU C 272 -52.97 19.83 32.73
C LEU C 272 -53.74 21.00 33.30
N ASN C 273 -53.61 22.18 32.70
CA ASN C 273 -54.32 23.34 33.22
C ASN C 273 -55.81 23.26 32.90
N HIS C 274 -56.18 22.51 31.87
CA HIS C 274 -57.60 22.33 31.56
C HIS C 274 -58.31 21.56 32.67
N LEU C 275 -57.70 20.48 33.15
CA LEU C 275 -58.34 19.74 34.25
C LEU C 275 -58.15 20.47 35.58
N GLY C 276 -56.92 20.86 35.89
CA GLY C 276 -56.67 21.70 37.05
C GLY C 276 -56.49 20.92 38.34
N SER D 19 -67.48 13.81 -13.95
CA SER D 19 -66.22 14.52 -14.10
C SER D 19 -65.50 14.63 -12.76
N THR D 20 -66.26 14.99 -11.73
CA THR D 20 -65.76 15.00 -10.35
C THR D 20 -65.69 13.60 -9.75
N MET D 21 -66.37 12.63 -10.36
CA MET D 21 -66.32 11.26 -9.87
C MET D 21 -64.94 10.64 -10.08
N ILE D 22 -64.41 10.73 -11.31
CA ILE D 22 -63.13 10.13 -11.62
C ILE D 22 -61.97 10.84 -10.95
N GLY D 23 -62.12 12.13 -10.64
CA GLY D 23 -61.01 12.87 -10.04
C GLY D 23 -60.52 12.25 -8.75
N ARG D 24 -61.45 11.78 -7.91
CA ARG D 24 -61.04 11.14 -6.66
C ARG D 24 -60.28 9.86 -6.93
N ILE D 25 -60.75 9.08 -7.91
CA ILE D 25 -60.12 7.80 -8.22
C ILE D 25 -58.70 8.02 -8.70
N LEU D 26 -58.52 9.02 -9.56
CA LEU D 26 -57.18 9.26 -10.09
C LEU D 26 -56.27 9.88 -9.04
N LEU D 27 -56.81 10.69 -8.14
CA LEU D 27 -55.97 11.22 -7.06
C LEU D 27 -55.45 10.09 -6.18
N THR D 28 -56.35 9.16 -5.82
CA THR D 28 -55.93 8.03 -5.00
C THR D 28 -54.89 7.16 -5.72
N VAL D 29 -55.08 6.96 -7.03
CA VAL D 29 -54.15 6.11 -7.77
C VAL D 29 -52.78 6.78 -7.89
N VAL D 30 -52.78 8.09 -8.12
CA VAL D 30 -51.51 8.80 -8.24
C VAL D 30 -50.75 8.76 -6.93
N VAL D 31 -51.46 8.99 -5.81
CA VAL D 31 -50.80 8.96 -4.51
C VAL D 31 -50.18 7.59 -4.24
N ILE D 32 -50.93 6.52 -4.49
CA ILE D 32 -50.39 5.18 -4.22
C ILE D 32 -49.21 4.88 -5.12
N PHE D 33 -49.30 5.28 -6.39
CA PHE D 33 -48.19 5.05 -7.33
C PHE D 33 -46.92 5.72 -6.84
N ARG D 34 -47.03 6.99 -6.42
CA ARG D 34 -45.87 7.72 -5.93
C ARG D 34 -45.27 7.03 -4.71
N ILE D 35 -46.11 6.64 -3.76
CA ILE D 35 -45.60 5.96 -2.56
C ILE D 35 -44.86 4.67 -2.95
N LEU D 36 -45.44 3.88 -3.85
CA LEU D 36 -44.79 2.62 -4.22
C LEU D 36 -43.44 2.84 -4.87
N ILE D 37 -43.36 3.80 -5.80
CA ILE D 37 -42.10 4.06 -6.48
C ILE D 37 -41.04 4.49 -5.47
N VAL D 38 -41.42 5.34 -4.52
CA VAL D 38 -40.41 5.81 -3.56
C VAL D 38 -39.98 4.67 -2.65
N ALA D 39 -40.93 3.86 -2.19
CA ALA D 39 -40.66 2.85 -1.17
C ALA D 39 -39.85 1.66 -1.71
N ILE D 40 -40.06 1.25 -2.96
CA ILE D 40 -39.47 -0.03 -3.37
C ILE D 40 -38.05 0.13 -3.93
N VAL D 41 -37.79 1.15 -4.73
CA VAL D 41 -36.51 1.24 -5.43
C VAL D 41 -35.62 2.39 -4.94
N GLY D 42 -36.18 3.51 -4.51
CA GLY D 42 -35.36 4.68 -4.22
C GLY D 42 -34.34 4.50 -3.10
N GLU D 43 -34.55 3.62 -2.18
CA GLU D 43 -33.56 3.55 -1.13
C GLU D 43 -32.25 2.93 -1.57
N THR D 44 -32.16 2.37 -2.78
CA THR D 44 -30.99 1.61 -3.20
C THR D 44 -30.19 2.26 -4.32
N VAL D 45 -30.73 3.32 -4.91
CA VAL D 45 -29.95 4.19 -5.78
C VAL D 45 -28.96 5.04 -4.99
N TYR D 46 -29.40 5.56 -3.85
CA TYR D 46 -28.63 6.45 -2.98
C TYR D 46 -27.75 5.75 -1.96
N ASP D 47 -27.78 4.43 -1.88
CA ASP D 47 -27.03 3.73 -0.83
C ASP D 47 -25.53 4.05 -0.84
N ASP D 48 -24.90 4.09 -2.01
CA ASP D 48 -23.46 4.35 -2.13
C ASP D 48 -23.11 5.81 -2.39
N GLU D 49 -23.92 6.76 -1.91
CA GLU D 49 -23.73 8.15 -2.34
C GLU D 49 -22.39 8.72 -1.91
N GLN D 50 -21.98 8.46 -0.67
CA GLN D 50 -20.75 9.01 -0.12
C GLN D 50 -19.55 8.09 -0.28
N THR D 51 -19.76 6.78 -0.33
CA THR D 51 -18.66 5.83 -0.48
C THR D 51 -18.01 5.90 -1.85
N MET D 52 -18.75 6.29 -2.89
CA MET D 52 -18.23 6.46 -4.24
C MET D 52 -18.04 7.92 -4.64
N PHE D 53 -18.07 8.84 -3.67
CA PHE D 53 -17.70 10.23 -3.89
C PHE D 53 -16.21 10.41 -3.67
N VAL D 54 -15.52 11.02 -4.64
CA VAL D 54 -14.06 11.13 -4.60
C VAL D 54 -13.62 12.48 -5.15
N CYS D 55 -12.55 13.03 -4.54
CA CYS D 55 -11.95 14.31 -4.93
C CYS D 55 -10.47 14.09 -5.24
N ASN D 56 -9.93 14.92 -6.12
CA ASN D 56 -8.52 14.88 -6.53
C ASN D 56 -7.69 15.72 -5.56
N THR D 57 -7.12 15.06 -4.55
CA THR D 57 -6.46 15.75 -3.45
C THR D 57 -5.73 14.72 -2.59
N LEU D 58 -4.80 15.22 -1.79
CA LEU D 58 -4.08 14.41 -0.81
C LEU D 58 -4.31 14.90 0.62
N GLN D 59 -5.27 15.79 0.82
CA GLN D 59 -5.53 16.44 2.10
C GLN D 59 -6.57 15.64 2.89
N PRO D 60 -6.28 15.23 4.12
CA PRO D 60 -7.28 14.53 4.93
C PRO D 60 -8.44 15.43 5.34
N GLY D 61 -9.66 14.92 5.19
CA GLY D 61 -10.86 15.65 5.54
C GLY D 61 -11.52 16.45 4.44
N CYS D 62 -10.93 16.50 3.25
CA CYS D 62 -11.50 17.34 2.18
C CYS D 62 -12.74 16.68 1.57
N ASN D 63 -12.72 15.35 1.45
CA ASN D 63 -13.87 14.63 0.91
C ASN D 63 -15.12 14.84 1.76
N GLN D 64 -14.97 14.78 3.09
CA GLN D 64 -16.11 15.02 3.98
C GLN D 64 -16.72 16.40 3.77
N ALA D 65 -15.90 17.44 3.80
CA ALA D 65 -16.40 18.80 3.64
C ALA D 65 -17.04 19.02 2.27
N CYS D 66 -16.44 18.50 1.22
CA CYS D 66 -16.97 18.73 -0.11
C CYS D 66 -18.25 17.95 -0.36
N TYR D 67 -18.33 16.70 0.13
CA TYR D 67 -19.59 15.98 0.04
C TYR D 67 -20.69 16.69 0.82
N ASP D 68 -20.39 17.18 2.02
CA ASP D 68 -21.40 17.86 2.82
C ASP D 68 -21.88 19.12 2.12
N ARG D 69 -20.98 19.86 1.47
CA ARG D 69 -21.38 21.08 0.76
C ARG D 69 -22.15 20.78 -0.52
N ALA D 70 -21.83 19.70 -1.22
CA ALA D 70 -22.56 19.36 -2.45
C ALA D 70 -23.95 18.81 -2.19
N PHE D 71 -24.12 17.98 -1.14
CA PHE D 71 -25.40 17.32 -0.87
C PHE D 71 -25.79 17.53 0.59
N PRO D 72 -26.34 18.70 0.92
CA PRO D 72 -26.69 18.98 2.32
C PRO D 72 -27.79 18.10 2.88
N ILE D 73 -28.89 17.94 2.15
CA ILE D 73 -29.94 16.98 2.46
C ILE D 73 -30.17 16.12 1.23
N SER D 74 -30.10 14.81 1.42
CA SER D 74 -30.29 13.85 0.34
C SER D 74 -31.74 13.87 -0.17
N HIS D 75 -31.89 13.57 -1.46
CA HIS D 75 -33.21 13.62 -2.09
C HIS D 75 -34.21 12.72 -1.37
N ILE D 76 -33.78 11.51 -1.02
CA ILE D 76 -34.68 10.50 -0.49
C ILE D 76 -35.25 10.91 0.87
N ARG D 77 -34.43 11.59 1.69
CA ARG D 77 -34.93 12.12 2.96
C ARG D 77 -36.01 13.17 2.75
N TYR D 78 -35.77 14.11 1.82
CA TYR D 78 -36.76 15.13 1.50
C TYR D 78 -38.07 14.51 1.00
N TRP D 79 -37.97 13.49 0.14
CA TRP D 79 -39.18 12.89 -0.41
C TRP D 79 -39.96 12.12 0.66
N VAL D 80 -39.28 11.39 1.52
CA VAL D 80 -39.99 10.71 2.61
C VAL D 80 -40.70 11.72 3.50
N PHE D 81 -40.00 12.79 3.87
CA PHE D 81 -40.63 13.81 4.72
C PHE D 81 -41.86 14.40 4.06
N GLN D 82 -41.75 14.78 2.78
CA GLN D 82 -42.90 15.33 2.07
C GLN D 82 -44.06 14.35 2.02
N ILE D 83 -43.80 13.09 1.69
CA ILE D 83 -44.87 12.10 1.61
C ILE D 83 -45.59 11.98 2.95
N ILE D 84 -44.83 11.92 4.05
CA ILE D 84 -45.48 11.79 5.35
C ILE D 84 -46.27 13.05 5.70
N MET D 85 -45.72 14.23 5.41
CA MET D 85 -46.39 15.46 5.81
C MET D 85 -47.65 15.74 5.00
N VAL D 86 -47.72 15.29 3.75
CA VAL D 86 -48.94 15.54 2.97
C VAL D 86 -50.07 14.59 3.27
N CYS D 87 -49.92 13.65 4.21
CA CYS D 87 -50.98 12.72 4.59
C CYS D 87 -51.53 12.98 5.99
N THR D 88 -51.13 14.07 6.63
CA THR D 88 -51.52 14.35 8.00
C THR D 88 -52.96 14.84 8.12
N PRO D 89 -53.45 15.70 7.22
CA PRO D 89 -54.85 16.12 7.32
C PRO D 89 -55.83 14.96 7.26
N SER D 90 -55.58 13.96 6.41
CA SER D 90 -56.44 12.78 6.39
C SER D 90 -56.44 12.08 7.74
N LEU D 91 -55.26 11.90 8.34
CA LEU D 91 -55.19 11.24 9.65
C LEU D 91 -55.96 12.04 10.69
N CYS D 92 -55.84 13.37 10.65
CA CYS D 92 -56.59 14.21 11.58
C CYS D 92 -58.09 14.01 11.40
N PHE D 93 -58.56 14.05 10.15
CA PHE D 93 -59.99 13.86 9.89
C PHE D 93 -60.46 12.51 10.38
N ILE D 94 -59.65 11.46 10.16
CA ILE D 94 -60.05 10.12 10.60
C ILE D 94 -60.13 10.07 12.12
N THR D 95 -59.14 10.63 12.81
CA THR D 95 -59.13 10.60 14.26
C THR D 95 -60.32 11.38 14.82
N TYR D 96 -60.65 12.53 14.21
CA TYR D 96 -61.83 13.27 14.61
C TYR D 96 -63.08 12.43 14.47
N SER D 97 -63.29 11.84 13.29
CA SER D 97 -64.52 11.08 13.08
C SER D 97 -64.60 9.89 14.02
N VAL D 98 -63.45 9.25 14.29
CA VAL D 98 -63.42 8.13 15.24
C VAL D 98 -63.79 8.60 16.64
N HIS D 99 -63.31 9.78 17.05
CA HIS D 99 -63.68 10.29 18.37
C HIS D 99 -65.16 10.65 18.42
N GLN D 100 -65.71 11.13 17.31
CA GLN D 100 -67.11 11.50 17.28
C GLN D 100 -68.02 10.33 17.62
N SER D 101 -67.53 9.10 17.45
CA SER D 101 -68.33 7.90 17.65
C SER D 101 -68.27 7.45 19.11
N GLY D 194 -70.02 19.78 12.65
CA GLY D 194 -69.55 20.50 11.48
C GLY D 194 -68.53 19.74 10.67
N ILE D 195 -68.94 18.56 10.18
CA ILE D 195 -68.03 17.72 9.41
C ILE D 195 -67.62 18.42 8.12
N SER D 196 -68.55 19.15 7.50
CA SER D 196 -68.27 19.78 6.22
C SER D 196 -67.22 20.88 6.37
N ARG D 197 -67.24 21.59 7.49
CA ARG D 197 -66.20 22.58 7.74
C ARG D 197 -64.83 21.92 7.81
N PHE D 198 -64.74 20.76 8.46
CA PHE D 198 -63.48 20.02 8.50
C PHE D 198 -63.05 19.60 7.10
N TYR D 199 -63.99 19.16 6.27
CA TYR D 199 -63.66 18.79 4.90
C TYR D 199 -63.04 19.97 4.15
N ILE D 200 -63.70 21.13 4.24
CA ILE D 200 -63.20 22.32 3.55
C ILE D 200 -61.79 22.65 4.02
N ILE D 201 -61.61 22.69 5.34
CA ILE D 201 -60.33 23.13 5.89
C ILE D 201 -59.22 22.17 5.49
N GLN D 202 -59.48 20.86 5.57
CA GLN D 202 -58.41 19.92 5.23
C GLN D 202 -58.06 19.98 3.75
N VAL D 203 -59.05 20.25 2.89
CA VAL D 203 -58.73 20.40 1.47
C VAL D 203 -57.82 21.61 1.25
N VAL D 204 -58.16 22.73 1.91
CA VAL D 204 -57.34 23.93 1.80
C VAL D 204 -55.91 23.65 2.24
N PHE D 205 -55.78 22.98 3.39
CA PHE D 205 -54.45 22.72 3.95
C PHE D 205 -53.63 21.82 3.03
N ARG D 206 -54.26 20.78 2.48
CA ARG D 206 -53.55 19.90 1.57
C ARG D 206 -53.02 20.66 0.35
N ASN D 207 -53.87 21.52 -0.23
CA ASN D 207 -53.42 22.34 -1.35
C ASN D 207 -52.19 23.15 -0.98
N ALA D 208 -52.26 23.87 0.14
CA ALA D 208 -51.14 24.72 0.53
C ALA D 208 -49.87 23.91 0.73
N LEU D 209 -49.98 22.76 1.40
CA LEU D 209 -48.81 21.97 1.70
C LEU D 209 -48.14 21.46 0.43
N GLU D 210 -48.95 21.07 -0.56
CA GLU D 210 -48.35 20.48 -1.75
C GLU D 210 -47.69 21.56 -2.62
N ILE D 211 -48.27 22.77 -2.65
CA ILE D 211 -47.62 23.83 -3.41
C ILE D 211 -46.30 24.23 -2.74
N GLY D 212 -46.31 24.34 -1.41
CA GLY D 212 -45.07 24.67 -0.72
C GLY D 212 -43.97 23.65 -0.97
N PHE D 213 -44.32 22.36 -0.92
CA PHE D 213 -43.28 21.34 -1.10
C PHE D 213 -42.73 21.33 -2.52
N LEU D 214 -43.60 21.52 -3.53
CA LEU D 214 -43.10 21.57 -4.91
C LEU D 214 -42.16 22.76 -5.12
N VAL D 215 -42.54 23.93 -4.62
CA VAL D 215 -41.68 25.10 -4.75
C VAL D 215 -40.34 24.87 -4.05
N GLY D 216 -40.38 24.30 -2.84
CA GLY D 216 -39.14 24.04 -2.13
C GLY D 216 -38.23 23.06 -2.87
N GLN D 217 -38.82 22.03 -3.48
CA GLN D 217 -38.02 21.11 -4.29
C GLN D 217 -37.29 21.86 -5.40
N TYR D 218 -38.03 22.68 -6.14
CA TYR D 218 -37.40 23.44 -7.22
C TYR D 218 -36.27 24.32 -6.72
N PHE D 219 -36.47 24.97 -5.57
CA PHE D 219 -35.45 25.89 -5.07
C PHE D 219 -34.25 25.16 -4.45
N LEU D 220 -34.45 23.95 -3.94
CA LEU D 220 -33.34 23.21 -3.33
C LEU D 220 -32.49 22.49 -4.38
N TYR D 221 -33.11 21.88 -5.40
CA TYR D 221 -32.38 20.95 -6.25
C TYR D 221 -32.31 21.33 -7.72
N GLY D 222 -33.28 22.09 -8.24
CA GLY D 222 -33.32 22.35 -9.68
C GLY D 222 -33.81 21.19 -10.51
N PHE D 223 -33.23 21.01 -11.71
CA PHE D 223 -33.70 20.00 -12.66
C PHE D 223 -32.64 19.02 -13.14
N SER D 224 -31.42 19.04 -12.60
CA SER D 224 -30.38 18.11 -13.04
C SER D 224 -29.35 17.93 -11.95
N VAL D 225 -28.62 16.82 -12.04
CA VAL D 225 -27.50 16.52 -11.16
C VAL D 225 -26.23 16.42 -12.01
N PRO D 226 -25.30 17.37 -11.92
CA PRO D 226 -24.08 17.30 -12.72
C PRO D 226 -23.07 16.29 -12.18
N GLY D 227 -22.18 15.86 -13.09
CA GLY D 227 -21.14 14.90 -12.76
C GLY D 227 -19.92 15.47 -12.07
N LEU D 228 -19.63 16.76 -12.24
CA LEU D 228 -18.51 17.41 -11.57
C LEU D 228 -18.99 18.45 -10.57
N TYR D 229 -18.19 18.65 -9.52
CA TYR D 229 -18.44 19.68 -8.52
C TYR D 229 -17.14 20.37 -8.13
N GLU D 230 -17.21 21.70 -8.00
CA GLU D 230 -16.08 22.54 -7.65
C GLU D 230 -16.23 23.02 -6.22
N CYS D 231 -15.21 22.75 -5.39
CA CYS D 231 -15.29 22.92 -3.94
C CYS D 231 -14.17 23.83 -3.47
N ASN D 232 -14.49 24.72 -2.53
CA ASN D 232 -13.54 25.64 -1.92
C ASN D 232 -13.74 25.78 -0.42
N ARG D 233 -13.94 24.66 0.28
CA ARG D 233 -14.16 24.68 1.72
C ARG D 233 -12.95 24.13 2.47
N TYR D 234 -12.65 24.77 3.60
CA TYR D 234 -11.60 24.31 4.51
C TYR D 234 -11.89 22.88 4.96
N PRO D 235 -10.87 22.00 5.03
CA PRO D 235 -9.41 22.21 4.88
C PRO D 235 -8.85 22.10 3.46
N CYS D 236 -9.69 22.09 2.42
CA CYS D 236 -9.18 22.05 1.06
C CYS D 236 -8.43 23.33 0.71
N ILE D 237 -7.26 23.15 0.09
CA ILE D 237 -6.45 24.26 -0.41
C ILE D 237 -7.02 24.75 -1.74
N LYS D 238 -7.27 26.05 -1.82
CA LYS D 238 -7.92 26.69 -2.96
C LYS D 238 -9.10 25.87 -3.47
N GLU D 239 -9.28 25.74 -4.78
CA GLU D 239 -10.38 24.98 -5.35
C GLU D 239 -9.95 23.62 -5.89
N VAL D 240 -10.76 22.61 -5.61
CA VAL D 240 -10.53 21.22 -5.99
C VAL D 240 -11.72 20.73 -6.82
N GLU D 241 -11.48 19.66 -7.56
CA GLU D 241 -12.48 19.03 -8.42
C GLU D 241 -12.89 17.66 -7.87
N CYS D 242 -14.20 17.41 -7.78
CA CYS D 242 -14.75 16.18 -7.24
C CYS D 242 -15.72 15.55 -8.26
N TYR D 243 -16.01 14.27 -8.07
CA TYR D 243 -16.73 13.45 -9.04
C TYR D 243 -17.87 12.69 -8.37
N VAL D 244 -19.04 12.72 -9.01
CA VAL D 244 -20.30 12.22 -8.45
C VAL D 244 -20.60 10.83 -8.97
N SER D 245 -21.35 10.08 -8.16
CA SER D 245 -21.84 8.74 -8.50
C SER D 245 -23.25 8.77 -9.06
N ARG D 246 -23.47 8.02 -10.14
CA ARG D 246 -24.79 7.83 -10.75
C ARG D 246 -25.58 9.11 -11.04
N PRO D 247 -25.02 10.07 -11.77
CA PRO D 247 -25.76 11.33 -11.99
C PRO D 247 -26.99 11.21 -12.88
N THR D 248 -26.92 10.37 -13.92
CA THR D 248 -28.02 10.26 -14.88
C THR D 248 -29.28 9.65 -14.25
N GLU D 249 -29.12 8.57 -13.50
CA GLU D 249 -30.26 7.96 -12.82
C GLU D 249 -30.92 8.93 -11.85
N LYS D 250 -30.12 9.70 -11.12
CA LYS D 250 -30.65 10.67 -10.18
C LYS D 250 -31.38 11.81 -10.89
N THR D 251 -30.88 12.24 -12.05
CA THR D 251 -31.61 13.23 -12.84
C THR D 251 -32.97 12.68 -13.30
N VAL D 252 -32.99 11.43 -13.76
CA VAL D 252 -34.25 10.82 -14.18
C VAL D 252 -35.25 10.78 -13.03
N PHE D 253 -34.78 10.35 -11.85
CA PHE D 253 -35.63 10.31 -10.66
C PHE D 253 -36.18 11.69 -10.29
N LEU D 254 -35.31 12.71 -10.31
CA LEU D 254 -35.75 14.08 -10.07
C LEU D 254 -36.90 14.49 -11.00
N VAL D 255 -36.72 14.27 -12.30
CA VAL D 255 -37.73 14.72 -13.26
C VAL D 255 -39.04 13.98 -13.05
N PHE D 256 -38.97 12.66 -12.84
CA PHE D 256 -40.17 11.88 -12.61
C PHE D 256 -40.95 12.38 -11.38
N MET D 257 -40.24 12.64 -10.27
CA MET D 257 -40.92 13.11 -9.08
C MET D 257 -41.58 14.48 -9.28
N PHE D 258 -40.89 15.39 -9.98
CA PHE D 258 -41.50 16.68 -10.27
C PHE D 258 -42.79 16.51 -11.08
N ALA D 259 -42.77 15.62 -12.09
CA ALA D 259 -43.96 15.43 -12.91
C ALA D 259 -45.14 14.92 -12.07
N VAL D 260 -44.89 13.92 -11.23
CA VAL D 260 -45.97 13.37 -10.40
C VAL D 260 -46.54 14.45 -9.48
N SER D 261 -45.68 15.21 -8.81
CA SER D 261 -46.19 16.23 -7.90
C SER D 261 -46.97 17.31 -8.63
N GLY D 262 -46.56 17.66 -9.85
CA GLY D 262 -47.34 18.58 -10.65
C GLY D 262 -48.74 18.06 -10.94
N ILE D 263 -48.84 16.78 -11.32
CA ILE D 263 -50.16 16.18 -11.54
C ILE D 263 -51.02 16.32 -10.30
N CYS D 264 -50.45 16.01 -9.13
CA CYS D 264 -51.23 16.07 -7.89
C CYS D 264 -51.72 17.50 -7.62
N VAL D 265 -50.85 18.49 -7.84
CA VAL D 265 -51.25 19.88 -7.64
C VAL D 265 -52.43 20.22 -8.55
N VAL D 266 -52.35 19.85 -9.82
CA VAL D 266 -53.42 20.16 -10.76
C VAL D 266 -54.74 19.55 -10.26
N LEU D 267 -54.69 18.28 -9.86
CA LEU D 267 -55.92 17.60 -9.45
C LEU D 267 -56.54 18.27 -8.22
N ASN D 268 -55.72 18.61 -7.23
CA ASN D 268 -56.27 19.24 -6.03
C ASN D 268 -56.86 20.60 -6.33
N LEU D 269 -56.22 21.39 -7.21
CA LEU D 269 -56.86 22.64 -7.60
C LEU D 269 -58.18 22.38 -8.32
N ALA D 270 -58.22 21.33 -9.14
CA ALA D 270 -59.47 20.96 -9.81
C ALA D 270 -60.59 20.80 -8.79
N GLU D 271 -60.35 19.98 -7.77
CA GLU D 271 -61.41 19.70 -6.80
C GLU D 271 -61.76 20.92 -5.97
N LEU D 272 -60.74 21.69 -5.58
CA LEU D 272 -60.99 22.95 -4.86
C LEU D 272 -61.96 23.83 -5.64
N ASN D 273 -61.74 23.98 -6.94
CA ASN D 273 -62.64 24.82 -7.72
C ASN D 273 -63.98 24.13 -7.96
N HIS D 274 -64.01 22.80 -7.89
CA HIS D 274 -65.27 22.09 -8.02
C HIS D 274 -66.21 22.39 -6.86
N LEU D 275 -65.69 22.38 -5.63
CA LEU D 275 -66.56 22.72 -4.51
C LEU D 275 -66.78 24.22 -4.41
N GLY D 276 -65.71 25.01 -4.47
CA GLY D 276 -65.84 26.45 -4.56
C GLY D 276 -65.96 27.14 -3.22
N SER E 19 -61.84 -21.88 -25.25
CA SER E 19 -60.62 -21.30 -25.80
C SER E 19 -60.30 -19.96 -25.14
N THR E 20 -61.33 -19.13 -24.99
CA THR E 20 -61.23 -17.89 -24.24
C THR E 20 -61.24 -18.11 -22.73
N MET E 21 -61.66 -19.29 -22.28
CA MET E 21 -61.67 -19.60 -20.84
C MET E 21 -60.25 -19.73 -20.31
N ILE E 22 -59.42 -20.54 -20.98
CA ILE E 22 -58.06 -20.78 -20.50
C ILE E 22 -57.18 -19.54 -20.66
N GLY E 23 -57.48 -18.66 -21.60
CA GLY E 23 -56.62 -17.50 -21.82
C GLY E 23 -56.46 -16.64 -20.58
N ARG E 24 -57.56 -16.45 -19.83
CA ARG E 24 -57.47 -15.67 -18.60
C ARG E 24 -56.59 -16.36 -17.58
N ILE E 25 -56.72 -17.68 -17.47
CA ILE E 25 -55.96 -18.44 -16.49
C ILE E 25 -54.48 -18.34 -16.79
N LEU E 26 -54.11 -18.46 -18.07
CA LEU E 26 -52.71 -18.42 -18.43
C LEU E 26 -52.16 -17.00 -18.31
N LEU E 27 -52.98 -15.99 -18.59
CA LEU E 27 -52.50 -14.62 -18.41
C LEU E 27 -52.17 -14.35 -16.94
N THR E 28 -53.07 -14.78 -16.05
CA THR E 28 -52.82 -14.60 -14.61
C THR E 28 -51.58 -15.36 -14.17
N VAL E 29 -51.39 -16.57 -14.69
CA VAL E 29 -50.24 -17.37 -14.26
C VAL E 29 -48.94 -16.77 -14.76
N VAL E 30 -48.94 -16.26 -15.99
CA VAL E 30 -47.74 -15.66 -16.55
C VAL E 30 -47.37 -14.41 -15.75
N VAL E 31 -48.36 -13.58 -15.44
CA VAL E 31 -48.09 -12.36 -14.67
C VAL E 31 -47.47 -12.70 -13.32
N ILE E 32 -48.07 -13.66 -12.61
CA ILE E 32 -47.55 -13.99 -11.28
C ILE E 32 -46.14 -14.58 -11.38
N PHE E 33 -45.91 -15.42 -12.39
CA PHE E 33 -44.58 -16.00 -12.57
C PHE E 33 -43.52 -14.92 -12.78
N ARG E 34 -43.82 -13.95 -13.65
CA ARG E 34 -42.89 -12.87 -13.90
C ARG E 34 -42.60 -12.07 -12.64
N ILE E 35 -43.65 -11.73 -11.88
CA ILE E 35 -43.44 -10.98 -10.64
C ILE E 35 -42.56 -11.77 -9.67
N LEU E 36 -42.80 -13.07 -9.52
CA LEU E 36 -42.02 -13.87 -8.58
C LEU E 36 -40.55 -13.92 -8.98
N ILE E 37 -40.28 -14.15 -10.27
CA ILE E 37 -38.90 -14.23 -10.73
C ILE E 37 -38.19 -12.91 -10.47
N VAL E 38 -38.85 -11.79 -10.74
CA VAL E 38 -38.18 -10.50 -10.56
C VAL E 38 -37.95 -10.24 -9.08
N ALA E 39 -38.94 -10.55 -8.23
CA ALA E 39 -38.89 -10.18 -6.82
C ALA E 39 -37.90 -11.02 -6.01
N ILE E 40 -37.73 -12.31 -6.33
CA ILE E 40 -36.97 -13.15 -5.40
C ILE E 40 -35.47 -13.15 -5.68
N VAL E 41 -35.06 -13.19 -6.95
CA VAL E 41 -33.66 -13.37 -7.27
C VAL E 41 -32.99 -12.15 -7.91
N GLY E 42 -33.72 -11.36 -8.70
CA GLY E 42 -33.08 -10.30 -9.46
C GLY E 42 -32.39 -9.21 -8.64
N GLU E 43 -32.79 -8.98 -7.43
CA GLU E 43 -32.13 -7.91 -6.73
C GLU E 43 -30.71 -8.25 -6.31
N THR E 44 -30.26 -9.49 -6.46
CA THR E 44 -28.98 -9.91 -5.91
C THR E 44 -27.95 -10.28 -6.97
N VAL E 45 -28.36 -10.34 -8.24
CA VAL E 45 -27.42 -10.39 -9.35
C VAL E 45 -26.75 -9.04 -9.58
N TYR E 46 -27.52 -7.96 -9.46
CA TYR E 46 -27.07 -6.60 -9.71
C TYR E 46 -26.45 -5.89 -8.50
N ASP E 47 -26.42 -6.52 -7.33
CA ASP E 47 -25.95 -5.84 -6.12
C ASP E 47 -24.52 -5.29 -6.26
N ASP E 48 -23.60 -6.06 -6.84
CA ASP E 48 -22.21 -5.63 -6.99
C ASP E 48 -21.89 -4.99 -8.34
N GLU E 49 -22.85 -4.32 -8.98
CA GLU E 49 -22.65 -3.90 -10.36
C GLU E 49 -21.51 -2.90 -10.50
N GLN E 50 -21.44 -1.91 -9.60
CA GLN E 50 -20.43 -0.86 -9.68
C GLN E 50 -19.18 -1.14 -8.85
N THR E 51 -19.29 -1.93 -7.79
CA THR E 51 -18.14 -2.26 -6.95
C THR E 51 -17.13 -3.16 -7.67
N MET E 52 -17.60 -4.00 -8.60
CA MET E 52 -16.73 -4.87 -9.39
C MET E 52 -16.53 -4.36 -10.83
N PHE E 53 -16.88 -3.12 -11.11
CA PHE E 53 -16.56 -2.47 -12.38
C PHE E 53 -15.20 -1.81 -12.28
N VAL E 54 -14.30 -2.10 -13.23
CA VAL E 54 -12.92 -1.63 -13.17
C VAL E 54 -12.43 -1.24 -14.56
N CYS E 55 -11.61 -0.18 -14.62
CA CYS E 55 -11.00 0.32 -15.84
C CYS E 55 -9.48 0.36 -15.68
N ASN E 56 -8.78 0.22 -16.80
CA ASN E 56 -7.31 0.24 -16.84
C ASN E 56 -6.83 1.68 -16.97
N THR E 57 -6.52 2.30 -15.84
CA THR E 57 -6.23 3.73 -15.79
C THR E 57 -5.69 4.08 -14.42
N LEU E 58 -5.05 5.24 -14.33
CA LEU E 58 -4.58 5.80 -13.07
C LEU E 58 -5.21 7.16 -12.77
N GLN E 59 -6.24 7.54 -13.51
CA GLN E 59 -6.89 8.84 -13.42
C GLN E 59 -8.05 8.78 -12.42
N PRO E 60 -8.07 9.65 -11.41
CA PRO E 60 -9.22 9.67 -10.49
C PRO E 60 -10.50 10.17 -11.16
N GLY E 61 -11.60 9.46 -10.91
CA GLY E 61 -12.89 9.81 -11.46
C GLY E 61 -13.28 9.16 -12.77
N CYS E 62 -12.39 8.38 -13.39
CA CYS E 62 -12.70 7.80 -14.69
C CYS E 62 -13.68 6.64 -14.56
N ASN E 63 -13.54 5.84 -13.51
CA ASN E 63 -14.46 4.73 -13.27
C ASN E 63 -15.90 5.20 -13.12
N GLN E 64 -16.12 6.29 -12.39
CA GLN E 64 -17.47 6.83 -12.22
C GLN E 64 -18.08 7.22 -13.56
N ALA E 65 -17.37 8.01 -14.36
CA ALA E 65 -17.88 8.46 -15.64
C ALA E 65 -18.15 7.29 -16.59
N CYS E 66 -17.24 6.33 -16.64
CA CYS E 66 -17.40 5.22 -17.59
C CYS E 66 -18.52 4.27 -17.16
N TYR E 67 -18.65 3.99 -15.86
CA TYR E 67 -19.80 3.22 -15.40
C TYR E 67 -21.11 3.93 -15.71
N ASP E 68 -21.17 5.24 -15.47
CA ASP E 68 -22.40 5.98 -15.73
C ASP E 68 -22.76 5.95 -17.21
N ARG E 69 -21.76 6.04 -18.09
CA ARG E 69 -22.02 6.00 -19.53
C ARG E 69 -22.39 4.59 -20.02
N ALA E 70 -21.82 3.54 -19.42
CA ALA E 70 -22.17 2.19 -19.85
C ALA E 70 -23.54 1.74 -19.36
N PHE E 71 -23.95 2.11 -18.14
CA PHE E 71 -25.21 1.65 -17.55
C PHE E 71 -25.99 2.85 -17.01
N PRO E 72 -26.68 3.58 -17.89
CA PRO E 72 -27.42 4.77 -17.44
C PRO E 72 -28.57 4.47 -16.49
N ILE E 73 -29.42 3.50 -16.85
CA ILE E 73 -30.46 2.98 -15.97
C ILE E 73 -30.29 1.47 -15.89
N SER E 74 -30.18 0.95 -14.66
CA SER E 74 -30.03 -0.47 -14.43
C SER E 74 -31.28 -1.25 -14.84
N HIS E 75 -31.05 -2.50 -15.27
CA HIS E 75 -32.14 -3.34 -15.77
C HIS E 75 -33.24 -3.48 -14.72
N ILE E 76 -32.85 -3.71 -13.46
CA ILE E 76 -33.80 -4.06 -12.42
C ILE E 76 -34.73 -2.88 -12.12
N ARG E 77 -34.23 -1.65 -12.19
CA ARG E 77 -35.07 -0.47 -12.04
C ARG E 77 -36.13 -0.39 -13.14
N TYR E 78 -35.70 -0.58 -14.39
CA TYR E 78 -36.63 -0.56 -15.51
C TYR E 78 -37.71 -1.64 -15.37
N TRP E 79 -37.32 -2.84 -14.94
CA TRP E 79 -38.30 -3.92 -14.82
C TRP E 79 -39.29 -3.66 -13.69
N VAL E 80 -38.82 -3.17 -12.56
CA VAL E 80 -39.76 -2.83 -11.48
C VAL E 80 -40.74 -1.76 -11.94
N PHE E 81 -40.23 -0.72 -12.60
CA PHE E 81 -41.13 0.34 -13.08
C PHE E 81 -42.18 -0.21 -14.04
N GLN E 82 -41.74 -1.03 -15.01
CA GLN E 82 -42.68 -1.62 -15.96
C GLN E 82 -43.73 -2.48 -15.26
N ILE E 83 -43.31 -3.33 -14.34
CA ILE E 83 -44.26 -4.20 -13.63
C ILE E 83 -45.31 -3.37 -12.91
N ILE E 84 -44.88 -2.31 -12.22
CA ILE E 84 -45.84 -1.49 -11.50
C ILE E 84 -46.77 -0.76 -12.45
N MET E 85 -46.24 -0.23 -13.56
CA MET E 85 -47.07 0.57 -14.46
C MET E 85 -48.07 -0.27 -15.24
N VAL E 86 -47.77 -1.55 -15.51
CA VAL E 86 -48.74 -2.38 -16.23
C VAL E 86 -49.86 -2.92 -15.37
N CYS E 87 -49.91 -2.60 -14.08
CA CYS E 87 -50.98 -3.07 -13.20
C CYS E 87 -51.90 -1.94 -12.74
N THR E 88 -51.76 -0.75 -13.30
CA THR E 88 -52.52 0.41 -12.86
C THR E 88 -53.96 0.38 -13.35
N PRO E 89 -54.24 -0.03 -14.59
CA PRO E 89 -55.64 -0.10 -15.02
C PRO E 89 -56.51 -1.01 -14.16
N SER E 90 -55.96 -2.15 -13.73
CA SER E 90 -56.71 -3.01 -12.82
C SER E 90 -57.03 -2.30 -11.52
N LEU E 91 -56.05 -1.58 -10.95
CA LEU E 91 -56.31 -0.85 -9.71
C LEU E 91 -57.38 0.22 -9.92
N CYS E 92 -57.33 0.90 -11.05
CA CYS E 92 -58.36 1.90 -11.35
C CYS E 92 -59.73 1.26 -11.42
N PHE E 93 -59.85 0.14 -12.14
CA PHE E 93 -61.13 -0.55 -12.25
C PHE E 93 -61.65 -0.98 -10.89
N ILE E 94 -60.74 -1.49 -10.03
CA ILE E 94 -61.16 -1.94 -8.72
C ILE E 94 -61.66 -0.76 -7.88
N THR E 95 -60.92 0.35 -7.90
CA THR E 95 -61.32 1.52 -7.14
C THR E 95 -62.65 2.06 -7.62
N TYR E 96 -62.87 2.08 -8.93
CA TYR E 96 -64.16 2.50 -9.47
C TYR E 96 -65.28 1.59 -8.95
N SER E 97 -65.11 0.28 -9.07
CA SER E 97 -66.19 -0.61 -8.65
C SER E 97 -66.45 -0.50 -7.15
N VAL E 98 -65.38 -0.31 -6.36
CA VAL E 98 -65.54 -0.11 -4.92
C VAL E 98 -66.31 1.17 -4.64
N HIS E 99 -66.03 2.25 -5.37
CA HIS E 99 -66.78 3.48 -5.16
C HIS E 99 -68.23 3.32 -5.57
N GLN E 100 -68.49 2.53 -6.62
CA GLN E 100 -69.85 2.33 -7.08
C GLN E 100 -70.74 1.75 -5.99
N SER E 101 -70.15 1.11 -4.99
CA SER E 101 -70.90 0.43 -3.94
C SER E 101 -71.21 1.39 -2.80
N GLY E 194 -71.88 2.14 -16.78
CA GLY E 194 -71.15 1.69 -17.97
C GLY E 194 -69.91 0.90 -17.63
N ILE E 195 -70.09 -0.22 -16.92
CA ILE E 195 -68.96 -1.05 -16.52
C ILE E 195 -68.26 -1.61 -17.75
N SER E 196 -69.04 -1.97 -18.78
CA SER E 196 -68.46 -2.61 -19.95
C SER E 196 -67.56 -1.65 -20.71
N ARG E 197 -67.92 -0.36 -20.74
CA ARG E 197 -67.05 0.63 -21.35
C ARG E 197 -65.71 0.70 -20.62
N PHE E 198 -65.74 0.65 -19.29
CA PHE E 198 -64.50 0.62 -18.54
C PHE E 198 -63.67 -0.62 -18.86
N TYR E 199 -64.33 -1.77 -19.00
CA TYR E 199 -63.60 -2.99 -19.37
C TYR E 199 -62.88 -2.81 -20.70
N ILE E 200 -63.60 -2.31 -21.70
CA ILE E 200 -63.02 -2.12 -23.02
C ILE E 200 -61.82 -1.19 -22.93
N ILE E 201 -61.99 -0.05 -22.27
CA ILE E 201 -60.93 0.95 -22.24
C ILE E 201 -59.71 0.42 -21.52
N GLN E 202 -59.90 -0.27 -20.39
CA GLN E 202 -58.73 -0.75 -19.67
C GLN E 202 -57.99 -1.82 -20.45
N VAL E 203 -58.72 -2.65 -21.22
CA VAL E 203 -58.03 -3.63 -22.06
C VAL E 203 -57.18 -2.93 -23.11
N VAL E 204 -57.75 -1.91 -23.75
CA VAL E 204 -57.01 -1.15 -24.76
C VAL E 204 -55.74 -0.56 -24.16
N PHE E 205 -55.88 0.06 -22.98
CA PHE E 205 -54.74 0.73 -22.35
C PHE E 205 -53.66 -0.28 -21.98
N ARG E 206 -54.04 -1.43 -21.44
CA ARG E 206 -53.05 -2.44 -21.09
C ARG E 206 -52.27 -2.89 -22.32
N ASN E 207 -52.98 -3.14 -23.43
CA ASN E 207 -52.28 -3.51 -24.67
C ASN E 207 -51.25 -2.45 -25.06
N ALA E 208 -51.67 -1.19 -25.09
CA ALA E 208 -50.77 -0.13 -25.51
C ALA E 208 -49.54 -0.06 -24.60
N LEU E 209 -49.76 -0.14 -23.28
CA LEU E 209 -48.66 0.00 -22.35
C LEU E 209 -47.65 -1.12 -22.52
N GLU E 210 -48.13 -2.35 -22.76
CA GLU E 210 -47.19 -3.46 -22.83
C GLU E 210 -46.40 -3.43 -24.13
N ILE E 211 -47.02 -2.98 -25.22
CA ILE E 211 -46.24 -2.86 -26.46
C ILE E 211 -45.19 -1.77 -26.34
N GLY E 212 -45.56 -0.63 -25.74
CA GLY E 212 -44.59 0.43 -25.54
C GLY E 212 -43.40 -0.02 -24.71
N PHE E 213 -43.66 -0.74 -23.62
CA PHE E 213 -42.57 -1.15 -22.75
C PHE E 213 -41.65 -2.17 -23.42
N LEU E 214 -42.21 -3.11 -24.18
CA LEU E 214 -41.35 -4.07 -24.89
C LEU E 214 -40.47 -3.37 -25.92
N VAL E 215 -41.05 -2.46 -26.71
CA VAL E 215 -40.25 -1.72 -27.69
C VAL E 215 -39.14 -0.92 -27.00
N GLY E 216 -39.47 -0.25 -25.90
CA GLY E 216 -38.46 0.51 -25.19
C GLY E 216 -37.34 -0.35 -24.66
N GLN E 217 -37.67 -1.55 -24.15
CA GLN E 217 -36.62 -2.46 -23.72
C GLN E 217 -35.67 -2.79 -24.86
N TYR E 218 -36.22 -3.15 -26.02
CA TYR E 218 -35.37 -3.46 -27.16
C TYR E 218 -34.49 -2.29 -27.54
N PHE E 219 -35.02 -1.08 -27.52
CA PHE E 219 -34.23 0.08 -27.95
C PHE E 219 -33.22 0.51 -26.90
N LEU E 220 -33.46 0.24 -25.62
CA LEU E 220 -32.52 0.64 -24.57
C LEU E 220 -31.37 -0.36 -24.43
N TYR E 221 -31.66 -1.67 -24.49
CA TYR E 221 -30.66 -2.65 -24.07
C TYR E 221 -30.23 -3.63 -25.15
N GLY E 222 -31.05 -3.92 -26.15
CA GLY E 222 -30.72 -4.94 -27.12
C GLY E 222 -30.89 -6.36 -26.63
N PHE E 223 -29.99 -7.28 -27.03
CA PHE E 223 -30.12 -8.69 -26.71
C PHE E 223 -28.91 -9.32 -26.02
N SER E 224 -27.89 -8.54 -25.65
CA SER E 224 -26.72 -9.12 -25.00
C SER E 224 -26.01 -8.05 -24.18
N VAL E 225 -25.22 -8.52 -23.22
CA VAL E 225 -24.37 -7.66 -22.39
C VAL E 225 -22.92 -8.07 -22.64
N PRO E 226 -22.10 -7.24 -23.31
CA PRO E 226 -20.70 -7.62 -23.55
C PRO E 226 -19.82 -7.44 -22.32
N GLY E 227 -18.70 -8.18 -22.34
CA GLY E 227 -17.72 -8.14 -21.27
C GLY E 227 -16.77 -6.96 -21.27
N LEU E 228 -16.53 -6.34 -22.43
CA LEU E 228 -15.68 -5.16 -22.53
C LEU E 228 -16.48 -3.93 -22.94
N TYR E 229 -16.01 -2.77 -22.51
CA TYR E 229 -16.58 -1.48 -22.87
C TYR E 229 -15.49 -0.46 -23.14
N GLU E 230 -15.68 0.31 -24.20
CA GLU E 230 -14.72 1.33 -24.64
C GLU E 230 -15.29 2.72 -24.32
N CYS E 231 -14.53 3.51 -23.56
CA CYS E 231 -15.01 4.76 -22.97
C CYS E 231 -14.11 5.92 -23.39
N ASN E 232 -14.75 7.05 -23.69
CA ASN E 232 -14.04 8.27 -24.08
C ASN E 232 -14.66 9.51 -23.43
N ARG E 233 -14.97 9.44 -22.14
CA ARG E 233 -15.57 10.56 -21.43
C ARG E 233 -14.58 11.21 -20.46
N TYR E 234 -14.64 12.54 -20.39
CA TYR E 234 -13.86 13.30 -19.43
C TYR E 234 -14.16 12.84 -18.01
N PRO E 235 -13.15 12.71 -17.13
CA PRO E 235 -11.72 13.08 -17.26
C PRO E 235 -10.80 12.02 -17.84
N CYS E 236 -11.31 10.96 -18.45
CA CYS E 236 -10.45 9.96 -19.07
C CYS E 236 -9.72 10.54 -20.27
N ILE E 237 -8.41 10.26 -20.33
CA ILE E 237 -7.56 10.64 -21.46
C ILE E 237 -7.78 9.67 -22.61
N LYS E 238 -8.07 10.22 -23.79
CA LYS E 238 -8.43 9.46 -24.98
C LYS E 238 -9.37 8.30 -24.66
N GLU E 239 -9.18 7.12 -25.25
CA GLU E 239 -10.03 5.98 -25.00
C GLU E 239 -9.39 4.94 -24.09
N VAL E 240 -10.18 4.42 -23.16
CA VAL E 240 -9.77 3.46 -22.14
C VAL E 240 -10.66 2.22 -22.26
N GLU E 241 -10.16 1.12 -21.71
CA GLU E 241 -10.85 -0.17 -21.72
C GLU E 241 -11.31 -0.54 -20.30
N CYS E 242 -12.57 -0.95 -20.18
CA CYS E 242 -13.18 -1.31 -18.89
C CYS E 242 -13.80 -2.70 -18.99
N TYR E 243 -14.04 -3.31 -17.81
CA TYR E 243 -14.41 -4.71 -17.69
C TYR E 243 -15.64 -4.87 -16.80
N VAL E 244 -16.60 -5.68 -17.27
CA VAL E 244 -17.92 -5.81 -16.67
C VAL E 244 -18.00 -7.04 -15.77
N SER E 245 -18.89 -6.98 -14.79
CA SER E 245 -19.17 -8.08 -13.87
C SER E 245 -20.38 -8.89 -14.33
N ARG E 246 -20.26 -10.22 -14.27
CA ARG E 246 -21.34 -11.15 -14.55
C ARG E 246 -22.11 -10.93 -15.85
N PRO E 247 -21.42 -10.87 -17.01
CA PRO E 247 -22.15 -10.58 -18.25
C PRO E 247 -23.07 -11.71 -18.72
N THR E 248 -22.69 -12.97 -18.54
CA THR E 248 -23.47 -14.09 -19.04
C THR E 248 -24.82 -14.23 -18.32
N GLU E 249 -24.79 -14.14 -17.00
CA GLU E 249 -26.04 -14.21 -16.23
C GLU E 249 -26.99 -13.09 -16.61
N LYS E 250 -26.47 -11.89 -16.81
CA LYS E 250 -27.30 -10.75 -17.20
C LYS E 250 -27.88 -10.93 -18.60
N THR E 251 -27.11 -11.51 -19.53
CA THR E 251 -27.66 -11.84 -20.85
C THR E 251 -28.79 -12.85 -20.75
N VAL E 252 -28.62 -13.88 -19.92
CA VAL E 252 -29.68 -14.87 -19.75
C VAL E 252 -30.95 -14.21 -19.20
N PHE E 253 -30.80 -13.36 -18.19
CA PHE E 253 -31.94 -12.64 -17.61
C PHE E 253 -32.64 -11.78 -18.65
N LEU E 254 -31.87 -11.02 -19.44
CA LEU E 254 -32.44 -10.23 -20.53
C LEU E 254 -33.32 -11.07 -21.46
N VAL E 255 -32.77 -12.19 -21.93
CA VAL E 255 -33.50 -13.01 -22.90
C VAL E 255 -34.78 -13.57 -22.29
N PHE E 256 -34.69 -14.06 -21.05
CA PHE E 256 -35.86 -14.60 -20.38
C PHE E 256 -36.96 -13.56 -20.25
N MET E 257 -36.61 -12.34 -19.82
CA MET E 257 -37.62 -11.29 -19.66
C MET E 257 -38.27 -10.92 -20.99
N PHE E 258 -37.48 -10.83 -22.06
CA PHE E 258 -38.07 -10.56 -23.37
C PHE E 258 -39.07 -11.64 -23.77
N ALA E 259 -38.73 -12.91 -23.53
CA ALA E 259 -39.63 -13.99 -23.90
C ALA E 259 -40.96 -13.89 -23.15
N VAL E 260 -40.89 -13.66 -21.84
CA VAL E 260 -42.12 -13.56 -21.04
C VAL E 260 -42.99 -12.40 -21.53
N SER E 261 -42.38 -11.23 -21.75
CA SER E 261 -43.18 -10.09 -22.20
C SER E 261 -43.80 -10.34 -23.56
N GLY E 262 -43.09 -11.04 -24.45
CA GLY E 262 -43.70 -11.41 -25.73
C GLY E 262 -44.92 -12.28 -25.56
N ILE E 263 -44.83 -13.28 -24.68
CA ILE E 263 -46.00 -14.12 -24.41
C ILE E 263 -47.17 -13.26 -23.96
N CYS E 264 -46.93 -12.33 -23.03
CA CYS E 264 -48.02 -11.50 -22.53
C CYS E 264 -48.64 -10.66 -23.64
N VAL E 265 -47.81 -10.10 -24.52
CA VAL E 265 -48.34 -9.32 -25.64
C VAL E 265 -49.25 -10.18 -26.51
N VAL E 266 -48.79 -11.40 -26.83
CA VAL E 266 -49.60 -12.27 -27.69
C VAL E 266 -50.95 -12.53 -27.03
N LEU E 267 -50.94 -12.86 -25.74
CA LEU E 267 -52.20 -13.21 -25.07
C LEU E 267 -53.16 -12.03 -25.05
N ASN E 268 -52.66 -10.83 -24.76
CA ASN E 268 -53.55 -9.67 -24.72
C ASN E 268 -54.12 -9.35 -26.09
N LEU E 269 -53.33 -9.49 -27.15
CA LEU E 269 -53.91 -9.32 -28.49
C LEU E 269 -54.97 -10.39 -28.75
N ALA E 270 -54.72 -11.61 -28.29
CA ALA E 270 -55.71 -12.67 -28.45
C ALA E 270 -57.05 -12.23 -27.88
N GLU E 271 -57.05 -11.76 -26.63
CA GLU E 271 -58.32 -11.41 -25.98
C GLU E 271 -58.94 -10.18 -26.63
N LEU E 272 -58.13 -9.20 -27.00
CA LEU E 272 -58.64 -8.03 -27.71
C LEU E 272 -59.41 -8.45 -28.95
N ASN E 273 -58.85 -9.37 -29.74
CA ASN E 273 -59.55 -9.80 -30.94
C ASN E 273 -60.73 -10.71 -30.60
N HIS E 274 -60.69 -11.36 -29.43
CA HIS E 274 -61.83 -12.16 -29.01
C HIS E 274 -63.06 -11.31 -28.76
N LEU E 275 -62.90 -10.19 -28.06
CA LEU E 275 -64.07 -9.33 -27.84
C LEU E 275 -64.40 -8.52 -29.10
N GLY E 276 -63.40 -7.88 -29.70
CA GLY E 276 -63.59 -7.23 -30.98
C GLY E 276 -64.11 -5.81 -30.89
N SER F 19 -51.15 -48.20 -0.21
CA SER F 19 -49.87 -48.03 -0.88
C SER F 19 -49.83 -46.70 -1.64
N THR F 20 -50.91 -46.42 -2.37
CA THR F 20 -51.09 -45.12 -3.02
C THR F 20 -51.50 -44.02 -2.06
N MET F 21 -51.96 -44.39 -0.86
CA MET F 21 -52.34 -43.39 0.14
C MET F 21 -51.11 -42.65 0.66
N ILE F 22 -50.08 -43.40 1.09
CA ILE F 22 -48.89 -42.78 1.65
C ILE F 22 -48.07 -42.03 0.61
N GLY F 23 -48.16 -42.41 -0.66
CA GLY F 23 -47.35 -41.76 -1.68
C GLY F 23 -47.59 -40.26 -1.75
N ARG F 24 -48.86 -39.84 -1.63
CA ARG F 24 -49.16 -38.41 -1.65
C ARG F 24 -48.55 -37.70 -0.45
N ILE F 25 -48.62 -38.35 0.72
CA ILE F 25 -48.11 -37.75 1.94
C ILE F 25 -46.61 -37.55 1.83
N LEU F 26 -45.91 -38.55 1.31
CA LEU F 26 -44.47 -38.45 1.22
C LEU F 26 -44.05 -37.47 0.12
N LEU F 27 -44.83 -37.38 -0.95
CA LEU F 27 -44.49 -36.40 -1.98
C LEU F 27 -44.60 -34.98 -1.41
N THR F 28 -45.68 -34.72 -0.68
CA THR F 28 -45.84 -33.39 -0.06
C THR F 28 -44.73 -33.09 0.93
N VAL F 29 -44.32 -34.10 1.71
CA VAL F 29 -43.30 -33.87 2.72
C VAL F 29 -41.95 -33.63 2.06
N VAL F 30 -41.64 -34.36 1.00
CA VAL F 30 -40.38 -34.18 0.31
C VAL F 30 -40.30 -32.79 -0.31
N VAL F 31 -41.40 -32.35 -0.94
CA VAL F 31 -41.42 -31.03 -1.56
C VAL F 31 -41.18 -29.94 -0.51
N ILE F 32 -41.89 -30.02 0.61
CA ILE F 32 -41.73 -28.98 1.64
C ILE F 32 -40.31 -29.00 2.21
N PHE F 33 -39.76 -30.20 2.42
CA PHE F 33 -38.40 -30.29 2.95
C PHE F 33 -37.40 -29.63 2.02
N ARG F 34 -37.51 -29.90 0.72
CA ARG F 34 -36.61 -29.29 -0.24
C ARG F 34 -36.72 -27.77 -0.23
N ILE F 35 -37.96 -27.27 -0.24
CA ILE F 35 -38.14 -25.81 -0.21
C ILE F 35 -37.51 -25.21 1.03
N LEU F 36 -37.71 -25.82 2.20
CA LEU F 36 -37.16 -25.26 3.43
C LEU F 36 -35.64 -25.24 3.41
N ILE F 37 -35.02 -26.33 2.97
CA ILE F 37 -33.56 -26.37 2.93
C ILE F 37 -33.03 -25.29 2.00
N VAL F 38 -33.66 -25.10 0.85
CA VAL F 38 -33.14 -24.11 -0.09
C VAL F 38 -33.34 -22.70 0.48
N ALA F 39 -34.50 -22.45 1.08
CA ALA F 39 -34.86 -21.09 1.51
C ALA F 39 -34.08 -20.61 2.73
N ILE F 40 -33.76 -21.49 3.68
CA ILE F 40 -33.23 -20.98 4.94
C ILE F 40 -31.71 -20.82 4.93
N VAL F 41 -30.97 -21.76 4.36
CA VAL F 41 -29.52 -21.75 4.48
C VAL F 41 -28.79 -21.45 3.17
N GLY F 42 -29.32 -21.87 2.02
CA GLY F 42 -28.56 -21.76 0.78
C GLY F 42 -28.18 -20.35 0.36
N GLU F 43 -28.91 -19.35 0.74
CA GLU F 43 -28.53 -18.05 0.26
C GLU F 43 -27.26 -17.51 0.89
N THR F 44 -26.71 -18.17 1.92
CA THR F 44 -25.61 -17.60 2.68
C THR F 44 -24.31 -18.38 2.53
N VAL F 45 -24.36 -19.55 1.90
CA VAL F 45 -23.15 -20.23 1.45
C VAL F 45 -22.53 -19.53 0.24
N TYR F 46 -23.36 -19.07 -0.69
CA TYR F 46 -22.94 -18.44 -1.94
C TYR F 46 -22.72 -16.94 -1.85
N ASP F 47 -22.97 -16.31 -0.71
CA ASP F 47 -22.89 -14.85 -0.62
C ASP F 47 -21.52 -14.30 -1.02
N ASP F 48 -20.43 -14.93 -0.58
CA ASP F 48 -19.08 -14.46 -0.89
C ASP F 48 -18.45 -15.14 -2.10
N GLU F 49 -19.23 -15.55 -3.10
CA GLU F 49 -18.69 -16.39 -4.16
C GLU F 49 -17.61 -15.69 -4.97
N GLN F 50 -17.85 -14.43 -5.33
CA GLN F 50 -16.93 -13.67 -6.18
C GLN F 50 -15.93 -12.84 -5.40
N THR F 51 -16.28 -12.40 -4.19
CA THR F 51 -15.39 -11.60 -3.37
C THR F 51 -14.17 -12.38 -2.88
N MET F 52 -14.31 -13.70 -2.68
CA MET F 52 -13.21 -14.57 -2.28
C MET F 52 -12.65 -15.41 -3.43
N PHE F 53 -12.99 -15.09 -4.66
CA PHE F 53 -12.37 -15.70 -5.84
C PHE F 53 -11.13 -14.89 -6.23
N VAL F 54 -10.00 -15.59 -6.40
CA VAL F 54 -8.71 -14.93 -6.64
C VAL F 54 -7.89 -15.73 -7.63
N CYS F 55 -7.15 -15.01 -8.48
CA CYS F 55 -6.27 -15.57 -9.50
C CYS F 55 -4.85 -15.03 -9.30
N ASN F 56 -3.86 -15.83 -9.70
CA ASN F 56 -2.44 -15.46 -9.60
C ASN F 56 -2.03 -14.69 -10.85
N THR F 57 -2.08 -13.37 -10.76
CA THR F 57 -1.89 -12.50 -11.93
C THR F 57 -1.78 -11.05 -11.45
N LEU F 58 -1.26 -10.21 -12.34
CA LEU F 58 -1.19 -8.76 -12.12
C LEU F 58 -1.96 -7.99 -13.18
N GLN F 59 -2.76 -8.67 -13.99
CA GLN F 59 -3.49 -8.09 -15.11
C GLN F 59 -4.87 -7.61 -14.65
N PRO F 60 -5.23 -6.35 -14.87
CA PRO F 60 -6.58 -5.89 -14.51
C PRO F 60 -7.66 -6.51 -15.40
N GLY F 61 -8.74 -6.97 -14.77
CA GLY F 61 -9.85 -7.57 -15.49
C GLY F 61 -9.82 -9.07 -15.63
N CYS F 62 -8.76 -9.75 -15.21
CA CYS F 62 -8.66 -11.19 -15.42
C CYS F 62 -9.56 -11.95 -14.46
N ASN F 63 -9.68 -11.46 -13.21
CA ASN F 63 -10.55 -12.10 -12.23
C ASN F 63 -12.01 -12.12 -12.70
N GLN F 64 -12.48 -11.01 -13.25
CA GLN F 64 -13.86 -10.95 -13.76
C GLN F 64 -14.10 -11.99 -14.84
N ALA F 65 -13.24 -12.04 -15.85
CA ALA F 65 -13.42 -12.98 -16.95
C ALA F 65 -13.34 -14.43 -16.48
N CYS F 66 -12.40 -14.73 -15.59
CA CYS F 66 -12.23 -16.12 -15.17
C CYS F 66 -13.36 -16.56 -14.24
N TYR F 67 -13.83 -15.69 -13.34
CA TYR F 67 -15.01 -16.02 -12.55
C TYR F 67 -16.22 -16.25 -13.44
N ASP F 68 -16.43 -15.40 -14.43
CA ASP F 68 -17.58 -15.53 -15.31
C ASP F 68 -17.52 -16.85 -16.10
N ARG F 69 -16.33 -17.25 -16.53
CA ARG F 69 -16.18 -18.51 -17.25
C ARG F 69 -16.32 -19.73 -16.36
N ALA F 70 -15.87 -19.65 -15.11
CA ALA F 70 -16.01 -20.79 -14.20
C ALA F 70 -17.43 -20.99 -13.69
N PHE F 71 -18.17 -19.92 -13.41
CA PHE F 71 -19.52 -20.01 -12.83
C PHE F 71 -20.49 -19.16 -13.64
N PRO F 72 -20.96 -19.67 -14.78
CA PRO F 72 -21.86 -18.87 -15.64
C PRO F 72 -23.21 -18.57 -14.99
N ILE F 73 -23.86 -19.58 -14.43
CA ILE F 73 -25.07 -19.42 -13.63
C ILE F 73 -24.84 -20.09 -12.28
N SER F 74 -25.04 -19.35 -11.21
CA SER F 74 -24.86 -19.86 -9.86
C SER F 74 -25.90 -20.92 -9.53
N HIS F 75 -25.49 -21.87 -8.67
CA HIS F 75 -26.36 -23.00 -8.32
C HIS F 75 -27.69 -22.52 -7.74
N ILE F 76 -27.65 -21.51 -6.87
CA ILE F 76 -28.83 -21.09 -6.13
C ILE F 76 -29.87 -20.48 -7.06
N ARG F 77 -29.44 -19.77 -8.09
CA ARG F 77 -30.36 -19.24 -9.10
C ARG F 77 -31.08 -20.37 -9.84
N TYR F 78 -30.32 -21.38 -10.28
CA TYR F 78 -30.90 -22.53 -10.96
C TYR F 78 -31.91 -23.25 -10.07
N TRP F 79 -31.58 -23.43 -8.80
CA TRP F 79 -32.49 -24.16 -7.90
C TRP F 79 -33.76 -23.38 -7.62
N VAL F 80 -33.66 -22.06 -7.42
CA VAL F 80 -34.87 -21.26 -7.24
C VAL F 80 -35.76 -21.34 -8.48
N PHE F 81 -35.15 -21.20 -9.66
CA PHE F 81 -35.94 -21.27 -10.89
C PHE F 81 -36.65 -22.61 -11.02
N GLN F 82 -35.92 -23.71 -10.78
CA GLN F 82 -36.53 -25.03 -10.86
C GLN F 82 -37.68 -25.20 -9.87
N ILE F 83 -37.47 -24.78 -8.61
CA ILE F 83 -38.52 -24.91 -7.61
C ILE F 83 -39.78 -24.16 -8.04
N ILE F 84 -39.62 -22.94 -8.54
CA ILE F 84 -40.79 -22.18 -8.95
C ILE F 84 -41.47 -22.82 -10.16
N MET F 85 -40.69 -23.30 -11.13
CA MET F 85 -41.29 -23.82 -12.35
C MET F 85 -41.98 -25.17 -12.13
N VAL F 86 -41.54 -25.97 -11.16
CA VAL F 86 -42.23 -27.25 -10.92
C VAL F 86 -43.50 -27.13 -10.11
N CYS F 87 -43.92 -25.93 -9.72
CA CYS F 87 -45.16 -25.74 -8.97
C CYS F 87 -46.24 -25.02 -9.77
N THR F 88 -46.02 -24.82 -11.07
CA THR F 88 -46.95 -24.05 -11.90
C THR F 88 -48.20 -24.84 -12.26
N PRO F 89 -48.10 -26.14 -12.57
CA PRO F 89 -49.33 -26.89 -12.88
C PRO F 89 -50.32 -26.90 -11.73
N SER F 90 -49.86 -27.00 -10.48
CA SER F 90 -50.77 -26.91 -9.35
C SER F 90 -51.48 -25.57 -9.32
N LEU F 91 -50.74 -24.46 -9.54
CA LEU F 91 -51.37 -23.16 -9.55
C LEU F 91 -52.40 -23.05 -10.66
N CYS F 92 -52.09 -23.60 -11.83
CA CYS F 92 -53.06 -23.59 -12.92
C CYS F 92 -54.31 -24.35 -12.54
N PHE F 93 -54.16 -25.55 -11.98
CA PHE F 93 -55.32 -26.33 -11.57
C PHE F 93 -56.15 -25.59 -10.54
N ILE F 94 -55.50 -24.92 -9.59
CA ILE F 94 -56.23 -24.19 -8.56
C ILE F 94 -57.00 -23.03 -9.17
N THR F 95 -56.36 -22.28 -10.06
CA THR F 95 -57.02 -21.15 -10.70
C THR F 95 -58.20 -21.61 -11.54
N TYR F 96 -58.05 -22.73 -12.25
CA TYR F 96 -59.17 -23.28 -13.00
C TYR F 96 -60.32 -23.63 -12.08
N SER F 97 -60.06 -24.36 -11.00
CA SER F 97 -61.16 -24.78 -10.13
C SER F 97 -61.82 -23.57 -9.48
N VAL F 98 -61.02 -22.54 -9.12
CA VAL F 98 -61.58 -21.33 -8.56
C VAL F 98 -62.48 -20.61 -9.57
N HIS F 99 -62.07 -20.58 -10.85
CA HIS F 99 -62.92 -19.97 -11.86
C HIS F 99 -64.19 -20.77 -12.07
N GLN F 100 -64.11 -22.10 -11.96
CA GLN F 100 -65.28 -22.93 -12.16
C GLN F 100 -66.39 -22.58 -11.18
N SER F 101 -66.06 -21.94 -10.06
CA SER F 101 -67.03 -21.64 -9.01
C SER F 101 -67.70 -20.30 -9.27
N GLY F 194 -64.57 -31.44 -17.21
CA GLY F 194 -63.52 -32.44 -17.37
C GLY F 194 -62.37 -32.25 -16.40
N ILE F 195 -62.67 -32.31 -15.11
CA ILE F 195 -61.64 -32.12 -14.09
C ILE F 195 -60.60 -33.22 -14.17
N SER F 196 -61.04 -34.45 -14.46
CA SER F 196 -60.13 -35.59 -14.48
C SER F 196 -59.11 -35.46 -15.61
N ARG F 197 -59.53 -34.91 -16.75
CA ARG F 197 -58.59 -34.66 -17.83
C ARG F 197 -57.51 -33.68 -17.39
N PHE F 198 -57.89 -32.63 -16.66
CA PHE F 198 -56.91 -31.70 -16.13
C PHE F 198 -55.95 -32.40 -15.16
N TYR F 199 -56.48 -33.29 -14.32
CA TYR F 199 -55.61 -34.03 -13.41
C TYR F 199 -54.56 -34.83 -14.18
N ILE F 200 -55.01 -35.56 -15.19
CA ILE F 200 -54.10 -36.38 -15.98
C ILE F 200 -53.02 -35.51 -16.61
N ILE F 201 -53.44 -34.42 -17.25
CA ILE F 201 -52.50 -33.60 -18.00
C ILE F 201 -51.48 -32.96 -17.05
N GLN F 202 -51.94 -32.46 -15.91
CA GLN F 202 -50.98 -31.81 -15.01
C GLN F 202 -50.00 -32.82 -14.44
N VAL F 203 -50.42 -34.06 -14.19
CA VAL F 203 -49.48 -35.08 -13.73
C VAL F 203 -48.42 -35.34 -14.79
N VAL F 204 -48.85 -35.48 -16.05
CA VAL F 204 -47.91 -35.70 -17.14
C VAL F 204 -46.89 -34.57 -17.22
N PHE F 205 -47.39 -33.33 -17.15
CA PHE F 205 -46.51 -32.17 -17.28
C PHE F 205 -45.51 -32.11 -16.14
N ARG F 206 -45.95 -32.38 -14.92
CA ARG F 206 -45.04 -32.36 -13.78
C ARG F 206 -43.92 -33.38 -13.96
N ASN F 207 -44.28 -34.60 -14.38
CA ASN F 207 -43.26 -35.61 -14.65
C ASN F 207 -42.22 -35.11 -15.65
N ALA F 208 -42.70 -34.58 -16.78
CA ALA F 208 -41.77 -34.13 -17.83
C ALA F 208 -40.85 -33.04 -17.30
N LEU F 209 -41.42 -32.07 -16.57
CA LEU F 209 -40.63 -30.94 -16.09
C LEU F 209 -39.54 -31.40 -15.14
N GLU F 210 -39.86 -32.37 -14.27
CA GLU F 210 -38.88 -32.76 -13.26
C GLU F 210 -37.76 -33.59 -13.89
N ILE F 211 -38.08 -34.39 -14.90
CA ILE F 211 -37.01 -35.14 -15.56
C ILE F 211 -36.10 -34.18 -16.34
N GLY F 212 -36.69 -33.21 -17.02
CA GLY F 212 -35.87 -32.24 -17.73
C GLY F 212 -34.93 -31.48 -16.81
N PHE F 213 -35.43 -31.05 -15.66
CA PHE F 213 -34.60 -30.26 -14.76
C PHE F 213 -33.46 -31.10 -14.16
N LEU F 214 -33.74 -32.37 -13.80
CA LEU F 214 -32.67 -33.21 -13.28
C LEU F 214 -31.58 -33.46 -14.32
N VAL F 215 -31.98 -33.76 -15.55
CA VAL F 215 -30.99 -33.96 -16.61
C VAL F 215 -30.16 -32.70 -16.83
N GLY F 216 -30.82 -31.53 -16.87
CA GLY F 216 -30.09 -30.30 -17.05
C GLY F 216 -29.11 -30.03 -15.94
N GLN F 217 -29.49 -30.32 -14.70
CA GLN F 217 -28.54 -30.17 -13.58
C GLN F 217 -27.30 -31.01 -13.81
N TYR F 218 -27.49 -32.29 -14.16
CA TYR F 218 -26.35 -33.16 -14.40
C TYR F 218 -25.45 -32.62 -15.51
N PHE F 219 -26.05 -32.11 -16.58
CA PHE F 219 -25.25 -31.64 -17.71
C PHE F 219 -24.59 -30.30 -17.44
N LEU F 220 -25.15 -29.47 -16.58
CA LEU F 220 -24.56 -28.17 -16.29
C LEU F 220 -23.44 -28.26 -15.25
N TYR F 221 -23.62 -29.07 -14.20
CA TYR F 221 -22.71 -28.99 -13.05
C TYR F 221 -21.94 -30.26 -12.74
N GLY F 222 -22.45 -31.44 -13.09
CA GLY F 222 -21.79 -32.67 -12.69
C GLY F 222 -22.01 -33.05 -11.23
N PHE F 223 -20.99 -33.62 -10.59
CA PHE F 223 -21.11 -34.14 -9.23
C PHE F 223 -20.10 -33.58 -8.24
N SER F 224 -19.27 -32.61 -8.60
CA SER F 224 -18.29 -32.07 -7.67
C SER F 224 -17.90 -30.66 -8.08
N VAL F 225 -17.37 -29.92 -7.12
CA VAL F 225 -16.82 -28.58 -7.34
C VAL F 225 -15.34 -28.61 -6.99
N PRO F 226 -14.43 -28.51 -7.96
CA PRO F 226 -12.99 -28.53 -7.63
C PRO F 226 -12.49 -27.21 -7.06
N GLY F 227 -11.36 -27.31 -6.34
CA GLY F 227 -10.72 -26.16 -5.73
C GLY F 227 -9.88 -25.30 -6.64
N LEU F 228 -9.37 -25.85 -7.75
CA LEU F 228 -8.59 -25.10 -8.73
C LEU F 228 -9.32 -25.00 -10.06
N TYR F 229 -9.06 -23.91 -10.78
CA TYR F 229 -9.59 -23.69 -12.11
C TYR F 229 -8.53 -23.09 -13.02
N GLU F 230 -8.46 -23.58 -14.25
CA GLU F 230 -7.50 -23.16 -15.26
C GLU F 230 -8.21 -22.33 -16.31
N CYS F 231 -7.73 -21.11 -16.53
CA CYS F 231 -8.43 -20.09 -17.32
C CYS F 231 -7.53 -19.60 -18.45
N ASN F 232 -8.12 -19.41 -19.63
CA ASN F 232 -7.41 -18.90 -20.80
C ASN F 232 -8.26 -17.89 -21.58
N ARG F 233 -8.91 -16.97 -20.87
CA ARG F 233 -9.74 -15.96 -21.51
C ARG F 233 -9.10 -14.58 -21.48
N TYR F 234 -9.26 -13.85 -22.58
CA TYR F 234 -8.81 -12.46 -22.67
C TYR F 234 -9.47 -11.63 -21.56
N PRO F 235 -8.73 -10.72 -20.90
CA PRO F 235 -7.35 -10.25 -21.15
C PRO F 235 -6.23 -11.03 -20.47
N CYS F 236 -6.50 -12.21 -19.93
CA CYS F 236 -5.44 -13.02 -19.32
C CYS F 236 -4.43 -13.49 -20.36
N ILE F 237 -3.15 -13.34 -20.03
CA ILE F 237 -2.06 -13.84 -20.86
C ILE F 237 -1.89 -15.33 -20.65
N LYS F 238 -1.89 -16.08 -21.76
CA LYS F 238 -1.85 -17.54 -21.75
C LYS F 238 -2.78 -18.13 -20.69
N GLU F 239 -2.36 -19.17 -19.98
CA GLU F 239 -3.18 -19.80 -18.95
C GLU F 239 -2.74 -19.42 -17.54
N VAL F 240 -3.73 -19.14 -16.69
CA VAL F 240 -3.56 -18.72 -15.30
C VAL F 240 -4.29 -19.70 -14.40
N GLU F 241 -3.91 -19.70 -13.13
CA GLU F 241 -4.49 -20.56 -12.10
C GLU F 241 -5.29 -19.73 -11.10
N CYS F 242 -6.51 -20.17 -10.80
CA CYS F 242 -7.42 -19.48 -9.89
C CYS F 242 -7.90 -20.44 -8.81
N TYR F 243 -8.42 -19.87 -7.71
CA TYR F 243 -8.73 -20.60 -6.48
C TYR F 243 -10.14 -20.28 -6.01
N VAL F 244 -10.89 -21.34 -5.66
CA VAL F 244 -12.31 -21.27 -5.36
C VAL F 244 -12.55 -21.21 -3.85
N SER F 245 -13.68 -20.61 -3.47
CA SER F 245 -14.13 -20.52 -2.09
C SER F 245 -15.12 -21.63 -1.75
N ARG F 246 -14.94 -22.25 -0.58
CA ARG F 246 -15.84 -23.24 -0.02
C ARG F 246 -16.24 -24.39 -0.96
N PRO F 247 -15.27 -25.11 -1.54
CA PRO F 247 -15.65 -26.16 -2.51
C PRO F 247 -16.33 -27.37 -1.88
N THR F 248 -15.94 -27.79 -0.67
CA THR F 248 -16.49 -28.99 -0.05
C THR F 248 -17.96 -28.83 0.32
N GLU F 249 -18.31 -27.70 0.93
CA GLU F 249 -19.71 -27.44 1.26
C GLU F 249 -20.59 -27.42 0.02
N LYS F 250 -20.11 -26.82 -1.05
CA LYS F 250 -20.87 -26.75 -2.29
C LYS F 250 -21.03 -28.14 -2.93
N THR F 251 -20.00 -28.99 -2.83
CA THR F 251 -20.15 -30.37 -3.29
C THR F 251 -21.21 -31.12 -2.49
N VAL F 252 -21.21 -30.95 -1.17
CA VAL F 252 -22.21 -31.60 -0.33
C VAL F 252 -23.62 -31.15 -0.72
N PHE F 253 -23.79 -29.84 -0.91
CA PHE F 253 -25.09 -29.30 -1.33
C PHE F 253 -25.54 -29.87 -2.68
N LEU F 254 -24.63 -29.92 -3.65
CA LEU F 254 -24.93 -30.53 -4.94
C LEU F 254 -25.46 -31.96 -4.79
N VAL F 255 -24.75 -32.78 -4.03
CA VAL F 255 -25.13 -34.19 -3.91
C VAL F 255 -26.49 -34.33 -3.22
N PHE F 256 -26.70 -33.56 -2.17
CA PHE F 256 -27.99 -33.59 -1.47
C PHE F 256 -29.15 -33.23 -2.39
N MET F 257 -28.99 -32.16 -3.18
CA MET F 257 -30.07 -31.76 -4.07
C MET F 257 -30.36 -32.81 -5.13
N PHE F 258 -29.31 -33.42 -5.69
CA PHE F 258 -29.53 -34.49 -6.66
C PHE F 258 -30.33 -35.64 -6.04
N ALA F 259 -29.98 -36.03 -4.80
CA ALA F 259 -30.68 -37.14 -4.16
C ALA F 259 -32.17 -36.82 -3.98
N VAL F 260 -32.47 -35.62 -3.48
CA VAL F 260 -33.87 -35.24 -3.27
C VAL F 260 -34.64 -35.27 -4.59
N SER F 261 -34.08 -34.68 -5.64
CA SER F 261 -34.79 -34.65 -6.92
C SER F 261 -35.00 -36.05 -7.48
N GLY F 262 -34.03 -36.95 -7.28
CA GLY F 262 -34.24 -38.34 -7.68
C GLY F 262 -35.41 -38.97 -6.96
N ILE F 263 -35.50 -38.77 -5.65
CA ILE F 263 -36.65 -39.29 -4.90
C ILE F 263 -37.95 -38.79 -5.51
N CYS F 264 -38.02 -37.49 -5.80
CA CYS F 264 -39.27 -36.92 -6.34
C CYS F 264 -39.61 -37.56 -7.69
N VAL F 265 -38.61 -37.76 -8.55
CA VAL F 265 -38.85 -38.40 -9.84
C VAL F 265 -39.44 -39.79 -9.64
N VAL F 266 -38.84 -40.57 -8.74
CA VAL F 266 -39.32 -41.93 -8.51
C VAL F 266 -40.78 -41.89 -8.07
N LEU F 267 -41.11 -41.02 -7.13
CA LEU F 267 -42.48 -40.98 -6.60
C LEU F 267 -43.48 -40.60 -7.68
N ASN F 268 -43.15 -39.61 -8.51
CA ASN F 268 -44.09 -39.21 -9.56
C ASN F 268 -44.28 -40.31 -10.59
N LEU F 269 -43.21 -41.03 -10.94
CA LEU F 269 -43.43 -42.17 -11.83
C LEU F 269 -44.29 -43.23 -11.16
N ALA F 270 -44.12 -43.43 -9.86
CA ALA F 270 -44.96 -44.36 -9.13
C ALA F 270 -46.43 -44.03 -9.34
N GLU F 271 -46.79 -42.77 -9.09
CA GLU F 271 -48.20 -42.39 -9.16
C GLU F 271 -48.71 -42.44 -10.61
N LEU F 272 -47.88 -42.01 -11.56
CA LEU F 272 -48.26 -42.12 -12.97
C LEU F 272 -48.63 -43.54 -13.32
N ASN F 273 -47.83 -44.51 -12.89
CA ASN F 273 -48.14 -45.90 -13.22
C ASN F 273 -49.31 -46.41 -12.38
N HIS F 274 -49.56 -45.78 -11.22
CA HIS F 274 -50.71 -46.18 -10.42
C HIS F 274 -52.02 -45.84 -11.13
N LEU F 275 -52.12 -44.65 -11.72
CA LEU F 275 -53.35 -44.33 -12.45
C LEU F 275 -53.37 -45.01 -13.80
N GLY F 276 -52.29 -44.91 -14.58
CA GLY F 276 -52.17 -45.66 -15.81
C GLY F 276 -52.78 -44.97 -17.01
N SER G 19 63.48 -24.09 -18.14
CA SER G 19 62.27 -24.65 -17.58
C SER G 19 61.88 -23.93 -16.29
N THR G 20 62.87 -23.69 -15.44
CA THR G 20 62.69 -22.87 -14.24
C THR G 20 62.66 -21.39 -14.55
N MET G 21 63.11 -20.99 -15.74
CA MET G 21 63.08 -19.58 -16.12
C MET G 21 61.64 -19.11 -16.35
N ILE G 22 60.87 -19.85 -17.14
CA ILE G 22 59.51 -19.44 -17.46
C ILE G 22 58.58 -19.55 -16.25
N GLY G 23 58.89 -20.44 -15.29
CA GLY G 23 57.99 -20.62 -14.16
C GLY G 23 57.76 -19.34 -13.38
N ARG G 24 58.81 -18.53 -13.20
CA ARG G 24 58.67 -17.27 -12.48
C ARG G 24 57.76 -16.33 -13.27
N ILE G 25 57.94 -16.28 -14.58
CA ILE G 25 57.17 -15.37 -15.43
C ILE G 25 55.70 -15.73 -15.36
N LEU G 26 55.40 -17.02 -15.42
CA LEU G 26 54.00 -17.43 -15.41
C LEU G 26 53.39 -17.26 -14.03
N LEU G 27 54.18 -17.45 -12.97
CA LEU G 27 53.63 -17.20 -11.64
C LEU G 27 53.25 -15.74 -11.46
N THR G 28 54.13 -14.83 -11.91
CA THR G 28 53.83 -13.40 -11.82
C THR G 28 52.60 -13.04 -12.65
N VAL G 29 52.47 -13.64 -13.84
CA VAL G 29 51.35 -13.31 -14.70
C VAL G 29 50.04 -13.82 -14.11
N VAL G 30 50.07 -15.03 -13.54
CA VAL G 30 48.87 -15.59 -12.94
C VAL G 30 48.42 -14.74 -11.76
N VAL G 31 49.37 -14.33 -10.91
CA VAL G 31 49.02 -13.52 -9.75
C VAL G 31 48.38 -12.21 -10.19
N ILE G 32 48.98 -11.53 -11.17
CA ILE G 32 48.42 -10.25 -11.60
C ILE G 32 47.05 -10.44 -12.22
N PHE G 33 46.87 -11.49 -13.01
CA PHE G 33 45.57 -11.76 -13.63
C PHE G 33 44.50 -11.95 -12.58
N ARG G 34 44.79 -12.75 -11.56
CA ARG G 34 43.82 -12.98 -10.49
C ARG G 34 43.46 -11.67 -9.79
N ILE G 35 44.46 -10.86 -9.44
CA ILE G 35 44.19 -9.59 -8.78
C ILE G 35 43.29 -8.71 -9.65
N LEU G 36 43.59 -8.62 -10.94
CA LEU G 36 42.79 -7.75 -11.82
C LEU G 36 41.35 -8.21 -11.90
N ILE G 37 41.13 -9.52 -12.07
CA ILE G 37 39.78 -10.03 -12.17
C ILE G 37 39.00 -9.73 -10.89
N VAL G 38 39.64 -9.91 -9.74
CA VAL G 38 38.90 -9.67 -8.50
C VAL G 38 38.61 -8.19 -8.32
N ALA G 39 39.58 -7.33 -8.64
CA ALA G 39 39.47 -5.91 -8.37
C ALA G 39 38.49 -5.18 -9.28
N ILE G 40 38.37 -5.58 -10.55
CA ILE G 40 37.62 -4.73 -11.48
C ILE G 40 36.13 -5.07 -11.51
N VAL G 41 35.76 -6.35 -11.50
CA VAL G 41 34.38 -6.73 -11.71
C VAL G 41 33.70 -7.33 -10.47
N GLY G 42 34.42 -8.04 -9.62
CA GLY G 42 33.77 -8.77 -8.53
C GLY G 42 33.01 -7.91 -7.54
N GLU G 43 33.36 -6.67 -7.35
CA GLU G 43 32.63 -5.94 -6.34
C GLU G 43 31.22 -5.59 -6.75
N THR G 44 30.81 -5.83 -8.00
CA THR G 44 29.53 -5.36 -8.51
C THR G 44 28.56 -6.47 -8.85
N VAL G 45 29.02 -7.72 -8.82
CA VAL G 45 28.12 -8.86 -8.84
C VAL G 45 27.41 -9.05 -7.51
N TYR G 46 28.12 -8.84 -6.40
CA TYR G 46 27.62 -9.02 -5.04
C TYR G 46 26.95 -7.80 -4.44
N ASP G 47 26.90 -6.68 -5.14
CA ASP G 47 26.36 -5.45 -4.54
C ASP G 47 24.92 -5.61 -4.04
N ASP G 48 24.05 -6.27 -4.80
CA ASP G 48 22.64 -6.44 -4.42
C ASP G 48 22.35 -7.76 -3.72
N GLU G 49 23.31 -8.32 -2.97
CA GLU G 49 23.14 -9.69 -2.47
C GLU G 49 21.96 -9.81 -1.51
N GLN G 50 21.83 -8.86 -0.58
CA GLN G 50 20.79 -8.91 0.44
C GLN G 50 19.52 -8.17 0.06
N THR G 51 19.62 -7.14 -0.78
CA THR G 51 18.45 -6.37 -1.20
C THR G 51 17.51 -7.16 -2.10
N MET G 52 18.03 -8.13 -2.86
CA MET G 52 17.24 -9.00 -3.71
C MET G 52 17.07 -10.41 -3.14
N PHE G 53 17.38 -10.61 -1.86
CA PHE G 53 17.08 -11.85 -1.16
C PHE G 53 15.68 -11.77 -0.55
N VAL G 54 14.84 -12.76 -0.81
CA VAL G 54 13.44 -12.73 -0.39
C VAL G 54 12.98 -14.12 0.05
N CYS G 55 12.12 -14.14 1.08
CA CYS G 55 11.54 -15.36 1.64
C CYS G 55 10.02 -15.25 1.61
N ASN G 56 9.36 -16.41 1.51
CA ASN G 56 7.89 -16.50 1.48
C ASN G 56 7.36 -16.57 2.91
N THR G 57 6.98 -15.41 3.45
CA THR G 57 6.64 -15.30 4.86
C THR G 57 6.05 -13.91 5.11
N LEU G 58 5.35 -13.79 6.23
CA LEU G 58 4.82 -12.51 6.72
C LEU G 58 5.39 -12.12 8.06
N GLN G 59 6.43 -12.80 8.52
CA GLN G 59 7.03 -12.62 9.84
C GLN G 59 8.15 -11.58 9.77
N PRO G 60 8.11 -10.52 10.58
CA PRO G 60 9.22 -9.56 10.58
C PRO G 60 10.50 -10.15 11.17
N GLY G 61 11.62 -9.89 10.49
CA GLY G 61 12.91 -10.38 10.92
C GLY G 61 13.36 -11.71 10.35
N CYS G 62 12.53 -12.40 9.58
CA CYS G 62 12.91 -13.73 9.09
C CYS G 62 13.92 -13.63 7.96
N ASN G 63 13.78 -12.61 7.10
CA ASN G 63 14.74 -12.41 6.01
C ASN G 63 16.15 -12.19 6.52
N GLN G 64 16.30 -11.37 7.57
CA GLN G 64 17.62 -11.13 8.15
C GLN G 64 18.27 -12.43 8.64
N ALA G 65 17.55 -13.19 9.44
CA ALA G 65 18.09 -14.44 9.98
C ALA G 65 18.44 -15.44 8.90
N CYS G 66 17.57 -15.58 7.89
CA CYS G 66 17.82 -16.57 6.86
C CYS G 66 18.94 -16.17 5.93
N TYR G 67 19.04 -14.87 5.58
CA TYR G 67 20.20 -14.42 4.82
C TYR G 67 21.49 -14.64 5.59
N ASP G 68 21.50 -14.33 6.89
CA ASP G 68 22.70 -14.50 7.68
C ASP G 68 23.11 -15.97 7.75
N ARG G 69 22.15 -16.88 7.86
CA ARG G 69 22.46 -18.30 7.90
C ARG G 69 22.90 -18.85 6.55
N ALA G 70 22.35 -18.34 5.46
CA ALA G 70 22.76 -18.82 4.13
C ALA G 70 24.14 -18.32 3.70
N PHE G 71 24.48 -17.06 4.02
CA PHE G 71 25.74 -16.45 3.57
C PHE G 71 26.46 -15.82 4.76
N PRO G 72 27.15 -16.62 5.57
CA PRO G 72 27.82 -16.08 6.76
C PRO G 72 28.95 -15.11 6.44
N ILE G 73 29.85 -15.48 5.53
CA ILE G 73 30.87 -14.60 4.99
C ILE G 73 30.76 -14.61 3.48
N SER G 74 30.63 -13.43 2.89
CA SER G 74 30.52 -13.28 1.44
C SER G 74 31.81 -13.68 0.73
N HIS G 75 31.65 -14.20 -0.49
CA HIS G 75 32.79 -14.69 -1.25
C HIS G 75 33.86 -13.62 -1.42
N ILE G 76 33.43 -12.40 -1.74
CA ILE G 76 34.35 -11.33 -2.11
C ILE G 76 35.24 -10.93 -0.92
N ARG G 77 34.68 -10.95 0.29
CA ARG G 77 35.48 -10.69 1.49
C ARG G 77 36.56 -11.75 1.67
N TYR G 78 36.19 -13.03 1.54
CA TYR G 78 37.15 -14.12 1.66
C TYR G 78 38.27 -13.99 0.61
N TRP G 79 37.91 -13.65 -0.63
CA TRP G 79 38.92 -13.56 -1.67
C TRP G 79 39.86 -12.38 -1.45
N VAL G 80 39.33 -11.22 -1.04
CA VAL G 80 40.22 -10.10 -0.73
C VAL G 80 41.18 -10.47 0.40
N PHE G 81 40.67 -11.09 1.46
CA PHE G 81 41.53 -11.48 2.57
C PHE G 81 42.63 -12.42 2.11
N GLN G 82 42.27 -13.45 1.34
CA GLN G 82 43.26 -14.40 0.85
C GLN G 82 44.31 -13.71 -0.01
N ILE G 83 43.89 -12.85 -0.94
CA ILE G 83 44.84 -12.16 -1.80
C ILE G 83 45.84 -11.35 -0.98
N ILE G 84 45.34 -10.62 0.02
CA ILE G 84 46.25 -9.81 0.83
C ILE G 84 47.19 -10.69 1.66
N MET G 85 46.67 -11.78 2.23
CA MET G 85 47.50 -12.61 3.10
C MET G 85 48.56 -13.39 2.34
N VAL G 86 48.32 -13.74 1.07
CA VAL G 86 49.35 -14.48 0.33
C VAL G 86 50.45 -13.61 -0.23
N CYS G 87 50.44 -12.30 0.01
CA CYS G 87 51.49 -11.40 -0.46
C CYS G 87 52.35 -10.86 0.66
N THR G 88 52.19 -11.35 1.89
CA THR G 88 52.89 -10.81 3.04
C THR G 88 54.35 -11.24 3.09
N PRO G 89 54.69 -12.50 2.77
CA PRO G 89 56.11 -12.88 2.78
C PRO G 89 56.97 -12.04 1.84
N SER G 90 56.46 -11.69 0.66
CA SER G 90 57.21 -10.80 -0.23
C SER G 90 57.45 -9.46 0.43
N LEU G 91 56.43 -8.88 1.07
CA LEU G 91 56.61 -7.60 1.74
C LEU G 91 57.65 -7.70 2.85
N CYS G 92 57.63 -8.81 3.61
CA CYS G 92 58.62 -9.01 4.65
C CYS G 92 60.01 -9.06 4.06
N PHE G 93 60.20 -9.84 3.00
CA PHE G 93 61.51 -9.94 2.37
C PHE G 93 61.99 -8.58 1.86
N ILE G 94 61.09 -7.80 1.28
CA ILE G 94 61.47 -6.48 0.77
C ILE G 94 61.89 -5.57 1.91
N THR G 95 61.11 -5.57 2.99
CA THR G 95 61.44 -4.71 4.14
C THR G 95 62.76 -5.11 4.76
N TYR G 96 63.03 -6.42 4.85
CA TYR G 96 64.32 -6.87 5.34
C TYR G 96 65.44 -6.37 4.46
N SER G 97 65.33 -6.56 3.15
CA SER G 97 66.44 -6.16 2.28
C SER G 97 66.63 -4.65 2.31
N VAL G 98 65.54 -3.90 2.41
CA VAL G 98 65.64 -2.44 2.53
C VAL G 98 66.35 -2.04 3.82
N HIS G 99 66.05 -2.74 4.93
CA HIS G 99 66.74 -2.43 6.17
C HIS G 99 68.21 -2.80 6.08
N GLN G 100 68.54 -3.87 5.36
CA GLN G 100 69.92 -4.29 5.25
C GLN G 100 70.79 -3.20 4.64
N SER G 101 70.19 -2.26 3.92
CA SER G 101 70.93 -1.22 3.21
C SER G 101 71.17 -0.02 4.12
N GLY G 194 72.30 -13.91 5.70
CA GLY G 194 71.64 -15.13 5.28
C GLY G 194 70.41 -14.90 4.43
N ILE G 195 70.61 -14.24 3.29
CA ILE G 195 69.50 -13.94 2.40
C ILE G 195 68.86 -15.22 1.87
N SER G 196 69.69 -16.23 1.60
CA SER G 196 69.17 -17.47 1.01
C SER G 196 68.26 -18.20 1.98
N ARG G 197 68.58 -18.14 3.28
CA ARG G 197 67.70 -18.74 4.27
C ARG G 197 66.34 -18.05 4.26
N PHE G 198 66.31 -16.73 4.13
CA PHE G 198 65.05 -16.02 4.01
C PHE G 198 64.28 -16.44 2.77
N TYR G 199 64.99 -16.62 1.64
CA TYR G 199 64.32 -17.09 0.43
C TYR G 199 63.64 -18.43 0.65
N ILE G 200 64.38 -19.38 1.24
CA ILE G 200 63.83 -20.71 1.50
C ILE G 200 62.59 -20.61 2.37
N ILE G 201 62.71 -19.87 3.47
CA ILE G 201 61.61 -19.82 4.44
C ILE G 201 60.38 -19.19 3.82
N GLN G 202 60.56 -18.09 3.08
CA GLN G 202 59.38 -17.44 2.51
C GLN G 202 58.72 -18.31 1.45
N VAL G 203 59.49 -19.10 0.70
CA VAL G 203 58.88 -20.01 -0.26
C VAL G 203 58.04 -21.06 0.47
N VAL G 204 58.59 -21.62 1.55
CA VAL G 204 57.85 -22.61 2.33
C VAL G 204 56.54 -22.02 2.85
N PHE G 205 56.62 -20.81 3.40
CA PHE G 205 55.44 -20.18 3.98
C PHE G 205 54.38 -19.91 2.93
N ARG G 206 54.79 -19.42 1.76
CA ARG G 206 53.83 -19.17 0.70
C ARG G 206 53.10 -20.45 0.29
N ASN G 207 53.85 -21.55 0.13
CA ASN G 207 53.23 -22.82 -0.19
C ASN G 207 52.17 -23.19 0.85
N ALA G 208 52.54 -23.14 2.13
CA ALA G 208 51.60 -23.54 3.18
C ALA G 208 50.36 -22.67 3.15
N LEU G 209 50.54 -21.35 3.00
CA LEU G 209 49.40 -20.45 3.04
C LEU G 209 48.43 -20.72 1.90
N GLU G 210 48.97 -21.02 0.71
CA GLU G 210 48.08 -21.18 -0.43
C GLU G 210 47.33 -22.51 -0.36
N ILE G 211 47.96 -23.55 0.19
CA ILE G 211 47.23 -24.81 0.34
C ILE G 211 46.13 -24.65 1.39
N GLY G 212 46.44 -23.98 2.50
CA GLY G 212 45.41 -23.77 3.52
C GLY G 212 44.22 -23.00 2.97
N PHE G 213 44.48 -21.95 2.20
CA PHE G 213 43.37 -21.14 1.70
C PHE G 213 42.51 -21.91 0.69
N LEU G 214 43.13 -22.70 -0.18
CA LEU G 214 42.34 -23.49 -1.13
C LEU G 214 41.47 -24.53 -0.40
N VAL G 215 42.04 -25.23 0.58
CA VAL G 215 41.25 -26.20 1.34
C VAL G 215 40.09 -25.50 2.06
N GLY G 216 40.35 -24.35 2.67
CA GLY G 216 39.29 -23.64 3.36
C GLY G 216 38.19 -23.21 2.42
N GLN G 217 38.54 -22.75 1.21
CA GLN G 217 37.51 -22.41 0.24
C GLN G 217 36.61 -23.60 -0.05
N TYR G 218 37.22 -24.75 -0.33
CA TYR G 218 36.43 -25.94 -0.61
C TYR G 218 35.51 -26.30 0.55
N PHE G 219 36.00 -26.19 1.78
CA PHE G 219 35.18 -26.57 2.93
C PHE G 219 34.11 -25.54 3.26
N LEU G 220 34.32 -24.27 2.93
CA LEU G 220 33.33 -23.25 3.24
C LEU G 220 32.22 -23.20 2.19
N TYR G 221 32.55 -23.32 0.90
CA TYR G 221 31.58 -22.99 -0.15
C TYR G 221 31.22 -24.15 -1.08
N GLY G 222 32.09 -25.13 -1.27
CA GLY G 222 31.84 -26.17 -2.26
C GLY G 222 32.04 -25.74 -3.69
N PHE G 223 31.20 -26.24 -4.61
CA PHE G 223 31.36 -25.99 -6.04
C PHE G 223 30.16 -25.39 -6.74
N SER G 224 29.09 -25.01 -6.03
CA SER G 224 27.92 -24.43 -6.69
C SER G 224 27.15 -23.58 -5.70
N VAL G 225 26.34 -22.68 -6.25
CA VAL G 225 25.42 -21.85 -5.47
C VAL G 225 24.00 -22.17 -5.92
N PRO G 226 23.18 -22.82 -5.09
CA PRO G 226 21.80 -23.13 -5.49
C PRO G 226 20.88 -21.94 -5.42
N GLY G 227 19.78 -22.04 -6.18
CA GLY G 227 18.77 -21.00 -6.24
C GLY G 227 17.78 -20.97 -5.10
N LEU G 228 17.55 -22.10 -4.43
CA LEU G 228 16.65 -22.17 -3.28
C LEU G 228 17.42 -22.48 -2.00
N TYR G 229 16.89 -21.99 -0.88
CA TYR G 229 17.43 -22.26 0.44
C TYR G 229 16.31 -22.52 1.44
N GLU G 230 16.51 -23.52 2.28
CA GLU G 230 15.53 -23.93 3.30
C GLU G 230 16.03 -23.52 4.67
N CYS G 231 15.22 -22.75 5.40
CA CYS G 231 15.62 -22.07 6.61
C CYS G 231 14.70 -22.46 7.76
N ASN G 232 15.30 -22.66 8.94
CA ASN G 232 14.56 -23.00 10.15
C ASN G 232 15.11 -22.27 11.37
N ARG G 233 15.38 -20.97 11.24
CA ARG G 233 15.91 -20.18 12.34
C ARG G 233 14.87 -19.21 12.90
N TYR G 234 14.87 -19.07 14.21
CA TYR G 234 14.03 -18.09 14.89
C TYR G 234 14.30 -16.69 14.37
N PRO G 235 13.26 -15.86 14.15
CA PRO G 235 11.82 -16.02 14.47
C PRO G 235 10.96 -16.70 13.41
N CYS G 236 11.54 -17.34 12.42
CA CYS G 236 10.74 -18.05 11.42
C CYS G 236 10.03 -19.24 12.04
N ILE G 237 8.74 -19.37 11.71
CA ILE G 237 7.91 -20.51 12.14
C ILE G 237 8.21 -21.70 11.24
N LYS G 238 8.52 -22.84 11.87
CA LYS G 238 8.95 -24.05 11.19
C LYS G 238 9.93 -23.76 10.05
N GLU G 239 9.79 -24.42 8.90
CA GLU G 239 10.68 -24.21 7.77
C GLU G 239 10.04 -23.38 6.67
N VAL G 240 10.83 -22.44 6.12
CA VAL G 240 10.42 -21.51 5.08
C VAL G 240 11.35 -21.67 3.88
N GLU G 241 10.88 -21.20 2.74
CA GLU G 241 11.62 -21.25 1.48
C GLU G 241 12.04 -19.85 1.04
N CYS G 242 13.31 -19.69 0.67
CA CYS G 242 13.88 -18.41 0.26
C CYS G 242 14.55 -18.55 -1.11
N TYR G 243 14.79 -17.41 -1.75
CA TYR G 243 15.21 -17.35 -3.16
C TYR G 243 16.42 -16.43 -3.32
N VAL G 244 17.41 -16.91 -4.06
CA VAL G 244 18.72 -16.27 -4.19
C VAL G 244 18.80 -15.45 -5.46
N SER G 245 19.66 -14.43 -5.42
CA SER G 245 19.96 -13.57 -6.57
C SER G 245 21.21 -14.01 -7.30
N ARG G 246 21.13 -14.05 -8.64
CA ARG G 246 22.26 -14.32 -9.52
C ARG G 246 23.06 -15.59 -9.20
N PRO G 247 22.41 -16.76 -9.09
CA PRO G 247 23.17 -17.96 -8.71
C PRO G 247 24.15 -18.46 -9.76
N THR G 248 23.81 -18.37 -11.04
CA THR G 248 24.67 -18.90 -12.11
C THR G 248 25.97 -18.13 -12.24
N GLU G 249 25.91 -16.81 -12.23
CA GLU G 249 27.13 -16.00 -12.30
C GLU G 249 28.06 -16.29 -11.13
N LYS G 250 27.49 -16.44 -9.93
CA LYS G 250 28.29 -16.73 -8.75
C LYS G 250 28.92 -18.12 -8.82
N THR G 251 28.20 -19.10 -9.38
CA THR G 251 28.82 -20.41 -9.60
C THR G 251 29.99 -20.33 -10.58
N VAL G 252 29.82 -19.57 -11.66
CA VAL G 252 30.91 -19.41 -12.62
C VAL G 252 32.13 -18.78 -11.96
N PHE G 253 31.91 -17.73 -11.17
CA PHE G 253 33.00 -17.07 -10.45
C PHE G 253 33.71 -18.03 -9.49
N LEU G 254 32.94 -18.81 -8.72
CA LEU G 254 33.52 -19.82 -7.85
C LEU G 254 34.46 -20.77 -8.60
N VAL G 255 33.98 -21.32 -9.71
CA VAL G 255 34.77 -22.31 -10.44
C VAL G 255 36.05 -21.68 -10.99
N PHE G 256 35.93 -20.48 -11.56
CA PHE G 256 37.09 -19.79 -12.10
C PHE G 256 38.16 -19.55 -11.02
N MET G 257 37.73 -19.09 -9.84
CA MET G 257 38.70 -18.83 -8.78
C MET G 257 39.38 -20.10 -8.29
N PHE G 258 38.63 -21.20 -8.18
CA PHE G 258 39.26 -22.46 -7.81
C PHE G 258 40.31 -22.88 -8.82
N ALA G 259 40.01 -22.75 -10.12
CA ALA G 259 40.96 -23.13 -11.15
C ALA G 259 42.26 -22.32 -11.04
N VAL G 260 42.13 -21.01 -10.90
CA VAL G 260 43.33 -20.16 -10.80
C VAL G 260 44.17 -20.55 -9.58
N SER G 261 43.53 -20.73 -8.42
CA SER G 261 44.30 -21.08 -7.23
C SER G 261 44.97 -22.43 -7.38
N GLY G 262 44.33 -23.39 -8.04
CA GLY G 262 44.98 -24.66 -8.32
C GLY G 262 46.24 -24.49 -9.15
N ILE G 263 46.16 -23.68 -10.20
CA ILE G 263 47.34 -23.40 -11.02
C ILE G 263 48.47 -22.87 -10.15
N CYS G 264 48.16 -21.90 -9.28
CA CYS G 264 49.20 -21.30 -8.45
C CYS G 264 49.83 -22.35 -7.51
N VAL G 265 49.01 -23.22 -6.93
CA VAL G 265 49.54 -24.28 -6.08
C VAL G 265 50.51 -25.15 -6.85
N VAL G 266 50.12 -25.56 -8.05
CA VAL G 266 50.98 -26.44 -8.85
C VAL G 266 52.32 -25.75 -9.10
N LEU G 267 52.28 -24.48 -9.51
CA LEU G 267 53.52 -23.78 -9.84
C LEU G 267 54.44 -23.66 -8.63
N ASN G 268 53.89 -23.32 -7.47
CA ASN G 268 54.73 -23.18 -6.28
C ASN G 268 55.34 -24.51 -5.87
N LEU G 269 54.58 -25.61 -5.97
CA LEU G 269 55.21 -26.90 -5.71
C LEU G 269 56.31 -27.20 -6.72
N ALA G 270 56.10 -26.81 -7.98
CA ALA G 270 57.13 -26.99 -8.99
C ALA G 270 58.43 -26.35 -8.53
N GLU G 271 58.37 -25.08 -8.14
CA GLU G 271 59.59 -24.36 -7.78
C GLU G 271 60.20 -24.91 -6.50
N LEU G 272 59.35 -25.25 -5.52
CA LEU G 272 59.84 -25.87 -4.29
C LEU G 272 60.68 -27.11 -4.61
N ASN G 273 60.19 -27.96 -5.51
CA ASN G 273 60.94 -29.16 -5.84
C ASN G 273 62.15 -28.83 -6.72
N HIS G 274 62.09 -27.71 -7.44
CA HIS G 274 63.24 -27.30 -8.24
C HIS G 274 64.43 -26.94 -7.36
N LEU G 275 64.21 -26.19 -6.28
CA LEU G 275 65.33 -25.89 -5.38
C LEU G 275 65.67 -27.08 -4.50
N GLY G 276 64.67 -27.67 -3.85
CA GLY G 276 64.88 -28.91 -3.12
C GLY G 276 65.34 -28.71 -1.70
N SER H 19 52.93 -1.01 -46.24
CA SER H 19 51.66 -1.72 -46.07
C SER H 19 51.59 -2.41 -44.71
N THR H 20 52.69 -3.08 -44.35
CA THR H 20 52.84 -3.65 -43.02
C THR H 20 53.18 -2.60 -41.96
N MET H 21 53.60 -1.41 -42.37
CA MET H 21 53.91 -0.35 -41.43
C MET H 21 52.63 0.17 -40.76
N ILE H 22 51.62 0.51 -41.57
CA ILE H 22 50.39 1.07 -41.02
C ILE H 22 49.58 0.04 -40.24
N GLY H 23 49.73 -1.25 -40.55
CA GLY H 23 48.94 -2.25 -39.87
C GLY H 23 49.12 -2.23 -38.36
N ARG H 24 50.36 -2.04 -37.90
CA ARG H 24 50.61 -1.97 -36.47
C ARG H 24 49.93 -0.76 -35.85
N ILE H 25 49.99 0.38 -36.55
CA ILE H 25 49.41 1.62 -36.05
C ILE H 25 47.91 1.46 -35.90
N LEU H 26 47.27 0.86 -36.90
CA LEU H 26 45.82 0.72 -36.84
C LEU H 26 45.41 -0.33 -35.82
N LEU H 27 46.22 -1.38 -35.64
CA LEU H 27 45.88 -2.36 -34.60
C LEU H 27 45.92 -1.71 -33.22
N THR H 28 46.96 -0.92 -32.96
CA THR H 28 47.05 -0.22 -31.67
C THR H 28 45.88 0.75 -31.48
N VAL H 29 45.50 1.45 -32.54
CA VAL H 29 44.43 2.43 -32.40
C VAL H 29 43.09 1.74 -32.16
N VAL H 30 42.85 0.62 -32.85
CA VAL H 30 41.61 -0.11 -32.67
C VAL H 30 41.51 -0.64 -31.25
N VAL H 31 42.61 -1.21 -30.75
CA VAL H 31 42.60 -1.75 -29.39
C VAL H 31 42.27 -0.65 -28.37
N ILE H 32 42.95 0.50 -28.49
CA ILE H 32 42.71 1.57 -27.51
C ILE H 32 41.28 2.09 -27.62
N PHE H 33 40.76 2.22 -28.84
CA PHE H 33 39.39 2.68 -29.02
C PHE H 33 38.39 1.75 -28.34
N ARG H 34 38.57 0.44 -28.53
CA ARG H 34 37.68 -0.52 -27.90
C ARG H 34 37.73 -0.41 -26.39
N ILE H 35 38.95 -0.35 -25.83
CA ILE H 35 39.07 -0.23 -24.37
C ILE H 35 38.37 1.02 -23.87
N LEU H 36 38.56 2.16 -24.54
CA LEU H 36 37.94 3.40 -24.08
C LEU H 36 36.43 3.32 -24.10
N ILE H 37 35.86 2.79 -25.19
CA ILE H 37 34.40 2.70 -25.29
C ILE H 37 33.87 1.81 -24.16
N VAL H 38 34.53 0.70 -23.89
CA VAL H 38 34.01 -0.19 -22.86
C VAL H 38 34.14 0.45 -21.49
N ALA H 39 35.26 1.12 -21.22
CA ALA H 39 35.56 1.63 -19.89
C ALA H 39 34.72 2.84 -19.50
N ILE H 40 34.39 3.73 -20.45
CA ILE H 40 33.80 5.00 -20.04
C ILE H 40 32.28 4.94 -19.92
N VAL H 41 31.59 4.28 -20.86
CA VAL H 41 30.14 4.35 -20.90
C VAL H 41 29.45 3.03 -20.56
N GLY H 42 30.03 1.89 -20.89
CA GLY H 42 29.32 0.62 -20.74
C GLY H 42 28.91 0.26 -19.32
N GLU H 43 29.58 0.73 -18.31
CA GLU H 43 29.17 0.30 -17.00
C GLU H 43 27.86 0.92 -16.55
N THR H 44 27.31 1.89 -17.28
CA THR H 44 26.15 2.64 -16.80
C THR H 44 24.89 2.40 -17.62
N VAL H 45 25.00 1.70 -18.75
CA VAL H 45 23.83 1.17 -19.44
C VAL H 45 23.23 -0.01 -18.70
N TYR H 46 24.07 -0.88 -18.16
CA TYR H 46 23.68 -2.11 -17.47
C TYR H 46 23.41 -1.95 -15.98
N ASP H 47 23.58 -0.76 -15.41
CA ASP H 47 23.44 -0.59 -13.96
C ASP H 47 22.06 -1.01 -13.43
N ASP H 48 20.99 -0.66 -14.13
CA ASP H 48 19.63 -0.99 -13.69
C ASP H 48 19.07 -2.26 -14.32
N GLU H 49 19.91 -3.25 -14.65
CA GLU H 49 19.43 -4.37 -15.46
C GLU H 49 18.36 -5.18 -14.74
N GLN H 50 18.56 -5.47 -13.45
CA GLN H 50 17.64 -6.30 -12.68
C GLN H 50 16.59 -5.51 -11.91
N THR H 51 16.88 -4.27 -11.55
CA THR H 51 15.93 -3.43 -10.83
C THR H 51 14.72 -3.03 -11.68
N MET H 52 14.91 -2.92 -13.00
CA MET H 52 13.82 -2.61 -13.93
C MET H 52 13.34 -3.82 -14.73
N PHE H 53 13.72 -5.02 -14.31
CA PHE H 53 13.16 -6.26 -14.87
C PHE H 53 11.91 -6.64 -14.10
N VAL H 54 10.81 -6.88 -14.82
CA VAL H 54 9.51 -7.14 -14.20
C VAL H 54 8.75 -8.21 -14.97
N CYS H 55 8.01 -9.05 -14.23
CA CYS H 55 7.19 -10.12 -14.76
C CYS H 55 5.75 -9.95 -14.28
N ASN H 56 4.80 -10.43 -15.09
CA ASN H 56 3.37 -10.37 -14.78
C ASN H 56 2.98 -11.59 -13.95
N THR H 57 2.97 -11.42 -12.63
CA THR H 57 2.80 -12.54 -11.71
C THR H 57 2.61 -12.00 -10.30
N LEU H 58 2.08 -12.85 -9.43
CA LEU H 58 1.95 -12.55 -8.00
C LEU H 58 2.73 -13.53 -7.13
N GLN H 59 3.59 -14.35 -7.73
CA GLN H 59 4.34 -15.40 -7.06
C GLN H 59 5.68 -14.86 -6.57
N PRO H 60 5.99 -14.99 -5.27
CA PRO H 60 7.32 -14.57 -4.79
C PRO H 60 8.45 -15.45 -5.32
N GLY H 61 9.52 -14.81 -5.77
CA GLY H 61 10.68 -15.50 -6.30
C GLY H 61 10.71 -15.74 -7.79
N CYS H 62 9.66 -15.40 -8.53
CA CYS H 62 9.62 -15.70 -9.95
C CYS H 62 10.52 -14.74 -10.73
N ASN H 63 10.57 -13.47 -10.33
CA ASN H 63 11.44 -12.50 -10.98
C ASN H 63 12.91 -12.90 -10.92
N GLN H 64 13.36 -13.38 -9.76
CA GLN H 64 14.75 -13.82 -9.62
C GLN H 64 15.08 -14.95 -10.59
N ALA H 65 14.25 -16.00 -10.61
CA ALA H 65 14.50 -17.14 -11.48
C ALA H 65 14.46 -16.76 -12.95
N CYS H 66 13.50 -15.93 -13.34
CA CYS H 66 13.38 -15.58 -14.76
C CYS H 66 14.48 -14.64 -15.22
N TYR H 67 14.88 -13.68 -14.38
CA TYR H 67 16.04 -12.86 -14.71
C TYR H 67 17.30 -13.72 -14.85
N ASP H 68 17.51 -14.65 -13.92
CA ASP H 68 18.69 -15.49 -13.98
C ASP H 68 18.71 -16.35 -15.24
N ARG H 69 17.55 -16.85 -15.67
CA ARG H 69 17.48 -17.66 -16.88
C ARG H 69 17.63 -16.82 -18.15
N ALA H 70 17.14 -15.58 -18.16
CA ALA H 70 17.28 -14.74 -19.34
C ALA H 70 18.70 -14.19 -19.53
N PHE H 71 19.38 -13.82 -18.44
CA PHE H 71 20.71 -13.20 -18.52
C PHE H 71 21.68 -13.93 -17.58
N PRO H 72 22.20 -15.08 -18.01
CA PRO H 72 23.11 -15.85 -17.14
C PRO H 72 24.42 -15.14 -16.82
N ILE H 73 25.09 -14.61 -17.84
CA ILE H 73 26.26 -13.75 -17.68
C ILE H 73 26.01 -12.46 -18.44
N SER H 74 26.14 -11.33 -17.75
CA SER H 74 25.93 -10.02 -18.35
C SER H 74 27.01 -9.71 -19.40
N HIS H 75 26.60 -8.93 -20.40
CA HIS H 75 27.50 -8.60 -21.51
C HIS H 75 28.79 -7.97 -21.02
N ILE H 76 28.67 -7.03 -20.07
CA ILE H 76 29.80 -6.22 -19.66
C ILE H 76 30.86 -7.07 -18.96
N ARG H 77 30.44 -8.08 -18.20
CA ARG H 77 31.39 -9.02 -17.58
C ARG H 77 32.16 -9.79 -18.64
N TYR H 78 31.46 -10.32 -19.64
CA TYR H 78 32.11 -11.04 -20.73
C TYR H 78 33.11 -10.16 -21.47
N TRP H 79 32.74 -8.91 -21.73
CA TRP H 79 33.65 -8.03 -22.48
C TRP H 79 34.88 -7.66 -21.67
N VAL H 80 34.72 -7.38 -20.37
CA VAL H 80 35.89 -7.11 -19.54
C VAL H 80 36.82 -8.31 -19.52
N PHE H 81 36.26 -9.51 -19.33
CA PHE H 81 37.09 -10.70 -19.30
C PHE H 81 37.86 -10.88 -20.61
N GLN H 82 37.17 -10.74 -21.74
CA GLN H 82 37.82 -10.87 -23.04
C GLN H 82 38.94 -9.85 -23.21
N ILE H 83 38.67 -8.58 -22.88
CA ILE H 83 39.68 -7.54 -23.02
C ILE H 83 40.93 -7.88 -22.21
N ILE H 84 40.74 -8.32 -20.97
CA ILE H 84 41.90 -8.65 -20.14
C ILE H 84 42.64 -9.86 -20.69
N MET H 85 41.92 -10.88 -21.13
CA MET H 85 42.58 -12.11 -21.57
C MET H 85 43.32 -11.94 -22.89
N VAL H 86 42.87 -11.03 -23.77
CA VAL H 86 43.59 -10.84 -25.04
C VAL H 86 44.85 -9.98 -24.92
N CYS H 87 45.19 -9.50 -23.73
CA CYS H 87 46.40 -8.70 -23.53
C CYS H 87 47.47 -9.41 -22.74
N THR H 88 47.30 -10.70 -22.46
CA THR H 88 48.22 -11.46 -21.62
C THR H 88 49.51 -11.81 -22.34
N PRO H 89 49.48 -12.21 -23.62
CA PRO H 89 50.74 -12.50 -24.32
C PRO H 89 51.70 -11.32 -24.35
N SER H 90 51.19 -10.10 -24.54
CA SER H 90 52.06 -8.93 -24.48
C SER H 90 52.71 -8.79 -23.12
N LEU H 91 51.94 -8.98 -22.04
CA LEU H 91 52.52 -8.89 -20.70
C LEU H 91 53.59 -9.95 -20.50
N CYS H 92 53.35 -11.16 -20.99
CA CYS H 92 54.34 -12.22 -20.88
C CYS H 92 55.62 -11.83 -21.62
N PHE H 93 55.48 -11.34 -22.85
CA PHE H 93 56.66 -10.93 -23.61
C PHE H 93 57.43 -9.83 -22.90
N ILE H 94 56.72 -8.87 -22.32
CA ILE H 94 57.38 -7.77 -21.63
C ILE H 94 58.13 -8.30 -20.41
N THR H 95 57.49 -9.17 -19.63
CA THR H 95 58.13 -9.72 -18.43
C THR H 95 59.36 -10.53 -18.80
N TYR H 96 59.28 -11.31 -19.88
CA TYR H 96 60.44 -12.05 -20.35
C TYR H 96 61.58 -11.09 -20.71
N SER H 97 61.29 -10.07 -21.51
CA SER H 97 62.38 -9.19 -21.93
C SER H 97 62.97 -8.44 -20.74
N VAL H 98 62.13 -8.06 -19.78
CA VAL H 98 62.62 -7.42 -18.56
C VAL H 98 63.52 -8.34 -17.78
N HIS H 99 63.15 -9.63 -17.67
CA HIS H 99 64.02 -10.57 -16.98
C HIS H 99 65.32 -10.77 -17.71
N GLN H 100 65.29 -10.75 -19.05
CA GLN H 100 66.49 -10.95 -19.83
C GLN H 100 67.56 -9.91 -19.49
N SER H 101 67.17 -8.77 -18.94
CA SER H 101 68.08 -7.67 -18.67
C SER H 101 68.71 -7.83 -17.29
N GLY H 194 66.29 -16.50 -28.04
CA GLY H 194 65.29 -16.75 -29.07
C GLY H 194 64.10 -15.83 -28.98
N ILE H 195 64.35 -14.53 -29.11
CA ILE H 195 63.28 -13.53 -29.01
C ILE H 195 62.29 -13.73 -30.15
N SER H 196 62.79 -14.07 -31.34
CA SER H 196 61.92 -14.18 -32.50
C SER H 196 60.94 -15.34 -32.35
N ARG H 197 61.38 -16.43 -31.71
CA ARG H 197 60.47 -17.53 -31.44
C ARG H 197 59.33 -17.08 -30.53
N PHE H 198 59.66 -16.27 -29.51
CA PHE H 198 58.61 -15.73 -28.65
C PHE H 198 57.65 -14.84 -29.43
N TYR H 199 58.18 -14.03 -30.35
CA TYR H 199 57.30 -13.20 -31.17
C TYR H 199 56.32 -14.05 -31.96
N ILE H 200 56.83 -15.09 -32.63
CA ILE H 200 55.98 -15.96 -33.43
C ILE H 200 54.90 -16.58 -32.55
N ILE H 201 55.30 -17.15 -31.41
CA ILE H 201 54.35 -17.87 -30.59
C ILE H 201 53.28 -16.94 -30.04
N GLN H 202 53.66 -15.74 -29.60
CA GLN H 202 52.66 -14.85 -29.04
C GLN H 202 51.69 -14.37 -30.11
N VAL H 203 52.17 -14.18 -31.35
CA VAL H 203 51.25 -13.81 -32.43
C VAL H 203 50.23 -14.93 -32.66
N VAL H 204 50.71 -16.17 -32.71
CA VAL H 204 49.82 -17.32 -32.91
C VAL H 204 48.76 -17.36 -31.81
N PHE H 205 49.20 -17.21 -30.56
CA PHE H 205 48.29 -17.30 -29.42
C PHE H 205 47.24 -16.20 -29.46
N ARG H 206 47.65 -14.97 -29.79
CA ARG H 206 46.70 -13.88 -29.86
C ARG H 206 45.63 -14.16 -30.92
N ASN H 207 46.05 -14.64 -32.10
CA ASN H 207 45.08 -15.00 -33.13
C ASN H 207 44.06 -16.01 -32.60
N ALA H 208 44.55 -17.09 -31.99
CA ALA H 208 43.65 -18.14 -31.51
C ALA H 208 42.67 -17.58 -30.49
N LEU H 209 43.18 -16.78 -29.54
CA LEU H 209 42.33 -16.28 -28.48
C LEU H 209 41.23 -15.39 -29.03
N GLU H 210 41.55 -14.56 -30.03
CA GLU H 210 40.54 -13.62 -30.52
C GLU H 210 39.48 -14.33 -31.35
N ILE H 211 39.87 -15.38 -32.09
CA ILE H 211 38.85 -16.13 -32.82
C ILE H 211 37.93 -16.87 -31.86
N GLY H 212 38.51 -17.48 -30.82
CA GLY H 212 37.68 -18.17 -29.84
C GLY H 212 36.68 -17.24 -29.18
N PHE H 213 37.13 -16.04 -28.79
CA PHE H 213 36.23 -15.13 -28.09
C PHE H 213 35.11 -14.62 -29.01
N LEU H 214 35.42 -14.33 -30.27
CA LEU H 214 34.36 -13.89 -31.19
C LEU H 214 33.32 -14.99 -31.40
N VAL H 215 33.78 -16.23 -31.63
CA VAL H 215 32.83 -17.33 -31.80
C VAL H 215 31.97 -17.52 -30.55
N GLY H 216 32.58 -17.45 -29.37
CA GLY H 216 31.81 -17.59 -28.15
C GLY H 216 30.78 -16.51 -27.98
N GLN H 217 31.12 -15.26 -28.33
CA GLN H 217 30.14 -14.19 -28.28
C GLN H 217 28.93 -14.51 -29.16
N TYR H 218 29.19 -14.91 -30.41
CA TYR H 218 28.09 -15.26 -31.29
C TYR H 218 27.22 -16.37 -30.73
N PHE H 219 27.83 -17.40 -30.13
CA PHE H 219 27.05 -18.52 -29.63
C PHE H 219 26.33 -18.20 -28.33
N LEU H 220 26.83 -17.26 -27.53
CA LEU H 220 26.18 -16.92 -26.27
C LEU H 220 25.03 -15.94 -26.47
N TYR H 221 25.20 -14.92 -27.33
CA TYR H 221 24.25 -13.81 -27.34
C TYR H 221 23.52 -13.60 -28.66
N GLY H 222 24.08 -14.00 -29.80
CA GLY H 222 23.47 -13.70 -31.08
C GLY H 222 23.64 -12.26 -31.53
N PHE H 223 22.61 -11.68 -32.17
CA PHE H 223 22.70 -10.35 -32.76
C PHE H 223 21.64 -9.37 -32.31
N SER H 224 20.80 -9.71 -31.34
CA SER H 224 19.75 -8.78 -30.90
C SER H 224 19.32 -9.13 -29.48
N VAL H 225 18.74 -8.15 -28.82
CA VAL H 225 18.15 -8.32 -27.48
C VAL H 225 16.65 -8.02 -27.59
N PRO H 226 15.77 -9.01 -27.46
CA PRO H 226 14.33 -8.75 -27.55
C PRO H 226 13.76 -8.12 -26.29
N GLY H 227 12.61 -7.46 -26.48
CA GLY H 227 11.91 -6.80 -25.39
C GLY H 227 11.07 -7.71 -24.50
N LEU H 228 10.62 -8.86 -25.01
CA LEU H 228 9.85 -9.81 -24.22
C LEU H 228 10.62 -11.11 -24.02
N TYR H 229 10.35 -11.77 -22.91
CA TYR H 229 10.92 -13.07 -22.58
C TYR H 229 9.86 -13.98 -21.97
N GLU H 230 9.86 -15.24 -22.40
CA GLU H 230 8.91 -16.25 -21.95
C GLU H 230 9.63 -17.24 -21.04
N CYS H 231 9.13 -17.40 -19.81
CA CYS H 231 9.81 -18.11 -18.74
C CYS H 231 8.93 -19.24 -18.20
N ASN H 232 9.55 -20.39 -17.94
CA ASN H 232 8.87 -21.55 -17.38
C ASN H 232 9.71 -22.23 -16.31
N ARG H 233 10.29 -21.46 -15.39
CA ARG H 233 11.11 -22.01 -14.32
C ARG H 233 10.41 -21.91 -12.97
N TYR H 234 10.58 -22.96 -12.16
CA TYR H 234 10.09 -22.99 -10.80
C TYR H 234 10.67 -21.81 -10.00
N PRO H 235 9.87 -21.14 -9.16
CA PRO H 235 8.48 -21.41 -8.73
C PRO H 235 7.38 -20.81 -9.59
N CYS H 236 7.66 -20.33 -10.79
CA CYS H 236 6.62 -19.80 -11.67
C CYS H 236 5.68 -20.91 -12.11
N ILE H 237 4.38 -20.62 -12.03
CA ILE H 237 3.33 -21.52 -12.51
C ILE H 237 3.21 -21.40 -14.03
N LYS H 238 3.27 -22.55 -14.70
CA LYS H 238 3.30 -22.64 -16.16
C LYS H 238 4.21 -21.57 -16.78
N GLU H 239 3.80 -20.93 -17.88
CA GLU H 239 4.60 -19.92 -18.53
C GLU H 239 4.11 -18.51 -18.26
N VAL H 240 5.05 -17.60 -18.00
CA VAL H 240 4.81 -16.20 -17.66
C VAL H 240 5.56 -15.32 -18.66
N GLU H 241 5.12 -14.07 -18.75
CA GLU H 241 5.69 -13.07 -19.65
C GLU H 241 6.43 -12.00 -18.85
N CYS H 242 7.65 -11.68 -19.26
CA CYS H 242 8.50 -10.69 -18.59
C CYS H 242 8.98 -9.66 -19.60
N TYR H 243 9.44 -8.51 -19.07
CA TYR H 243 9.73 -7.32 -19.86
C TYR H 243 11.11 -6.76 -19.52
N VAL H 244 11.88 -6.44 -20.58
CA VAL H 244 13.29 -6.09 -20.47
C VAL H 244 13.48 -4.57 -20.49
N SER H 245 14.57 -4.13 -19.88
CA SER H 245 14.97 -2.72 -19.85
C SER H 245 15.99 -2.40 -20.94
N ARG H 246 15.78 -1.28 -21.63
CA ARG H 246 16.70 -0.75 -22.62
C ARG H 246 17.18 -1.73 -23.70
N PRO H 247 16.25 -2.39 -24.42
CA PRO H 247 16.71 -3.40 -25.39
C PRO H 247 17.42 -2.81 -26.62
N THR H 248 16.99 -1.65 -27.12
CA THR H 248 17.57 -1.08 -28.32
C THR H 248 19.02 -0.65 -28.13
N GLU H 249 19.32 0.03 -27.04
CA GLU H 249 20.68 0.45 -26.75
C GLU H 249 21.60 -0.76 -26.62
N LYS H 250 21.14 -1.82 -25.97
CA LYS H 250 21.94 -3.03 -25.81
C LYS H 250 22.17 -3.72 -27.15
N THR H 251 21.18 -3.72 -28.04
CA THR H 251 21.39 -4.25 -29.39
C THR H 251 22.46 -3.45 -30.15
N VAL H 252 22.39 -2.12 -30.05
CA VAL H 252 23.39 -1.29 -30.71
C VAL H 252 24.79 -1.60 -30.19
N PHE H 253 24.93 -1.71 -28.87
CA PHE H 253 26.22 -2.05 -28.26
C PHE H 253 26.73 -3.40 -28.73
N LEU H 254 25.86 -4.42 -28.75
CA LEU H 254 26.23 -5.73 -29.29
C LEU H 254 26.81 -5.64 -30.69
N VAL H 255 26.10 -4.95 -31.59
CA VAL H 255 26.54 -4.89 -32.99
C VAL H 255 27.87 -4.17 -33.11
N PHE H 256 28.03 -3.06 -32.40
CA PHE H 256 29.28 -2.31 -32.43
C PHE H 256 30.46 -3.17 -31.98
N MET H 257 30.28 -3.90 -30.87
CA MET H 257 31.38 -4.73 -30.36
C MET H 257 31.74 -5.84 -31.35
N PHE H 258 30.74 -6.48 -31.97
CA PHE H 258 31.05 -7.49 -32.97
C PHE H 258 31.85 -6.91 -34.13
N ALA H 259 31.48 -5.71 -34.59
CA ALA H 259 32.20 -5.10 -35.70
C ALA H 259 33.66 -4.85 -35.35
N VAL H 260 33.90 -4.27 -34.17
CA VAL H 260 35.29 -3.99 -33.75
C VAL H 260 36.11 -5.28 -33.68
N SER H 261 35.55 -6.32 -33.04
CA SER H 261 36.31 -7.56 -32.92
C SER H 261 36.59 -8.18 -34.28
N GLY H 262 35.65 -8.07 -35.22
CA GLY H 262 35.93 -8.55 -36.57
C GLY H 262 37.09 -7.83 -37.21
N ILE H 263 37.13 -6.50 -37.07
CA ILE H 263 38.27 -5.73 -37.60
C ILE H 263 39.57 -6.26 -37.02
N CYS H 264 39.60 -6.47 -35.70
CA CYS H 264 40.84 -6.94 -35.07
C CYS H 264 41.26 -8.31 -35.60
N VAL H 265 40.29 -9.22 -35.79
CA VAL H 265 40.61 -10.53 -36.34
C VAL H 265 41.24 -10.39 -37.72
N VAL H 266 40.64 -9.55 -38.57
CA VAL H 266 41.17 -9.38 -39.93
C VAL H 266 42.61 -8.89 -39.86
N LEU H 267 42.87 -7.88 -39.04
CA LEU H 267 44.21 -7.30 -38.98
C LEU H 267 45.24 -8.33 -38.50
N ASN H 268 44.90 -9.10 -37.47
CA ASN H 268 45.86 -10.09 -36.98
C ASN H 268 46.13 -11.18 -38.01
N LEU H 269 45.11 -11.61 -38.74
CA LEU H 269 45.39 -12.56 -39.83
C LEU H 269 46.28 -11.92 -40.89
N ALA H 270 46.06 -10.64 -41.16
CA ALA H 270 46.91 -9.92 -42.12
C ALA H 270 48.37 -10.06 -41.72
N GLU H 271 48.68 -9.72 -40.47
CA GLU H 271 50.08 -9.73 -40.03
C GLU H 271 50.64 -11.15 -39.98
N LEU H 272 49.83 -12.11 -39.52
CA LEU H 272 50.25 -13.50 -39.53
C LEU H 272 50.70 -13.92 -40.92
N ASN H 273 49.91 -13.58 -41.95
CA ASN H 273 50.30 -13.97 -43.30
C ASN H 273 51.45 -13.12 -43.81
N HIS H 274 51.63 -11.92 -43.25
CA HIS H 274 52.77 -11.10 -43.64
C HIS H 274 54.08 -11.74 -43.23
N LEU H 275 54.17 -12.25 -42.00
CA LEU H 275 55.41 -12.91 -41.59
C LEU H 275 55.51 -14.31 -42.19
N GLY H 276 54.45 -15.11 -42.08
CA GLY H 276 54.40 -16.39 -42.76
C GLY H 276 55.03 -17.53 -41.99
N SER I 19 46.25 35.58 -39.19
CA SER I 19 44.86 35.15 -39.33
C SER I 19 44.74 33.64 -39.16
N THR I 20 45.65 32.91 -39.81
CA THR I 20 45.77 31.46 -39.64
C THR I 20 46.47 31.09 -38.33
N MET I 21 47.15 32.04 -37.69
CA MET I 21 47.81 31.77 -36.42
C MET I 21 46.78 31.56 -35.31
N ILE I 22 45.83 32.48 -35.17
CA ILE I 22 44.85 32.39 -34.11
C ILE I 22 43.87 31.23 -34.32
N GLY I 23 43.65 30.81 -35.56
CA GLY I 23 42.68 29.75 -35.81
C GLY I 23 43.00 28.48 -35.06
N ARG I 24 44.29 28.10 -35.00
CA ARG I 24 44.69 26.91 -34.27
C ARG I 24 44.40 27.07 -32.78
N ILE I 25 44.69 28.25 -32.25
CA ILE I 25 44.51 28.50 -30.82
C ILE I 25 43.04 28.38 -30.46
N LEU I 26 42.18 28.96 -31.29
CA LEU I 26 40.76 28.92 -30.98
C LEU I 26 40.18 27.53 -31.20
N LEU I 27 40.69 26.78 -32.18
CA LEU I 27 40.21 25.41 -32.33
C LEU I 27 40.54 24.57 -31.10
N THR I 28 41.78 24.70 -30.61
CA THR I 28 42.17 23.96 -29.40
C THR I 28 41.33 24.36 -28.20
N VAL I 29 41.04 25.66 -28.08
CA VAL I 29 40.28 26.13 -26.91
C VAL I 29 38.84 25.64 -26.99
N VAL I 30 38.25 25.66 -28.18
CA VAL I 30 36.88 25.20 -28.34
C VAL I 30 36.78 23.71 -28.02
N VAL I 31 37.73 22.92 -28.51
CA VAL I 31 37.71 21.48 -28.25
C VAL I 31 37.78 21.21 -26.74
N ILE I 32 38.72 21.87 -26.05
CA ILE I 32 38.86 21.62 -24.62
C ILE I 32 37.61 22.06 -23.86
N PHE I 33 37.03 23.20 -24.25
CA PHE I 33 35.83 23.68 -23.59
C PHE I 33 34.69 22.68 -23.72
N ARG I 34 34.50 22.15 -24.93
CA ARG I 34 33.44 21.16 -25.14
C ARG I 34 33.66 19.92 -24.28
N ILE I 35 34.90 19.41 -24.27
CA ILE I 35 35.19 18.23 -23.45
C ILE I 35 34.89 18.49 -21.99
N LEU I 36 35.31 19.65 -21.47
CA LEU I 36 35.09 19.94 -20.06
C LEU I 36 33.61 20.02 -19.72
N ILE I 37 32.82 20.70 -20.55
CA ILE I 37 31.39 20.81 -20.29
C ILE I 37 30.75 19.44 -20.27
N VAL I 38 31.12 18.58 -21.22
CA VAL I 38 30.48 17.27 -21.27
C VAL I 38 30.90 16.43 -20.06
N ALA I 39 32.18 16.48 -19.70
CA ALA I 39 32.72 15.59 -18.66
C ALA I 39 32.27 15.96 -17.26
N ILE I 40 32.10 17.24 -16.94
CA ILE I 40 31.90 17.59 -15.53
C ILE I 40 30.44 17.56 -15.11
N VAL I 41 29.52 18.05 -15.93
CA VAL I 41 28.14 18.21 -15.51
C VAL I 41 27.16 17.27 -16.20
N GLY I 42 27.39 16.92 -17.47
CA GLY I 42 26.38 16.18 -18.22
C GLY I 42 26.03 14.81 -17.66
N GLU I 43 26.89 14.16 -16.95
CA GLU I 43 26.50 12.85 -16.51
C GLU I 43 25.45 12.86 -15.41
N THR I 44 25.11 14.02 -14.85
CA THR I 44 24.24 14.08 -13.68
C THR I 44 22.89 14.72 -13.96
N VAL I 45 22.70 15.31 -15.14
CA VAL I 45 21.38 15.69 -15.61
C VAL I 45 20.56 14.48 -16.02
N TYR I 46 21.20 13.51 -16.68
CA TYR I 46 20.55 12.31 -17.21
C TYR I 46 20.48 11.15 -16.23
N ASP I 47 21.01 11.27 -15.03
CA ASP I 47 21.05 10.14 -14.10
C ASP I 47 19.67 9.56 -13.79
N ASP I 48 18.66 10.40 -13.57
CA ASP I 48 17.32 9.94 -13.24
C ASP I 48 16.38 9.84 -14.45
N GLU I 49 16.90 9.55 -15.65
CA GLU I 49 16.06 9.68 -16.84
C GLU I 49 14.89 8.70 -16.84
N GLN I 50 15.13 7.46 -16.46
CA GLN I 50 14.10 6.41 -16.48
C GLN I 50 13.36 6.25 -15.16
N THR I 51 14.01 6.57 -14.04
CA THR I 51 13.38 6.44 -12.73
C THR I 51 12.25 7.45 -12.52
N MET I 52 12.34 8.63 -13.15
CA MET I 52 11.30 9.64 -13.09
C MET I 52 10.43 9.72 -14.35
N PHE I 53 10.52 8.72 -15.22
CA PHE I 53 9.60 8.58 -16.36
C PHE I 53 8.37 7.79 -15.93
N VAL I 54 7.18 8.35 -16.21
CA VAL I 54 5.93 7.77 -15.74
C VAL I 54 4.84 7.91 -16.79
N CYS I 55 3.99 6.88 -16.88
CA CYS I 55 2.86 6.82 -17.81
C CYS I 55 1.57 6.60 -17.03
N ASN I 56 0.46 7.09 -17.58
CA ASN I 56 -0.87 6.95 -16.97
C ASN I 56 -1.49 5.64 -17.43
N THR I 57 -1.34 4.60 -16.61
CA THR I 57 -1.71 3.24 -16.99
C THR I 57 -1.61 2.33 -15.76
N LEU I 58 -2.26 1.18 -15.86
CA LEU I 58 -2.18 0.13 -14.85
C LEU I 58 -1.60 -1.17 -15.40
N GLN I 59 -1.05 -1.13 -16.61
CA GLN I 59 -0.55 -2.30 -17.33
C GLN I 59 0.93 -2.53 -17.00
N PRO I 60 1.31 -3.71 -16.53
CA PRO I 60 2.74 -3.97 -16.28
C PRO I 60 3.55 -4.06 -17.58
N GLY I 61 4.70 -3.40 -17.59
CA GLY I 61 5.58 -3.40 -18.75
C GLY I 61 5.41 -2.25 -19.72
N CYS I 62 4.42 -1.38 -19.53
CA CYS I 62 4.18 -0.32 -20.50
C CYS I 62 5.22 0.79 -20.38
N ASN I 63 5.64 1.10 -19.15
CA ASN I 63 6.67 2.12 -18.94
C ASN I 63 7.97 1.76 -19.64
N GLN I 64 8.39 0.51 -19.54
CA GLN I 64 9.62 0.07 -20.21
C GLN I 64 9.54 0.28 -21.72
N ALA I 65 8.48 -0.20 -22.35
CA ALA I 65 8.34 -0.07 -23.79
C ALA I 65 8.26 1.39 -24.24
N CYS I 66 7.53 2.21 -23.50
CA CYS I 66 7.36 3.60 -23.93
C CYS I 66 8.63 4.41 -23.70
N TYR I 67 9.35 4.18 -22.59
CA TYR I 67 10.64 4.82 -22.42
C TYR I 67 11.62 4.41 -23.52
N ASP I 68 11.65 3.13 -23.87
CA ASP I 68 12.57 2.66 -24.90
C ASP I 68 12.24 3.29 -26.25
N ARG I 69 10.95 3.45 -26.56
CA ARG I 69 10.56 4.08 -27.82
C ARG I 69 10.81 5.58 -27.85
N ALA I 70 10.66 6.26 -26.71
CA ALA I 70 10.91 7.70 -26.68
C ALA I 70 12.39 8.06 -26.71
N PHE I 71 13.25 7.28 -26.04
CA PHE I 71 14.69 7.59 -25.94
C PHE I 71 15.51 6.37 -26.31
N PRO I 72 15.67 6.10 -27.60
CA PRO I 72 16.42 4.89 -28.02
C PRO I 72 17.89 4.91 -27.64
N ILE I 73 18.59 6.01 -27.92
CA ILE I 73 19.94 6.26 -27.47
C ILE I 73 19.97 7.59 -26.75
N SER I 74 20.46 7.59 -25.51
CA SER I 74 20.55 8.79 -24.70
C SER I 74 21.57 9.78 -25.28
N HIS I 75 21.29 11.07 -25.05
CA HIS I 75 22.13 12.13 -25.61
C HIS I 75 23.58 11.97 -25.18
N ILE I 76 23.81 11.66 -23.91
CA ILE I 76 25.15 11.65 -23.34
C ILE I 76 26.00 10.55 -23.96
N ARG I 77 25.40 9.40 -24.27
CA ARG I 77 26.12 8.33 -24.97
C ARG I 77 26.57 8.78 -26.36
N TYR I 78 25.66 9.40 -27.12
CA TYR I 78 25.99 9.91 -28.44
C TYR I 78 27.12 10.94 -28.38
N TRP I 79 27.07 11.85 -27.41
CA TRP I 79 28.10 12.88 -27.32
C TRP I 79 29.45 12.31 -26.93
N VAL I 80 29.49 11.36 -26.00
CA VAL I 80 30.77 10.72 -25.67
C VAL I 80 31.34 10.01 -26.89
N PHE I 81 30.50 9.27 -27.60
CA PHE I 81 31.00 8.57 -28.79
C PHE I 81 31.57 9.54 -29.82
N GLN I 82 30.82 10.62 -30.10
CA GLN I 82 31.31 11.61 -31.05
C GLN I 82 32.63 12.23 -30.62
N ILE I 83 32.74 12.62 -29.35
CA ILE I 83 33.97 13.23 -28.86
C ILE I 83 35.15 12.29 -29.05
N ILE I 84 34.97 11.01 -28.72
CA ILE I 84 36.08 10.07 -28.86
C ILE I 84 36.42 9.85 -30.33
N MET I 85 35.41 9.74 -31.20
CA MET I 85 35.69 9.43 -32.59
C MET I 85 36.31 10.60 -33.34
N VAL I 86 36.04 11.85 -32.95
CA VAL I 86 36.67 12.98 -33.64
C VAL I 86 38.10 13.25 -33.22
N CYS I 87 38.68 12.47 -32.31
CA CYS I 87 40.06 12.66 -31.89
C CYS I 87 40.98 11.53 -32.35
N THR I 88 40.50 10.64 -33.21
CA THR I 88 41.27 9.47 -33.63
C THR I 88 42.35 9.82 -34.65
N PRO I 89 42.09 10.71 -35.62
CA PRO I 89 43.16 11.06 -36.56
C PRO I 89 44.39 11.66 -35.88
N SER I 90 44.21 12.48 -34.85
CA SER I 90 45.35 12.99 -34.11
C SER I 90 46.14 11.86 -33.48
N LEU I 91 45.45 10.90 -32.86
CA LEU I 91 46.15 9.77 -32.25
C LEU I 91 46.92 8.97 -33.30
N CYS I 92 46.32 8.77 -34.47
CA CYS I 92 47.01 8.07 -35.54
C CYS I 92 48.27 8.82 -35.95
N PHE I 93 48.16 10.13 -36.16
CA PHE I 93 49.32 10.92 -36.55
C PHE I 93 50.42 10.85 -35.50
N ILE I 94 50.04 10.89 -34.22
CA ILE I 94 51.03 10.84 -33.15
C ILE I 94 51.72 9.48 -33.15
N THR I 95 50.96 8.40 -33.27
CA THR I 95 51.53 7.07 -33.27
C THR I 95 52.47 6.88 -34.46
N TYR I 96 52.08 7.40 -35.63
CA TYR I 96 52.97 7.34 -36.78
C TYR I 96 54.27 8.07 -36.51
N SER I 97 54.19 9.31 -36.02
CA SER I 97 55.43 10.06 -35.83
C SER I 97 56.30 9.40 -34.76
N VAL I 98 55.68 8.82 -33.73
CA VAL I 98 56.44 8.11 -32.71
C VAL I 98 57.13 6.89 -33.30
N HIS I 99 56.45 6.16 -34.19
CA HIS I 99 57.10 5.02 -34.82
C HIS I 99 58.23 5.46 -35.73
N GLN I 100 58.08 6.62 -36.39
CA GLN I 100 59.11 7.10 -37.28
C GLN I 100 60.44 7.29 -36.56
N SER I 101 60.42 7.44 -35.24
CA SER I 101 61.61 7.72 -34.45
C SER I 101 62.30 6.43 -34.04
N GLY I 194 56.69 11.20 -45.98
CA GLY I 194 55.57 12.00 -46.45
C GLY I 194 54.67 12.48 -45.32
N ILE I 195 55.25 13.25 -44.40
CA ILE I 195 54.49 13.75 -43.26
C ILE I 195 53.38 14.68 -43.72
N SER I 196 53.66 15.49 -44.76
CA SER I 196 52.69 16.47 -45.22
C SER I 196 51.46 15.79 -45.81
N ARG I 197 51.65 14.66 -46.48
CA ARG I 197 50.51 13.90 -46.99
C ARG I 197 49.63 13.44 -45.84
N PHE I 198 50.25 12.97 -44.74
CA PHE I 198 49.47 12.58 -43.57
C PHE I 198 48.70 13.77 -43.00
N TYR I 199 49.34 14.95 -42.96
CA TYR I 199 48.64 16.13 -42.47
C TYR I 199 47.39 16.42 -43.30
N ILE I 200 47.55 16.41 -44.62
CA ILE I 200 46.43 16.69 -45.51
C ILE I 200 45.30 15.69 -45.26
N ILE I 201 45.65 14.41 -45.24
CA ILE I 201 44.62 13.37 -45.15
C ILE I 201 43.89 13.47 -43.82
N GLN I 202 44.62 13.68 -42.72
CA GLN I 202 43.95 13.73 -41.43
C GLN I 202 43.04 14.96 -41.34
N VAL I 203 43.42 16.08 -41.96
CA VAL I 203 42.54 17.24 -41.96
C VAL I 203 41.25 16.93 -42.71
N VAL I 204 41.38 16.29 -43.87
CA VAL I 204 40.20 15.91 -44.66
C VAL I 204 39.29 15.02 -43.84
N PHE I 205 39.86 14.01 -43.19
CA PHE I 205 39.07 13.05 -42.43
C PHE I 205 38.35 13.72 -41.27
N ARG I 206 39.03 14.62 -40.56
CA ARG I 206 38.40 15.31 -39.45
C ARG I 206 37.20 16.12 -39.94
N ASN I 207 37.38 16.85 -41.04
CA ASN I 207 36.25 17.60 -41.60
C ASN I 207 35.05 16.68 -41.87
N ALA I 208 35.29 15.57 -42.57
CA ALA I 208 34.19 14.67 -42.93
C ALA I 208 33.50 14.15 -41.68
N LEU I 209 34.29 13.74 -40.68
CA LEU I 209 33.70 13.14 -39.49
C LEU I 209 32.82 14.14 -38.75
N GLU I 210 33.26 15.41 -38.69
CA GLU I 210 32.50 16.37 -37.90
C GLU I 210 31.22 16.77 -38.62
N ILE I 211 31.24 16.83 -39.95
CA ILE I 211 30.00 17.13 -40.66
C ILE I 211 29.01 15.97 -40.52
N GLY I 212 29.50 14.74 -40.63
CA GLY I 212 28.62 13.60 -40.45
C GLY I 212 27.96 13.58 -39.08
N PHE I 213 28.74 13.85 -38.04
CA PHE I 213 28.18 13.78 -36.69
C PHE I 213 27.16 14.89 -36.45
N LEU I 214 27.41 16.11 -36.95
CA LEU I 214 26.43 17.18 -36.79
C LEU I 214 25.12 16.86 -37.50
N VAL I 215 25.21 16.37 -38.74
CA VAL I 215 24.00 16.00 -39.47
C VAL I 215 23.23 14.90 -38.74
N GLY I 216 23.95 13.88 -38.25
CA GLY I 216 23.28 12.82 -37.52
C GLY I 216 22.60 13.30 -36.26
N GLN I 217 23.22 14.23 -35.54
CA GLN I 217 22.56 14.81 -34.36
C GLN I 217 21.24 15.46 -34.74
N TYR I 218 21.26 16.29 -35.80
CA TYR I 218 20.03 16.94 -36.23
C TYR I 218 18.96 15.94 -36.60
N PHE I 219 19.34 14.85 -37.29
CA PHE I 219 18.34 13.88 -37.73
C PHE I 219 17.85 12.99 -36.60
N LEU I 220 18.65 12.77 -35.57
CA LEU I 220 18.23 11.91 -34.46
C LEU I 220 17.37 12.66 -33.45
N TYR I 221 17.71 13.92 -33.12
CA TYR I 221 17.10 14.57 -31.97
C TYR I 221 16.32 15.84 -32.28
N GLY I 222 16.66 16.56 -33.34
CA GLY I 222 16.03 17.85 -33.59
C GLY I 222 16.53 18.98 -32.70
N PHE I 223 15.64 19.90 -32.29
CA PHE I 223 16.02 21.08 -31.55
C PHE I 223 15.30 21.27 -30.22
N SER I 224 14.48 20.32 -29.76
CA SER I 224 13.78 20.49 -28.50
C SER I 224 13.40 19.13 -27.93
N VAL I 225 13.16 19.11 -26.63
CA VAL I 225 12.68 17.93 -25.91
C VAL I 225 11.31 18.26 -25.32
N PRO I 226 10.21 17.69 -25.82
CA PRO I 226 8.89 18.00 -25.26
C PRO I 226 8.63 17.28 -23.94
N GLY I 227 7.68 17.85 -23.18
CA GLY I 227 7.28 17.31 -21.90
C GLY I 227 6.32 16.14 -21.94
N LEU I 228 5.54 16.00 -23.01
CA LEU I 228 4.61 14.88 -23.18
C LEU I 228 5.03 13.98 -24.34
N TYR I 229 4.70 12.70 -24.22
CA TYR I 229 4.93 11.72 -25.26
C TYR I 229 3.74 10.78 -25.40
N GLU I 230 3.37 10.49 -26.64
CA GLU I 230 2.23 9.64 -26.98
C GLU I 230 2.75 8.30 -27.49
N CYS I 231 2.33 7.21 -26.86
CA CYS I 231 2.90 5.88 -27.05
C CYS I 231 1.81 4.90 -27.46
N ASN I 232 2.14 4.02 -28.41
CA ASN I 232 1.22 2.99 -28.89
C ASN I 232 1.94 1.66 -29.11
N ARG I 233 2.79 1.26 -28.17
CA ARG I 233 3.53 0.01 -28.29
C ARG I 233 3.02 -1.05 -27.32
N TYR I 234 2.98 -2.29 -27.81
CA TYR I 234 2.63 -3.44 -26.98
C TYR I 234 3.56 -3.53 -25.78
N PRO I 235 3.06 -3.85 -24.57
CA PRO I 235 1.69 -4.27 -24.19
C PRO I 235 0.71 -3.16 -23.85
N CYS I 236 1.00 -1.91 -24.16
CA CYS I 236 0.05 -0.83 -23.90
C CYS I 236 -1.19 -0.97 -24.77
N ILE I 237 -2.35 -0.80 -24.15
CA ILE I 237 -3.64 -0.80 -24.84
C ILE I 237 -3.86 0.56 -25.50
N LYS I 238 -4.17 0.53 -26.79
CA LYS I 238 -4.30 1.73 -27.62
C LYS I 238 -3.20 2.75 -27.33
N GLU I 239 -3.53 4.04 -27.27
CA GLU I 239 -2.55 5.08 -26.99
C GLU I 239 -2.63 5.62 -25.57
N VAL I 240 -1.46 5.80 -24.96
CA VAL I 240 -1.29 6.27 -23.59
C VAL I 240 -0.44 7.53 -23.60
N GLU I 241 -0.54 8.29 -22.51
CA GLU I 241 0.19 9.53 -22.32
C GLU I 241 1.25 9.37 -21.24
N CYS I 242 2.48 9.82 -21.53
CA CYS I 242 3.62 9.71 -20.62
C CYS I 242 4.26 11.08 -20.42
N TYR I 243 5.05 11.21 -19.34
CA TYR I 243 5.57 12.48 -18.86
C TYR I 243 7.07 12.39 -18.62
N VAL I 244 7.79 13.41 -19.12
CA VAL I 244 9.25 13.42 -19.16
C VAL I 244 9.83 14.22 -17.98
N SER I 245 11.06 13.86 -17.60
CA SER I 245 11.81 14.55 -16.56
C SER I 245 12.77 15.58 -17.15
N ARG I 246 12.80 16.77 -16.54
CA ARG I 246 13.73 17.83 -16.87
C ARG I 246 13.83 18.21 -18.35
N PRO I 247 12.70 18.53 -19.00
CA PRO I 247 12.79 18.80 -20.45
C PRO I 247 13.51 20.11 -20.80
N THR I 248 13.36 21.17 -20.00
CA THR I 248 13.95 22.47 -20.32
C THR I 248 15.47 22.44 -20.27
N GLU I 249 16.04 21.84 -19.22
CA GLU I 249 17.48 21.72 -19.12
C GLU I 249 18.07 20.93 -20.28
N LYS I 250 17.40 19.86 -20.68
CA LYS I 250 17.87 19.04 -21.79
C LYS I 250 17.78 19.80 -23.12
N THR I 251 16.74 20.62 -23.30
CA THR I 251 16.69 21.47 -24.49
C THR I 251 17.85 22.47 -24.52
N VAL I 252 18.14 23.08 -23.38
CA VAL I 252 19.26 24.02 -23.31
C VAL I 252 20.57 23.33 -23.68
N PHE I 253 20.80 22.15 -23.12
CA PHE I 253 22.00 21.37 -23.43
C PHE I 253 22.10 21.03 -24.92
N LEU I 254 20.99 20.57 -25.51
CA LEU I 254 20.95 20.32 -26.95
C LEU I 254 21.40 21.53 -27.76
N VAL I 255 20.82 22.70 -27.48
CA VAL I 255 21.12 23.88 -28.28
C VAL I 255 22.58 24.29 -28.12
N PHE I 256 23.09 24.25 -26.89
CA PHE I 256 24.48 24.59 -26.64
C PHE I 256 25.44 23.68 -27.42
N MET I 257 25.18 22.37 -27.40
CA MET I 257 26.06 21.45 -28.11
C MET I 257 26.02 21.68 -29.62
N PHE I 258 24.84 21.93 -30.18
CA PHE I 258 24.77 22.25 -31.60
C PHE I 258 25.59 23.49 -31.94
N ALA I 259 25.50 24.53 -31.11
CA ALA I 259 26.25 25.75 -31.40
C ALA I 259 27.75 25.49 -31.41
N VAL I 260 28.25 24.77 -30.39
CA VAL I 260 29.69 24.48 -30.33
C VAL I 260 30.14 23.69 -31.55
N SER I 261 29.40 22.64 -31.92
CA SER I 261 29.81 21.84 -33.07
C SER I 261 29.78 22.65 -34.36
N GLY I 262 28.82 23.57 -34.50
CA GLY I 262 28.84 24.46 -35.66
C GLY I 262 30.09 25.31 -35.71
N ILE I 263 30.49 25.88 -34.58
CA ILE I 263 31.73 26.66 -34.54
C ILE I 263 32.90 25.81 -35.03
N CYS I 264 33.00 24.58 -34.53
CA CYS I 264 34.12 23.71 -34.91
C CYS I 264 34.11 23.43 -36.41
N VAL I 265 32.93 23.18 -36.98
CA VAL I 265 32.83 22.94 -38.43
C VAL I 265 33.34 24.16 -39.20
N VAL I 266 32.91 25.35 -38.79
CA VAL I 266 33.33 26.55 -39.50
C VAL I 266 34.86 26.67 -39.46
N LEU I 267 35.45 26.47 -38.29
CA LEU I 267 36.90 26.65 -38.15
C LEU I 267 37.66 25.64 -39.02
N ASN I 268 37.23 24.38 -39.02
CA ASN I 268 37.93 23.39 -39.83
C ASN I 268 37.81 23.68 -41.31
N LEU I 269 36.64 24.15 -41.77
CA LEU I 269 36.57 24.55 -43.17
C LEU I 269 37.48 25.74 -43.44
N ALA I 270 37.59 26.66 -42.50
CA ALA I 270 38.50 27.79 -42.64
C ALA I 270 39.91 27.29 -42.94
N GLU I 271 40.41 26.38 -42.11
CA GLU I 271 41.80 25.92 -42.26
C GLU I 271 41.96 25.11 -43.55
N LEU I 272 40.98 24.26 -43.86
CA LEU I 272 41.01 23.51 -45.12
C LEU I 272 41.19 24.44 -46.29
N ASN I 273 40.44 25.55 -46.34
CA ASN I 273 40.58 26.47 -47.46
C ASN I 273 41.87 27.28 -47.35
N HIS I 274 42.40 27.43 -46.13
CA HIS I 274 43.68 28.11 -45.98
C HIS I 274 44.81 27.34 -46.65
N LEU I 275 44.87 26.03 -46.45
CA LEU I 275 45.92 25.26 -47.11
C LEU I 275 45.59 25.04 -48.58
N GLY I 276 44.38 24.58 -48.88
CA GLY I 276 43.93 24.51 -50.26
C GLY I 276 44.31 23.21 -50.95
N SER J 19 50.12 49.10 -4.03
CA SER J 19 48.67 49.08 -4.09
C SER J 19 48.18 48.16 -5.19
N THR J 20 48.80 48.28 -6.36
CA THR J 20 48.55 47.37 -7.48
C THR J 20 49.24 46.02 -7.29
N MET J 21 50.20 45.94 -6.38
CA MET J 21 50.89 44.67 -6.12
C MET J 21 49.95 43.67 -5.43
N ILE J 22 49.28 44.10 -4.36
CA ILE J 22 48.42 43.20 -3.62
C ILE J 22 47.16 42.83 -4.39
N GLY J 23 46.72 43.68 -5.32
CA GLY J 23 45.48 43.41 -6.04
C GLY J 23 45.52 42.08 -6.78
N ARG J 24 46.67 41.77 -7.39
CA ARG J 24 46.80 40.49 -8.10
C ARG J 24 46.71 39.32 -7.12
N ILE J 25 47.35 39.47 -5.97
CA ILE J 25 47.38 38.39 -4.97
C ILE J 25 45.97 38.11 -4.49
N LEU J 26 45.22 39.17 -4.21
CA LEU J 26 43.87 38.97 -3.70
C LEU J 26 42.93 38.47 -4.77
N LEU J 27 43.13 38.88 -6.03
CA LEU J 27 42.30 38.33 -7.09
C LEU J 27 42.51 36.82 -7.23
N THR J 28 43.77 36.39 -7.21
CA THR J 28 44.06 34.96 -7.29
C THR J 28 43.48 34.20 -6.11
N VAL J 29 43.56 34.78 -4.91
CA VAL J 29 43.05 34.09 -3.72
C VAL J 29 41.54 33.98 -3.76
N VAL J 30 40.87 35.05 -4.21
CA VAL J 30 39.41 35.02 -4.29
C VAL J 30 38.95 33.99 -5.29
N VAL J 31 39.61 33.93 -6.46
CA VAL J 31 39.24 32.96 -7.47
C VAL J 31 39.38 31.53 -6.94
N ILE J 32 40.51 31.23 -6.30
CA ILE J 32 40.72 29.87 -5.80
C ILE J 32 39.71 29.54 -4.72
N PHE J 33 39.42 30.50 -3.83
CA PHE J 33 38.44 30.26 -2.77
C PHE J 33 37.09 29.91 -3.34
N ARG J 34 36.64 30.67 -4.34
CA ARG J 34 35.35 30.40 -4.97
C ARG J 34 35.32 29.01 -5.60
N ILE J 35 36.37 28.66 -6.33
CA ILE J 35 36.41 27.33 -6.96
C ILE J 35 36.33 26.23 -5.90
N LEU J 36 37.09 26.38 -4.80
CA LEU J 36 37.08 25.34 -3.77
C LEU J 36 35.71 25.17 -3.13
N ILE J 37 35.06 26.29 -2.80
CA ILE J 37 33.75 26.22 -2.18
C ILE J 37 32.76 25.53 -3.11
N VAL J 38 32.81 25.86 -4.40
CA VAL J 38 31.84 25.25 -5.32
C VAL J 38 32.13 23.76 -5.48
N ALA J 39 33.41 23.40 -5.60
CA ALA J 39 33.79 22.04 -5.93
C ALA J 39 33.59 21.05 -4.79
N ILE J 40 33.79 21.46 -3.54
CA ILE J 40 33.83 20.46 -2.47
C ILE J 40 32.46 20.17 -1.88
N VAL J 41 31.62 21.19 -1.66
CA VAL J 41 30.38 20.99 -0.93
C VAL J 41 29.12 21.16 -1.79
N GLY J 42 29.13 22.03 -2.79
CA GLY J 42 27.90 22.34 -3.51
C GLY J 42 27.25 21.17 -4.24
N GLU J 43 27.98 20.17 -4.62
CA GLU J 43 27.31 19.13 -5.36
C GLU J 43 26.40 18.28 -4.49
N THR J 44 26.42 18.43 -3.17
CA THR J 44 25.71 17.52 -2.27
C THR J 44 24.57 18.17 -1.52
N VAL J 45 24.44 19.49 -1.61
CA VAL J 45 23.22 20.18 -1.17
C VAL J 45 22.07 19.94 -2.15
N TYR J 46 22.36 19.96 -3.45
CA TYR J 46 21.38 19.81 -4.53
C TYR J 46 21.09 18.37 -4.95
N ASP J 47 21.76 17.39 -4.36
CA ASP J 47 21.58 16.01 -4.81
C ASP J 47 20.13 15.53 -4.75
N ASP J 48 19.40 15.84 -3.68
CA ASP J 48 18.01 15.39 -3.52
C ASP J 48 16.98 16.42 -3.96
N GLU J 49 17.29 17.26 -4.95
CA GLU J 49 16.42 18.40 -5.25
C GLU J 49 15.03 17.96 -5.71
N GLN J 50 14.97 16.96 -6.60
CA GLN J 50 13.71 16.51 -7.17
C GLN J 50 13.08 15.34 -6.42
N THR J 51 13.88 14.52 -5.76
CA THR J 51 13.36 13.37 -5.01
C THR J 51 12.57 13.79 -3.77
N MET J 52 12.89 14.94 -3.18
CA MET J 52 12.18 15.48 -2.03
C MET J 52 11.25 16.65 -2.39
N PHE J 53 10.98 16.85 -3.68
CA PHE J 53 9.97 17.80 -4.12
C PHE J 53 8.61 17.10 -4.19
N VAL J 54 7.59 17.70 -3.57
CA VAL J 54 6.28 17.07 -3.46
C VAL J 54 5.17 18.11 -3.59
N CYS J 55 4.07 17.71 -4.24
CA CYS J 55 2.89 18.53 -4.45
C CYS J 55 1.67 17.82 -3.89
N ASN J 56 0.68 18.61 -3.46
CA ASN J 56 -0.58 18.11 -2.90
C ASN J 56 -1.57 17.85 -4.04
N THR J 57 -1.61 16.59 -4.50
CA THR J 57 -2.36 16.24 -5.70
C THR J 57 -2.39 14.72 -5.82
N LEU J 58 -3.33 14.23 -6.63
CA LEU J 58 -3.44 12.82 -6.99
C LEU J 58 -3.28 12.59 -8.48
N GLN J 59 -2.84 13.59 -9.22
CA GLN J 59 -2.74 13.56 -10.68
C GLN J 59 -1.36 13.08 -11.09
N PRO J 60 -1.24 12.04 -11.92
CA PRO J 60 0.08 11.61 -12.40
C PRO J 60 0.70 12.61 -13.36
N GLY J 61 1.99 12.89 -13.14
CA GLY J 61 2.73 13.83 -13.97
C GLY J 61 2.77 15.26 -13.50
N CYS J 62 2.07 15.61 -12.43
CA CYS J 62 2.02 17.01 -12.00
C CYS J 62 3.33 17.42 -11.32
N ASN J 63 3.93 16.51 -10.56
CA ASN J 63 5.20 16.80 -9.90
C ASN J 63 6.30 17.13 -10.90
N GLN J 64 6.38 16.36 -12.00
CA GLN J 64 7.38 16.64 -13.03
C GLN J 64 7.22 18.04 -13.62
N ALA J 65 6.01 18.39 -14.04
CA ALA J 65 5.77 19.69 -14.64
C ALA J 65 6.05 20.83 -13.67
N CYS J 66 5.62 20.68 -12.42
CA CYS J 66 5.80 21.77 -11.47
C CYS J 66 7.24 21.94 -11.04
N TYR J 67 7.97 20.82 -10.86
CA TYR J 67 9.41 20.94 -10.60
C TYR J 67 10.13 21.60 -11.76
N ASP J 68 9.79 21.22 -13.00
CA ASP J 68 10.45 21.80 -14.15
C ASP J 68 10.18 23.29 -14.25
N ARG J 69 8.96 23.72 -13.93
CA ARG J 69 8.62 25.15 -13.97
C ARG J 69 9.26 25.93 -12.83
N ALA J 70 9.40 25.34 -11.64
CA ALA J 70 10.02 26.04 -10.53
C ALA J 70 11.54 26.18 -10.67
N PHE J 71 12.22 25.14 -11.17
CA PHE J 71 13.69 25.13 -11.27
C PHE J 71 14.12 24.75 -12.68
N PRO J 72 14.08 25.70 -13.61
CA PRO J 72 14.45 25.38 -15.01
C PRO J 72 15.90 24.99 -15.20
N ILE J 73 16.83 25.76 -14.64
CA ILE J 73 18.24 25.41 -14.58
C ILE J 73 18.69 25.50 -13.13
N SER J 74 19.27 24.41 -12.63
CA SER J 74 19.75 24.35 -11.25
C SER J 74 20.93 25.30 -11.03
N HIS J 75 21.03 25.79 -9.79
CA HIS J 75 22.06 26.77 -9.45
C HIS J 75 23.46 26.24 -9.75
N ILE J 76 23.71 24.97 -9.41
CA ILE J 76 25.05 24.41 -9.49
C ILE J 76 25.53 24.31 -10.94
N ARG J 77 24.61 24.00 -11.87
CA ARG J 77 24.96 24.01 -13.29
C ARG J 77 25.37 25.39 -13.76
N TYR J 78 24.59 26.41 -13.41
CA TYR J 78 24.92 27.78 -13.77
C TYR J 78 26.28 28.20 -13.21
N TRP J 79 26.56 27.84 -11.95
CA TRP J 79 27.83 28.26 -11.36
C TRP J 79 29.02 27.54 -11.99
N VAL J 80 28.89 26.25 -12.28
CA VAL J 80 29.98 25.56 -12.97
C VAL J 80 30.23 26.20 -14.34
N PHE J 81 29.17 26.46 -15.09
CA PHE J 81 29.34 27.08 -16.40
C PHE J 81 30.05 28.42 -16.30
N GLN J 82 29.60 29.28 -15.37
CA GLN J 82 30.23 30.58 -15.19
C GLN J 82 31.70 30.44 -14.82
N ILE J 83 32.03 29.57 -13.88
CA ILE J 83 33.42 29.39 -13.47
C ILE J 83 34.29 28.99 -14.66
N ILE J 84 33.81 28.04 -15.47
CA ILE J 84 34.60 27.61 -16.62
C ILE J 84 34.74 28.73 -17.65
N MET J 85 33.66 29.47 -17.91
CA MET J 85 33.71 30.49 -18.95
C MET J 85 34.56 31.69 -18.56
N VAL J 86 34.66 32.01 -17.27
CA VAL J 86 35.50 33.16 -16.89
C VAL J 86 36.98 32.86 -16.84
N CYS J 87 37.42 31.64 -17.16
CA CYS J 87 38.83 31.30 -17.17
C CYS J 87 39.38 31.05 -18.57
N THR J 88 38.60 31.33 -19.61
CA THR J 88 38.99 31.04 -20.98
C THR J 88 40.02 32.03 -21.52
N PRO J 89 39.92 33.33 -21.23
CA PRO J 89 40.95 34.25 -21.72
C PRO J 89 42.36 33.91 -21.23
N SER J 90 42.49 33.48 -19.97
CA SER J 90 43.79 33.05 -19.49
C SER J 90 44.31 31.86 -20.30
N LEU J 91 43.45 30.87 -20.57
CA LEU J 91 43.89 29.72 -21.36
C LEU J 91 44.32 30.15 -22.75
N CYS J 92 43.58 31.09 -23.36
CA CYS J 92 43.96 31.59 -24.67
C CYS J 92 45.32 32.25 -24.62
N PHE J 93 45.54 33.12 -23.63
CA PHE J 93 46.83 33.79 -23.51
C PHE J 93 47.97 32.79 -23.32
N ILE J 94 47.74 31.75 -22.52
CA ILE J 94 48.78 30.75 -22.28
C ILE J 94 49.08 30.00 -23.58
N THR J 95 48.04 29.59 -24.31
CA THR J 95 48.25 28.87 -25.55
C THR J 95 48.98 29.72 -26.57
N TYR J 96 48.64 31.00 -26.65
CA TYR J 96 49.36 31.91 -27.53
C TYR J 96 50.83 31.97 -27.15
N SER J 97 51.13 32.21 -25.88
CA SER J 97 52.54 32.36 -25.50
C SER J 97 53.30 31.06 -25.72
N VAL J 98 52.65 29.92 -25.48
CA VAL J 98 53.28 28.63 -25.75
C VAL J 98 53.57 28.44 -27.23
N HIS J 99 52.64 28.87 -28.10
CA HIS J 99 52.90 28.78 -29.53
C HIS J 99 54.02 29.71 -29.94
N GLN J 100 54.12 30.88 -29.30
CA GLN J 100 55.16 31.82 -29.66
C GLN J 100 56.55 31.23 -29.50
N SER J 101 56.69 30.19 -28.69
CA SER J 101 57.98 29.60 -28.37
C SER J 101 58.34 28.53 -29.40
N GLY J 194 53.10 41.52 -30.17
CA GLY J 194 52.19 42.40 -29.47
C GLY J 194 51.56 41.75 -28.24
N ILE J 195 52.41 41.33 -27.30
CA ILE J 195 51.92 40.67 -26.09
C ILE J 195 51.05 41.62 -25.28
N SER J 196 51.42 42.90 -25.24
CA SER J 196 50.71 43.86 -24.41
C SER J 196 49.30 44.08 -24.93
N ARG J 197 49.13 44.06 -26.25
CA ARG J 197 47.78 44.16 -26.82
C ARG J 197 46.92 42.99 -26.36
N PHE J 198 47.48 41.78 -26.34
CA PHE J 198 46.75 40.63 -25.83
C PHE J 198 46.38 40.80 -24.37
N TYR J 199 47.30 41.34 -23.57
CA TYR J 199 47.00 41.59 -22.16
C TYR J 199 45.80 42.53 -22.02
N ILE J 200 45.82 43.64 -22.76
CA ILE J 200 44.73 44.61 -22.69
C ILE J 200 43.42 43.94 -23.06
N ILE J 201 43.41 43.23 -24.19
CA ILE J 201 42.17 42.67 -24.70
C ILE J 201 41.61 41.64 -23.73
N GLN J 202 42.47 40.77 -23.19
CA GLN J 202 41.95 39.75 -22.28
C GLN J 202 41.42 40.36 -21.00
N VAL J 203 42.02 41.45 -20.51
CA VAL J 203 41.48 42.11 -19.33
C VAL J 203 40.08 42.66 -19.62
N VAL J 204 39.93 43.31 -20.78
CA VAL J 204 38.63 43.85 -21.18
C VAL J 204 37.59 42.74 -21.22
N PHE J 205 37.95 41.63 -21.86
CA PHE J 205 37.00 40.54 -22.03
C PHE J 205 36.59 39.94 -20.68
N ARG J 206 37.56 39.75 -19.78
CA ARG J 206 37.23 39.22 -18.47
C ARG J 206 36.25 40.13 -17.73
N ASN J 207 36.49 41.44 -17.77
CA ASN J 207 35.56 42.38 -17.15
C ASN J 207 34.15 42.20 -17.70
N ALA J 208 34.03 42.20 -19.03
CA ALA J 208 32.70 42.10 -19.63
C ALA J 208 32.01 40.81 -19.23
N LEU J 209 32.75 39.69 -19.26
CA LEU J 209 32.15 38.40 -18.96
C LEU J 209 31.64 38.35 -17.53
N GLU J 210 32.39 38.93 -16.59
CA GLU J 210 31.99 38.81 -15.20
C GLU J 210 30.79 39.71 -14.88
N ILE J 211 30.70 40.87 -15.54
CA ILE J 211 29.52 41.71 -15.32
C ILE J 211 28.29 41.05 -15.92
N GLY J 212 28.42 40.47 -17.12
CA GLY J 212 27.28 39.77 -17.70
C GLY J 212 26.79 38.64 -16.83
N PHE J 213 27.70 37.84 -16.29
CA PHE J 213 27.28 36.69 -15.49
C PHE J 213 26.60 37.13 -14.18
N LEU J 214 27.12 38.18 -13.54
CA LEU J 214 26.48 38.65 -12.31
C LEU J 214 25.07 39.17 -12.58
N VAL J 215 24.91 39.97 -13.64
CA VAL J 215 23.58 40.47 -14.00
C VAL J 215 22.63 39.31 -14.30
N GLY J 216 23.10 38.32 -15.06
CA GLY J 216 22.24 37.19 -15.37
C GLY J 216 21.82 36.42 -14.13
N GLN J 217 22.74 36.24 -13.17
CA GLN J 217 22.37 35.59 -11.93
C GLN J 217 21.23 36.34 -11.24
N TYR J 218 21.38 37.65 -11.11
CA TYR J 218 20.33 38.44 -10.47
C TYR J 218 18.99 38.29 -11.18
N PHE J 219 19.01 38.30 -12.52
CA PHE J 219 17.75 38.23 -13.26
C PHE J 219 17.15 36.83 -13.27
N LEU J 220 17.96 35.78 -13.14
CA LEU J 220 17.44 34.42 -13.15
C LEU J 220 16.90 34.01 -11.77
N TYR J 221 17.59 34.36 -10.68
CA TYR J 221 17.29 33.75 -9.39
C TYR J 221 16.84 34.73 -8.31
N GLY J 222 17.25 36.00 -8.36
CA GLY J 222 16.97 36.92 -7.27
C GLY J 222 17.83 36.72 -6.03
N PHE J 223 17.25 36.90 -4.84
CA PHE J 223 18.00 36.86 -3.59
C PHE J 223 17.48 35.88 -2.56
N SER J 224 16.49 35.04 -2.86
CA SER J 224 15.98 34.10 -1.88
C SER J 224 15.31 32.93 -2.59
N VAL J 225 15.20 31.82 -1.86
CA VAL J 225 14.48 30.63 -2.32
C VAL J 225 13.32 30.38 -1.37
N PRO J 226 12.07 30.58 -1.79
CA PRO J 226 10.93 30.34 -0.90
C PRO J 226 10.61 28.86 -0.72
N GLY J 227 9.92 28.58 0.39
CA GLY J 227 9.51 27.22 0.72
C GLY J 227 8.28 26.70 0.02
N LEU J 228 7.39 27.59 -0.44
CA LEU J 228 6.20 27.20 -1.18
C LEU J 228 6.25 27.70 -2.62
N TYR J 229 5.61 26.94 -3.51
CA TYR J 229 5.48 27.30 -4.91
C TYR J 229 4.07 27.00 -5.41
N GLU J 230 3.52 27.93 -6.19
CA GLU J 230 2.18 27.83 -6.75
C GLU J 230 2.27 27.54 -8.25
N CYS J 231 1.64 26.45 -8.69
CA CYS J 231 1.82 25.91 -10.01
C CYS J 231 0.47 25.80 -10.72
N ASN J 232 0.47 26.14 -12.01
CA ASN J 232 -0.74 26.05 -12.85
C ASN J 232 -0.41 25.50 -14.24
N ARG J 233 0.39 24.44 -14.32
CA ARG J 233 0.76 23.85 -15.59
C ARG J 233 0.08 22.50 -15.81
N TYR J 234 -0.33 22.27 -17.05
CA TYR J 234 -0.89 20.99 -17.46
C TYR J 234 0.09 19.85 -17.18
N PRO J 235 -0.37 18.70 -16.67
CA PRO J 235 -1.75 18.23 -16.44
C PRO J 235 -2.37 18.59 -15.09
N CYS J 236 -1.79 19.48 -14.32
CA CYS J 236 -2.39 19.89 -13.05
C CYS J 236 -3.69 20.63 -13.27
N ILE J 237 -4.71 20.25 -12.50
CA ILE J 237 -6.02 20.92 -12.51
C ILE J 237 -5.93 22.21 -11.68
N LYS J 238 -6.35 23.31 -12.29
CA LYS J 238 -6.24 24.65 -11.72
C LYS J 238 -4.89 24.87 -11.04
N GLU J 239 -4.86 25.50 -9.87
CA GLU J 239 -3.62 25.76 -9.15
C GLU J 239 -3.42 24.83 -7.96
N VAL J 240 -2.19 24.34 -7.81
CA VAL J 240 -1.78 23.41 -6.77
C VAL J 240 -0.63 24.03 -5.98
N GLU J 241 -0.43 23.50 -4.78
CA GLU J 241 0.62 23.95 -3.87
C GLU J 241 1.70 22.87 -3.72
N CYS J 242 2.97 23.27 -3.85
CA CYS J 242 4.11 22.37 -3.78
C CYS J 242 5.11 22.88 -2.73
N TYR J 243 6.01 21.99 -2.30
CA TYR J 243 6.89 22.22 -1.16
C TYR J 243 8.33 21.88 -1.51
N VAL J 244 9.24 22.78 -1.14
CA VAL J 244 10.65 22.74 -1.55
C VAL J 244 11.51 22.11 -0.46
N SER J 245 12.63 21.54 -0.88
CA SER J 245 13.64 20.96 0.01
C SER J 245 14.78 21.93 0.28
N ARG J 246 15.17 22.03 1.55
CA ARG J 246 16.33 22.82 1.99
C ARG J 246 16.37 24.27 1.50
N PRO J 247 15.31 25.06 1.73
CA PRO J 247 15.33 26.43 1.18
C PRO J 247 16.33 27.37 1.85
N THR J 248 16.54 27.25 3.17
CA THR J 248 17.43 28.16 3.90
C THR J 248 18.89 28.01 3.49
N GLU J 249 19.37 26.78 3.39
CA GLU J 249 20.74 26.54 2.96
C GLU J 249 20.98 27.09 1.56
N LYS J 250 20.02 26.90 0.66
CA LYS J 250 20.14 27.40 -0.70
C LYS J 250 20.14 28.92 -0.75
N THR J 251 19.34 29.57 0.10
CA THR J 251 19.40 31.03 0.19
C THR J 251 20.78 31.50 0.68
N VAL J 252 21.33 30.83 1.68
CA VAL J 252 22.66 31.20 2.17
C VAL J 252 23.70 31.08 1.06
N PHE J 253 23.65 29.96 0.32
CA PHE J 253 24.58 29.75 -0.79
C PHE J 253 24.44 30.83 -1.86
N LEU J 254 23.20 31.17 -2.24
CA LEU J 254 22.97 32.25 -3.18
C LEU J 254 23.64 33.56 -2.74
N VAL J 255 23.41 33.96 -1.49
CA VAL J 255 23.94 35.24 -1.02
C VAL J 255 25.47 35.22 -1.02
N PHE J 256 26.06 34.13 -0.54
CA PHE J 256 27.51 34.01 -0.51
C PHE J 256 28.11 34.14 -1.92
N MET J 257 27.52 33.45 -2.89
CA MET J 257 28.05 33.52 -4.25
C MET J 257 27.94 34.93 -4.84
N PHE J 258 26.82 35.61 -4.60
CA PHE J 258 26.71 36.99 -5.07
C PHE J 258 27.78 37.87 -4.47
N ALA J 259 28.05 37.73 -3.17
CA ALA J 259 29.07 38.55 -2.52
C ALA J 259 30.44 38.33 -3.15
N VAL J 260 30.82 37.07 -3.34
CA VAL J 260 32.13 36.78 -3.93
C VAL J 260 32.25 37.37 -5.33
N SER J 261 31.22 37.19 -6.17
CA SER J 261 31.30 37.72 -7.52
C SER J 261 31.37 39.25 -7.52
N GLY J 262 30.67 39.90 -6.60
CA GLY J 262 30.81 41.34 -6.48
C GLY J 262 32.23 41.77 -6.17
N ILE J 263 32.87 41.08 -5.22
CA ILE J 263 34.27 41.38 -4.91
C ILE J 263 35.13 41.28 -6.17
N CYS J 264 34.94 40.20 -6.94
CA CYS J 264 35.76 40.01 -8.14
C CYS J 264 35.53 41.14 -9.15
N VAL J 265 34.28 41.56 -9.33
CA VAL J 265 34.00 42.67 -10.23
C VAL J 265 34.73 43.92 -9.79
N VAL J 266 34.66 44.24 -8.50
CA VAL J 266 35.32 45.44 -7.99
C VAL J 266 36.82 45.38 -8.29
N LEU J 267 37.45 44.23 -8.01
CA LEU J 267 38.89 44.12 -8.19
C LEU J 267 39.28 44.30 -9.66
N ASN J 268 38.53 43.67 -10.57
CA ASN J 268 38.88 43.79 -11.99
C ASN J 268 38.70 45.21 -12.48
N LEU J 269 37.65 45.91 -12.03
CA LEU J 269 37.56 47.32 -12.40
C LEU J 269 38.73 48.12 -11.83
N ALA J 270 39.16 47.78 -10.62
CA ALA J 270 40.32 48.44 -10.03
C ALA J 270 41.51 48.36 -10.98
N GLU J 271 41.83 47.13 -11.42
CA GLU J 271 43.02 46.96 -12.25
C GLU J 271 42.85 47.60 -13.62
N LEU J 272 41.64 47.49 -14.20
CA LEU J 272 41.36 48.16 -15.46
C LEU J 272 41.68 49.65 -15.37
N ASN J 273 41.25 50.30 -14.29
CA ASN J 273 41.51 51.72 -14.16
C ASN J 273 42.98 51.98 -13.80
N HIS J 274 43.64 50.99 -13.21
CA HIS J 274 45.06 51.14 -12.91
C HIS J 274 45.89 51.24 -14.18
N LEU J 275 45.62 50.37 -15.16
CA LEU J 275 46.36 50.48 -16.42
C LEU J 275 45.85 51.63 -17.27
N GLY J 276 44.54 51.72 -17.46
CA GLY J 276 43.95 52.87 -18.12
C GLY J 276 43.91 52.77 -19.62
N SER K 19 60.70 26.03 24.07
CA SER K 19 59.28 26.15 24.42
C SER K 19 58.46 26.64 23.23
N THR K 20 58.98 27.66 22.55
CA THR K 20 58.40 28.15 21.31
C THR K 20 58.72 27.24 20.12
N MET K 21 59.71 26.36 20.26
CA MET K 21 60.06 25.43 19.18
C MET K 21 58.96 24.40 18.98
N ILE K 22 58.53 23.74 20.07
CA ILE K 22 57.53 22.69 19.96
C ILE K 22 56.15 23.24 19.60
N GLY K 23 55.87 24.50 19.94
CA GLY K 23 54.55 25.03 19.66
C GLY K 23 54.17 24.97 18.20
N ARG K 24 55.13 25.26 17.31
CA ARG K 24 54.85 25.18 15.88
C ARG K 24 54.55 23.75 15.46
N ILE K 25 55.31 22.81 16.00
CA ILE K 25 55.14 21.41 15.63
C ILE K 25 53.76 20.92 16.06
N LEU K 26 53.34 21.29 17.26
CA LEU K 26 52.05 20.83 17.73
C LEU K 26 50.91 21.54 17.02
N LEU K 27 51.10 22.81 16.64
CA LEU K 27 50.05 23.48 15.88
C LEU K 27 49.84 22.79 14.53
N THR K 28 50.95 22.47 13.85
CA THR K 28 50.84 21.77 12.56
C THR K 28 50.18 20.41 12.72
N VAL K 29 50.53 19.69 13.80
CA VAL K 29 49.97 18.36 13.98
C VAL K 29 48.49 18.42 14.29
N VAL K 30 48.07 19.40 15.11
CA VAL K 30 46.67 19.54 15.44
C VAL K 30 45.86 19.88 14.19
N VAL K 31 46.37 20.80 13.37
CA VAL K 31 45.66 21.18 12.16
C VAL K 31 45.47 19.97 11.24
N ILE K 32 46.54 19.20 11.03
CA ILE K 32 46.43 18.06 10.12
C ILE K 32 45.47 17.01 10.69
N PHE K 33 45.53 16.79 12.00
CA PHE K 33 44.63 15.82 12.62
C PHE K 33 43.17 16.20 12.42
N ARG K 34 42.86 17.48 12.64
CA ARG K 34 41.48 17.95 12.45
C ARG K 34 41.03 17.76 11.00
N ILE K 35 41.88 18.14 10.04
CA ILE K 35 41.51 17.97 8.64
C ILE K 35 41.25 16.51 8.33
N LEU K 36 42.10 15.60 8.80
CA LEU K 36 41.93 14.19 8.49
C LEU K 36 40.63 13.64 9.06
N ILE K 37 40.33 13.98 10.32
CA ILE K 37 39.10 13.49 10.94
C ILE K 37 37.89 13.98 10.16
N VAL K 38 37.89 15.26 9.75
CA VAL K 38 36.73 15.78 9.05
C VAL K 38 36.60 15.12 7.67
N ALA K 39 37.72 14.95 6.97
CA ALA K 39 37.70 14.50 5.59
C ALA K 39 37.35 13.02 5.44
N ILE K 40 37.77 12.16 6.37
CA ILE K 40 37.63 10.73 6.09
C ILE K 40 36.30 10.15 6.54
N VAL K 41 35.79 10.55 7.71
CA VAL K 41 34.61 9.91 8.26
C VAL K 41 33.37 10.79 8.30
N GLY K 42 33.51 12.10 8.48
CA GLY K 42 32.35 12.95 8.70
C GLY K 42 31.35 13.01 7.55
N GLU K 43 31.74 12.77 6.34
CA GLU K 43 30.75 12.89 5.31
C GLU K 43 29.74 11.76 5.31
N THR K 44 29.93 10.71 6.11
CA THR K 44 29.09 9.52 6.02
C THR K 44 28.22 9.29 7.25
N VAL K 45 28.44 10.06 8.32
CA VAL K 45 27.49 10.13 9.42
C VAL K 45 26.24 10.90 9.05
N TYR K 46 26.40 12.00 8.30
CA TYR K 46 25.33 12.90 7.91
C TYR K 46 24.63 12.53 6.60
N ASP K 47 25.05 11.47 5.91
CA ASP K 47 24.49 11.14 4.61
C ASP K 47 22.97 10.93 4.65
N ASP K 48 22.45 10.22 5.65
CA ASP K 48 21.02 9.94 5.75
C ASP K 48 20.26 10.92 6.64
N GLU K 49 20.69 12.18 6.73
CA GLU K 49 20.11 13.08 7.74
C GLU K 49 18.63 13.33 7.52
N GLN K 50 18.22 13.56 6.26
CA GLN K 50 16.83 13.89 5.94
C GLN K 50 15.99 12.69 5.56
N THR K 51 16.61 11.63 5.02
CA THR K 51 15.89 10.44 4.62
C THR K 51 15.34 9.65 5.81
N MET K 52 16.02 9.73 6.96
CA MET K 52 15.57 9.07 8.19
C MET K 52 14.96 10.05 9.20
N PHE K 53 14.64 11.26 8.78
CA PHE K 53 13.87 12.21 9.60
C PHE K 53 12.38 11.99 9.37
N VAL K 54 11.62 11.82 10.45
CA VAL K 54 10.21 11.48 10.35
C VAL K 54 9.40 12.21 11.42
N CYS K 55 8.18 12.62 11.06
CA CYS K 55 7.24 13.30 11.95
C CYS K 55 5.93 12.52 12.00
N ASN K 56 5.23 12.64 13.13
CA ASN K 56 3.94 11.97 13.35
C ASN K 56 2.82 12.86 12.82
N THR K 57 2.40 12.60 11.58
CA THR K 57 1.48 13.48 10.87
C THR K 57 1.03 12.80 9.59
N LEU K 58 -0.07 13.29 9.03
CA LEU K 58 -0.57 12.86 7.73
C LEU K 58 -0.62 13.99 6.72
N GLN K 59 -0.02 15.13 7.03
CA GLN K 59 -0.06 16.34 6.22
C GLN K 59 1.11 16.35 5.24
N PRO K 60 0.86 16.50 3.94
CA PRO K 60 1.97 16.61 2.98
C PRO K 60 2.75 17.91 3.13
N GLY K 61 4.08 17.79 3.12
CA GLY K 61 4.96 18.94 3.24
C GLY K 61 5.42 19.30 4.64
N CYS K 62 4.94 18.61 5.68
CA CYS K 62 5.30 18.98 7.04
C CYS K 62 6.73 18.54 7.36
N ASN K 63 7.14 17.37 6.87
CA ASN K 63 8.50 16.89 7.09
C ASN K 63 9.54 17.84 6.53
N GLN K 64 9.32 18.38 5.34
CA GLN K 64 10.25 19.33 4.75
C GLN K 64 10.41 20.57 5.62
N ALA K 65 9.31 21.19 6.01
CA ALA K 65 9.37 22.40 6.82
C ALA K 65 10.02 22.15 8.17
N CYS K 66 9.69 21.03 8.82
CA CYS K 66 10.23 20.78 10.15
C CYS K 66 11.71 20.41 10.11
N TYR K 67 12.13 19.63 9.11
CA TYR K 67 13.56 19.38 8.94
C TYR K 67 14.32 20.68 8.67
N ASP K 68 13.78 21.54 7.81
CA ASP K 68 14.46 22.79 7.51
C ASP K 68 14.58 23.68 8.75
N ARG K 69 13.55 23.70 9.59
CA ARG K 69 13.60 24.50 10.81
C ARG K 69 14.53 23.90 11.87
N ALA K 70 14.62 22.57 11.96
CA ALA K 70 15.51 21.96 12.94
C ALA K 70 16.98 22.05 12.56
N PHE K 71 17.32 21.90 11.28
CA PHE K 71 18.72 21.88 10.82
C PHE K 71 18.90 22.86 9.66
N PRO K 72 19.03 24.16 9.97
CA PRO K 72 19.16 25.15 8.89
C PRO K 72 20.44 25.01 8.06
N ILE K 73 21.59 24.88 8.73
CA ILE K 73 22.86 24.57 8.09
C ILE K 73 23.44 23.35 8.79
N SER K 74 23.76 22.32 8.01
CA SER K 74 24.33 21.10 8.53
C SER K 74 25.74 21.32 9.10
N HIS K 75 26.07 20.52 10.12
CA HIS K 75 27.36 20.68 10.81
C HIS K 75 28.52 20.58 9.84
N ILE K 76 28.47 19.61 8.92
CA ILE K 76 29.60 19.30 8.06
C ILE K 76 29.89 20.44 7.10
N ARG K 77 28.85 21.13 6.62
CA ARG K 77 29.04 22.32 5.79
C ARG K 77 29.77 23.42 6.55
N TYR K 78 29.32 23.70 7.78
CA TYR K 78 29.96 24.71 8.61
C TYR K 78 31.43 24.37 8.87
N TRP K 79 31.72 23.10 9.15
CA TRP K 79 33.10 22.73 9.45
C TRP K 79 34.00 22.82 8.21
N VAL K 80 33.51 22.40 7.05
CA VAL K 80 34.31 22.56 5.84
C VAL K 80 34.59 24.03 5.58
N PHE K 81 33.58 24.88 5.69
CA PHE K 81 33.78 26.31 5.46
C PHE K 81 34.82 26.88 6.42
N GLN K 82 34.70 26.57 7.71
CA GLN K 82 35.67 27.05 8.69
C GLN K 82 37.08 26.58 8.37
N ILE K 83 37.25 25.30 8.06
CA ILE K 83 38.58 24.77 7.75
C ILE K 83 39.19 25.52 6.58
N ILE K 84 38.41 25.75 5.52
CA ILE K 84 38.95 26.45 4.36
C ILE K 84 39.28 27.89 4.69
N MET K 85 38.42 28.57 5.45
CA MET K 85 38.64 29.99 5.72
C MET K 85 39.80 30.24 6.67
N VAL K 86 40.11 29.30 7.58
CA VAL K 86 41.25 29.53 8.47
C VAL K 86 42.60 29.23 7.85
N CYS K 87 42.66 28.85 6.58
CA CYS K 87 43.93 28.58 5.90
C CYS K 87 44.26 29.62 4.83
N THR K 88 43.49 30.69 4.74
CA THR K 88 43.66 31.69 3.69
C THR K 88 44.86 32.59 3.92
N PRO K 89 45.13 33.04 5.15
CA PRO K 89 46.33 33.87 5.37
C PRO K 89 47.63 33.19 4.96
N SER K 90 47.75 31.89 5.22
CA SER K 90 48.94 31.17 4.77
C SER K 90 49.05 31.20 3.24
N LEU K 91 47.94 30.97 2.55
CA LEU K 91 47.98 31.02 1.09
C LEU K 91 48.38 32.41 0.59
N CYS K 92 47.86 33.45 1.23
CA CYS K 92 48.23 34.81 0.86
C CYS K 92 49.72 35.02 1.05
N PHE K 93 50.25 34.62 2.21
CA PHE K 93 51.68 34.80 2.46
C PHE K 93 52.52 34.05 1.43
N ILE K 94 52.11 32.83 1.07
CA ILE K 94 52.85 32.05 0.11
C ILE K 94 52.84 32.73 -1.25
N THR K 95 51.66 33.20 -1.69
CA THR K 95 51.55 33.86 -2.98
C THR K 95 52.39 35.13 -3.01
N TYR K 96 52.39 35.89 -1.91
CA TYR K 96 53.24 37.08 -1.84
C TYR K 96 54.70 36.69 -1.99
N SER K 97 55.17 35.72 -1.22
CA SER K 97 56.60 35.38 -1.29
C SER K 97 56.97 34.84 -2.66
N VAL K 98 56.06 34.09 -3.29
CA VAL K 98 56.30 33.60 -4.65
C VAL K 98 56.40 34.75 -5.64
N HIS K 99 55.54 35.76 -5.50
CA HIS K 99 55.63 36.91 -6.38
C HIS K 99 56.91 37.69 -6.15
N GLN K 100 57.37 37.75 -4.89
CA GLN K 100 58.59 38.49 -4.58
C GLN K 100 59.78 37.95 -5.36
N SER K 101 59.71 36.71 -5.83
CA SER K 101 60.83 36.06 -6.50
C SER K 101 60.80 36.35 -7.99
N GLY K 194 59.11 44.11 3.56
CA GLY K 194 58.54 44.03 4.90
C GLY K 194 57.89 42.68 5.17
N ILE K 195 58.67 41.61 5.09
CA ILE K 195 58.13 40.27 5.31
C ILE K 195 57.63 40.13 6.75
N SER K 196 58.34 40.75 7.70
CA SER K 196 57.98 40.58 9.10
C SER K 196 56.64 41.22 9.40
N ARG K 197 56.33 42.35 8.74
CA ARG K 197 55.02 42.96 8.89
C ARG K 197 53.93 42.02 8.42
N PHE K 198 54.16 41.34 7.29
CA PHE K 198 53.19 40.35 6.83
C PHE K 198 53.02 39.21 7.83
N TYR K 199 54.12 38.76 8.43
CA TYR K 199 54.02 37.71 9.44
C TYR K 199 53.13 38.15 10.60
N ILE K 200 53.38 39.35 11.11
CA ILE K 200 52.60 39.87 12.24
C ILE K 200 51.12 39.92 11.86
N ILE K 201 50.82 40.51 10.70
CA ILE K 201 49.43 40.72 10.33
C ILE K 201 48.72 39.39 10.14
N GLN K 202 49.37 38.43 9.49
CA GLN K 202 48.68 37.16 9.26
C GLN K 202 48.45 36.41 10.56
N VAL K 203 49.36 36.53 11.53
CA VAL K 203 49.12 35.91 12.83
C VAL K 203 47.91 36.54 13.51
N VAL K 204 47.83 37.87 13.47
CA VAL K 204 46.69 38.57 14.07
C VAL K 204 45.39 38.09 13.43
N PHE K 205 45.37 38.02 12.09
CA PHE K 205 44.15 37.66 11.38
C PHE K 205 43.74 36.24 11.70
N ARG K 206 44.69 35.31 11.75
CA ARG K 206 44.36 33.93 12.09
C ARG K 206 43.73 33.83 13.48
N ASN K 207 44.31 34.54 14.46
CA ASN K 207 43.72 34.55 15.80
C ASN K 207 42.26 35.02 15.75
N ALA K 208 42.02 36.15 15.10
CA ALA K 208 40.67 36.70 15.06
C ALA K 208 39.70 35.71 14.41
N LEU K 209 40.11 35.12 13.29
CA LEU K 209 39.22 34.23 12.56
C LEU K 209 38.85 33.02 13.40
N GLU K 210 39.82 32.47 14.15
CA GLU K 210 39.52 31.25 14.89
C GLU K 210 38.64 31.53 16.10
N ILE K 211 38.80 32.70 16.73
CA ILE K 211 37.92 33.03 17.84
C ILE K 211 36.50 33.25 17.34
N GLY K 212 36.36 33.97 16.20
CA GLY K 212 35.04 34.18 15.65
C GLY K 212 34.33 32.88 15.32
N PHE K 213 35.05 31.93 14.70
CA PHE K 213 34.42 30.68 14.30
C PHE K 213 34.01 29.84 15.51
N LEU K 214 34.84 29.80 16.56
CA LEU K 214 34.46 29.05 17.75
C LEU K 214 33.22 29.64 18.42
N VAL K 215 33.18 30.97 18.56
CA VAL K 215 32.00 31.61 19.14
C VAL K 215 30.75 31.32 18.31
N GLY K 216 30.87 31.42 16.99
CA GLY K 216 29.72 31.14 16.14
C GLY K 216 29.24 29.72 16.26
N GLN K 217 30.16 28.76 16.37
CA GLN K 217 29.74 27.38 16.59
C GLN K 217 28.92 27.25 17.87
N TYR K 218 29.42 27.82 18.96
CA TYR K 218 28.67 27.75 20.21
C TYR K 218 27.29 28.37 20.09
N PHE K 219 27.18 29.50 19.39
CA PHE K 219 25.88 30.18 19.30
C PHE K 219 24.94 29.49 18.32
N LEU K 220 25.45 28.77 17.32
CA LEU K 220 24.59 28.10 16.36
C LEU K 220 24.09 26.75 16.88
N TYR K 221 24.96 25.97 17.55
CA TYR K 221 24.62 24.57 17.80
C TYR K 221 24.56 24.19 19.27
N GLY K 222 25.27 24.86 20.16
CA GLY K 222 25.34 24.44 21.55
C GLY K 222 26.23 23.24 21.80
N PHE K 223 25.83 22.35 22.72
CA PHE K 223 26.66 21.22 23.12
C PHE K 223 26.00 19.85 23.01
N SER K 224 24.81 19.75 22.44
CA SER K 224 24.15 18.45 22.33
C SER K 224 23.14 18.48 21.20
N VAL K 225 22.80 17.29 20.71
CA VAL K 225 21.76 17.10 19.69
C VAL K 225 20.66 16.23 20.31
N PRO K 226 19.47 16.77 20.58
CA PRO K 226 18.40 15.95 21.17
C PRO K 226 17.72 15.06 20.14
N GLY K 227 17.09 14.00 20.68
CA GLY K 227 16.37 13.03 19.87
C GLY K 227 14.99 13.43 19.42
N LEU K 228 14.32 14.35 20.14
CA LEU K 228 13.00 14.84 19.76
C LEU K 228 13.05 16.33 19.40
N TYR K 229 12.16 16.73 18.51
CA TYR K 229 11.99 18.12 18.11
C TYR K 229 10.51 18.47 17.99
N GLU K 230 10.17 19.65 18.49
CA GLU K 230 8.79 20.15 18.49
C GLU K 230 8.67 21.28 17.46
N CYS K 231 7.74 21.11 16.52
CA CYS K 231 7.64 21.94 15.34
C CYS K 231 6.25 22.58 15.24
N ASN K 232 6.22 23.86 14.86
CA ASN K 232 4.97 24.59 14.68
C ASN K 232 5.01 25.47 13.43
N ARG K 233 5.48 24.93 12.31
CA ARG K 233 5.56 25.68 11.07
C ARG K 233 4.53 25.20 10.05
N TYR K 234 3.96 26.16 9.33
CA TYR K 234 3.05 25.88 8.24
C TYR K 234 3.72 24.98 7.20
N PRO K 235 3.03 23.96 6.65
CA PRO K 235 1.59 23.62 6.76
C PRO K 235 1.22 22.70 7.91
N CYS K 236 2.08 22.47 8.89
CA CYS K 236 1.73 21.64 10.04
C CYS K 236 0.65 22.30 10.88
N ILE K 237 -0.35 21.51 11.25
CA ILE K 237 -1.43 21.94 12.14
C ILE K 237 -0.93 21.91 13.58
N LYS K 238 -1.10 23.03 14.28
CA LYS K 238 -0.59 23.22 15.63
C LYS K 238 0.83 22.68 15.80
N GLU K 239 1.13 22.02 16.92
CA GLU K 239 2.46 21.48 17.16
C GLU K 239 2.51 19.96 16.97
N VAL K 240 3.58 19.50 16.32
CA VAL K 240 3.82 18.10 15.97
C VAL K 240 5.17 17.69 16.57
N GLU K 241 5.34 16.37 16.71
CA GLU K 241 6.55 15.77 17.26
C GLU K 241 7.31 15.02 16.17
N CYS K 242 8.62 15.26 16.08
CA CYS K 242 9.49 14.66 15.08
C CYS K 242 10.68 13.98 15.76
N TYR K 243 11.34 13.08 15.02
CA TYR K 243 12.35 12.18 15.55
C TYR K 243 13.62 12.21 14.70
N VAL K 244 14.77 12.31 15.37
CA VAL K 244 16.06 12.55 14.74
C VAL K 244 16.84 11.24 14.57
N SER K 245 17.72 11.23 13.58
CA SER K 245 18.61 10.11 13.30
C SER K 245 19.99 10.32 13.92
N ARG K 246 20.52 9.27 14.54
CA ARG K 246 21.86 9.24 15.09
C ARG K 246 22.25 10.41 16.00
N PRO K 247 21.47 10.70 17.05
CA PRO K 247 21.79 11.88 17.87
C PRO K 247 23.07 11.73 18.72
N THR K 248 23.36 10.54 19.24
CA THR K 248 24.51 10.34 20.12
C THR K 248 25.83 10.53 19.38
N GLU K 249 25.97 9.93 18.20
CA GLU K 249 27.17 10.09 17.41
C GLU K 249 27.43 11.55 17.05
N LYS K 250 26.37 12.28 16.70
CA LYS K 250 26.49 13.69 16.36
C LYS K 250 26.89 14.52 17.58
N THR K 251 26.37 14.19 18.76
CA THR K 251 26.82 14.87 19.98
C THR K 251 28.31 14.62 20.24
N VAL K 252 28.76 13.38 20.07
CA VAL K 252 30.18 13.09 20.26
C VAL K 252 31.04 13.90 19.29
N PHE K 253 30.63 13.94 18.01
CA PHE K 253 31.36 14.72 17.02
C PHE K 253 31.42 16.20 17.38
N LEU K 254 30.28 16.78 17.79
CA LEU K 254 30.25 18.16 18.25
C LEU K 254 31.28 18.43 19.35
N VAL K 255 31.29 17.58 20.39
CA VAL K 255 32.18 17.82 21.53
C VAL K 255 33.64 17.71 21.10
N PHE K 256 33.96 16.70 20.30
CA PHE K 256 35.33 16.53 19.82
C PHE K 256 35.81 17.76 19.04
N MET K 257 34.97 18.27 18.13
CA MET K 257 35.37 19.43 17.34
C MET K 257 35.58 20.66 18.21
N PHE K 258 34.70 20.88 19.19
CA PHE K 258 34.91 22.01 20.10
C PHE K 258 36.24 21.90 20.84
N ALA K 259 36.58 20.69 21.31
CA ALA K 259 37.83 20.52 22.04
C ALA K 259 39.03 20.86 21.16
N VAL K 260 39.05 20.34 19.93
CA VAL K 260 40.17 20.60 19.03
C VAL K 260 40.31 22.10 18.76
N SER K 261 39.20 22.77 18.45
CA SER K 261 39.29 24.20 18.16
C SER K 261 39.76 24.99 19.38
N GLY K 262 39.35 24.59 20.58
CA GLY K 262 39.88 25.24 21.78
C GLY K 262 41.38 25.10 21.90
N ILE K 263 41.90 23.89 21.65
CA ILE K 263 43.35 23.71 21.66
C ILE K 263 44.02 24.67 20.70
N CYS K 264 43.49 24.77 19.48
CA CYS K 264 44.12 25.65 18.48
C CYS K 264 44.10 27.11 18.94
N VAL K 265 43.00 27.55 19.54
CA VAL K 265 42.93 28.93 20.04
C VAL K 265 44.01 29.16 21.08
N VAL K 266 44.15 28.22 22.02
CA VAL K 266 45.15 28.39 23.08
C VAL K 266 46.54 28.52 22.47
N LEU K 267 46.87 27.64 21.51
CA LEU K 267 48.21 27.65 20.94
C LEU K 267 48.49 28.97 20.21
N ASN K 268 47.52 29.46 19.43
CA ASN K 268 47.75 30.70 18.71
C ASN K 268 47.90 31.88 19.65
N LEU K 269 47.14 31.92 20.74
CA LEU K 269 47.38 32.98 21.72
C LEU K 269 48.77 32.84 22.34
N ALA K 270 49.20 31.61 22.57
CA ALA K 270 50.54 31.38 23.09
C ALA K 270 51.57 32.07 22.21
N GLU K 271 51.52 31.79 20.90
CA GLU K 271 52.54 32.32 20.00
C GLU K 271 52.41 33.84 19.86
N LEU K 272 51.19 34.35 19.81
CA LEU K 272 50.97 35.79 19.77
C LEU K 272 51.68 36.46 20.94
N ASN K 273 51.53 35.92 22.15
CA ASN K 273 52.18 36.53 23.30
C ASN K 273 53.67 36.27 23.29
N HIS K 274 54.11 35.20 22.62
CA HIS K 274 55.54 34.95 22.50
C HIS K 274 56.24 36.03 21.69
N LEU K 275 55.66 36.43 20.56
CA LEU K 275 56.29 37.50 19.79
C LEU K 275 56.02 38.87 20.42
N GLY K 276 54.76 39.16 20.76
CA GLY K 276 54.45 40.35 21.52
C GLY K 276 54.24 41.58 20.65
N SER L 19 67.38 -10.57 17.01
CA SER L 19 66.08 -10.73 17.68
C SER L 19 65.31 -9.41 17.68
N THR L 20 66.01 -8.32 18.02
CA THR L 20 65.47 -6.97 17.92
C THR L 20 65.43 -6.46 16.49
N MET L 21 66.16 -7.10 15.57
CA MET L 21 66.15 -6.68 14.17
C MET L 21 64.80 -6.99 13.53
N ILE L 22 64.32 -8.23 13.67
CA ILE L 22 63.08 -8.63 13.04
C ILE L 22 61.87 -7.95 13.68
N GLY L 23 61.95 -7.56 14.95
CA GLY L 23 60.81 -6.97 15.61
C GLY L 23 60.28 -5.73 14.90
N ARG L 24 61.20 -4.88 14.41
CA ARG L 24 60.78 -3.69 13.68
C ARG L 24 60.07 -4.06 12.39
N ILE L 25 60.60 -5.07 11.69
CA ILE L 25 60.04 -5.47 10.41
C ILE L 25 58.62 -5.99 10.61
N LEU L 26 58.43 -6.80 11.65
CA LEU L 26 57.11 -7.37 11.87
C LEU L 26 56.14 -6.32 12.39
N LEU L 27 56.62 -5.35 13.18
CA LEU L 27 55.72 -4.29 13.61
C LEU L 27 55.22 -3.49 12.41
N THR L 28 56.12 -3.14 11.49
CA THR L 28 55.72 -2.40 10.30
C THR L 28 54.74 -3.21 9.45
N VAL L 29 54.99 -4.52 9.33
CA VAL L 29 54.12 -5.34 8.49
C VAL L 29 52.74 -5.48 9.12
N VAL L 30 52.68 -5.64 10.43
CA VAL L 30 51.40 -5.77 11.11
C VAL L 30 50.59 -4.48 10.96
N VAL L 31 51.25 -3.33 11.14
CA VAL L 31 50.55 -2.05 11.02
C VAL L 31 49.96 -1.90 9.62
N ILE L 32 50.77 -2.17 8.59
CA ILE L 32 50.28 -2.00 7.22
C ILE L 32 49.13 -2.97 6.93
N PHE L 33 49.26 -4.21 7.41
CA PHE L 33 48.19 -5.19 7.19
C PHE L 33 46.87 -4.72 7.80
N ARG L 34 46.93 -4.22 9.04
CA ARG L 34 45.72 -3.74 9.69
C ARG L 34 45.10 -2.58 8.91
N ILE L 35 45.93 -1.62 8.50
CA ILE L 35 45.40 -0.49 7.73
C ILE L 35 44.73 -0.96 6.45
N LEU L 36 45.36 -1.89 5.73
CA LEU L 36 44.78 -2.36 4.47
C LEU L 36 43.45 -3.05 4.68
N ILE L 37 43.37 -3.93 5.68
CA ILE L 37 42.11 -4.63 5.94
C ILE L 37 41.01 -3.65 6.27
N VAL L 38 41.31 -2.63 7.08
CA VAL L 38 40.26 -1.69 7.46
C VAL L 38 39.84 -0.85 6.25
N ALA L 39 40.81 -0.42 5.45
CA ALA L 39 40.53 0.53 4.37
C ALA L 39 39.79 -0.09 3.19
N ILE L 40 40.06 -1.36 2.85
CA ILE L 40 39.53 -1.87 1.58
C ILE L 40 38.13 -2.47 1.72
N VAL L 41 37.86 -3.22 2.78
CA VAL L 41 36.61 -3.96 2.87
C VAL L 41 35.65 -3.44 3.94
N GLY L 42 36.16 -2.93 5.07
CA GLY L 42 35.28 -2.60 6.18
C GLY L 42 34.23 -1.54 5.90
N GLU L 43 34.43 -0.66 4.98
CA GLU L 43 33.42 0.34 4.81
C GLU L 43 32.15 -0.18 4.17
N THR L 44 32.13 -1.42 3.68
CA THR L 44 31.00 -1.91 2.90
C THR L 44 30.22 -3.03 3.59
N VAL L 45 30.73 -3.55 4.71
CA VAL L 45 29.94 -4.40 5.59
C VAL L 45 28.90 -3.59 6.36
N TYR L 46 29.28 -2.40 6.82
CA TYR L 46 28.45 -1.52 7.64
C TYR L 46 27.56 -0.57 6.85
N ASP L 47 27.63 -0.56 5.53
CA ASP L 47 26.87 0.41 4.74
C ASP L 47 25.36 0.36 5.00
N ASP L 48 24.78 -0.83 5.09
CA ASP L 48 23.34 -0.99 5.30
C ASP L 48 22.95 -1.18 6.77
N GLU L 49 23.70 -0.61 7.72
CA GLU L 49 23.48 -0.97 9.12
C GLU L 49 22.10 -0.56 9.62
N GLN L 50 21.65 0.64 9.28
CA GLN L 50 20.37 1.18 9.75
C GLN L 50 19.21 0.92 8.80
N THR L 51 19.48 0.81 7.51
CA THR L 51 18.43 0.56 6.52
C THR L 51 17.82 -0.83 6.65
N MET L 52 18.59 -1.82 7.12
CA MET L 52 18.10 -3.18 7.36
C MET L 52 17.87 -3.49 8.83
N PHE L 53 17.84 -2.48 9.68
CA PHE L 53 17.43 -2.63 11.08
C PHE L 53 15.92 -2.45 11.19
N VAL L 54 15.24 -3.41 11.83
CA VAL L 54 13.78 -3.43 11.89
C VAL L 54 13.31 -3.92 13.25
N CYS L 55 12.21 -3.32 13.72
CA CYS L 55 11.57 -3.65 14.99
C CYS L 55 10.11 -4.02 14.75
N ASN L 56 9.57 -4.88 15.62
CA ASN L 56 8.18 -5.34 15.55
C ASN L 56 7.29 -4.36 16.30
N THR L 57 6.71 -3.42 15.56
CA THR L 57 5.98 -2.30 16.16
C THR L 57 5.26 -1.53 15.05
N LEU L 58 4.28 -0.74 15.47
CA LEU L 58 3.56 0.18 14.58
C LEU L 58 3.71 1.63 14.99
N GLN L 59 4.62 1.92 15.92
CA GLN L 59 4.83 3.24 16.49
C GLN L 59 5.86 4.02 15.67
N PRO L 60 5.54 5.21 15.19
CA PRO L 60 6.54 6.02 14.47
C PRO L 60 7.66 6.52 15.40
N GLY L 61 8.90 6.39 14.94
CA GLY L 61 10.05 6.84 15.69
C GLY L 61 10.72 5.80 16.57
N CYS L 62 10.18 4.60 16.68
CA CYS L 62 10.75 3.60 17.59
C CYS L 62 12.03 3.01 17.01
N ASN L 63 12.07 2.80 15.69
CA ASN L 63 13.27 2.27 15.05
C ASN L 63 14.47 3.18 15.26
N GLN L 64 14.28 4.49 15.12
CA GLN L 64 15.38 5.43 15.33
C GLN L 64 15.94 5.32 16.75
N ALA L 65 15.08 5.38 17.75
CA ALA L 65 15.53 5.33 19.15
C ALA L 65 16.22 4.00 19.46
N CYS L 66 15.67 2.89 18.98
CA CYS L 66 16.24 1.60 19.32
C CYS L 66 17.56 1.36 18.59
N TYR L 67 17.67 1.77 17.32
CA TYR L 67 18.96 1.69 16.65
C TYR L 67 20.00 2.55 17.35
N ASP L 68 19.64 3.76 17.76
CA ASP L 68 20.59 4.64 18.43
C ASP L 68 21.05 4.04 19.76
N ARG L 69 20.15 3.40 20.49
CA ARG L 69 20.52 2.77 21.75
C ARG L 69 21.35 1.50 21.57
N ALA L 70 21.09 0.73 20.52
CA ALA L 70 21.88 -0.49 20.28
C ALA L 70 23.28 -0.20 19.75
N PHE L 71 23.45 0.80 18.88
CA PHE L 71 24.74 1.09 18.24
C PHE L 71 25.07 2.56 18.39
N PRO L 72 25.56 2.98 19.56
CA PRO L 72 25.85 4.41 19.77
C PRO L 72 26.96 4.96 18.89
N ILE L 73 28.09 4.26 18.81
CA ILE L 73 29.17 4.55 17.88
C ILE L 73 29.47 3.29 17.09
N SER L 74 29.44 3.40 15.77
CA SER L 74 29.71 2.28 14.89
C SER L 74 31.17 1.83 14.98
N HIS L 75 31.38 0.53 14.77
CA HIS L 75 32.72 -0.05 14.91
C HIS L 75 33.73 0.64 14.00
N ILE L 76 33.33 0.92 12.75
CA ILE L 76 34.25 1.43 11.75
C ILE L 76 34.74 2.83 12.11
N ARG L 77 33.88 3.65 12.70
CA ARG L 77 34.30 4.97 13.18
C ARG L 77 35.37 4.85 14.27
N TYR L 78 35.12 3.98 15.25
CA TYR L 78 36.08 3.75 16.32
C TYR L 78 37.43 3.27 15.78
N TRP L 79 37.40 2.35 14.82
CA TRP L 79 38.65 1.82 14.29
C TRP L 79 39.43 2.86 13.49
N VAL L 80 38.74 3.66 12.68
CA VAL L 80 39.43 4.74 11.97
C VAL L 80 40.07 5.71 12.95
N PHE L 81 39.32 6.11 13.97
CA PHE L 81 39.88 7.04 14.96
C PHE L 81 41.11 6.46 15.63
N GLN L 82 41.03 5.20 16.07
CA GLN L 82 42.18 4.57 16.71
C GLN L 82 43.39 4.51 15.79
N ILE L 83 43.18 4.09 14.53
CA ILE L 83 44.29 4.00 13.58
C ILE L 83 44.97 5.35 13.41
N ILE L 84 44.17 6.42 13.27
CA ILE L 84 44.78 7.73 13.08
C ILE L 84 45.51 8.19 14.34
N MET L 85 44.92 7.95 15.52
CA MET L 85 45.53 8.45 16.74
C MET L 85 46.80 7.69 17.12
N VAL L 86 46.94 6.42 16.75
CA VAL L 86 48.17 5.70 17.08
C VAL L 86 49.33 6.00 16.15
N CYS L 87 49.18 6.88 15.16
CA CYS L 87 50.27 7.23 14.26
C CYS L 87 50.75 8.66 14.45
N THR L 88 50.29 9.35 15.49
CA THR L 88 50.61 10.76 15.70
C THR L 88 52.03 10.96 16.23
N PRO L 89 52.52 10.12 17.15
CA PRO L 89 53.90 10.31 17.62
C PRO L 89 54.94 10.21 16.50
N SER L 90 54.74 9.30 15.54
CA SER L 90 55.64 9.25 14.40
C SER L 90 55.62 10.56 13.61
N LEU L 91 54.43 11.10 13.36
CA LEU L 91 54.35 12.36 12.64
C LEU L 91 55.04 13.48 13.40
N CYS L 92 54.87 13.51 14.72
CA CYS L 92 55.56 14.52 15.52
C CYS L 92 57.06 14.38 15.39
N PHE L 93 57.58 13.15 15.52
CA PHE L 93 59.02 12.93 15.40
C PHE L 93 59.53 13.37 14.03
N ILE L 94 58.77 13.06 12.98
CA ILE L 94 59.20 13.43 11.63
C ILE L 94 59.23 14.95 11.48
N THR L 95 58.20 15.63 11.96
CA THR L 95 58.14 17.08 11.87
C THR L 95 59.27 17.72 12.65
N TYR L 96 59.58 17.19 13.83
CA TYR L 96 60.72 17.69 14.60
C TYR L 96 62.01 17.53 13.82
N SER L 97 62.27 16.33 13.29
CA SER L 97 63.55 16.14 12.60
C SER L 97 63.62 17.00 11.36
N VAL L 98 62.50 17.19 10.65
CA VAL L 98 62.48 18.07 9.49
C VAL L 98 62.78 19.51 9.88
N HIS L 99 62.24 19.97 11.01
CA HIS L 99 62.55 21.32 11.47
C HIS L 99 64.00 21.45 11.87
N GLN L 100 64.58 20.39 12.44
CA GLN L 100 65.96 20.44 12.87
C GLN L 100 66.90 20.75 11.70
N SER L 101 66.46 20.50 10.47
CA SER L 101 67.30 20.66 9.29
C SER L 101 67.21 22.08 8.76
N GLY L 194 68.71 16.40 21.50
CA GLY L 194 68.26 15.26 22.28
C GLY L 194 67.30 14.37 21.51
N ILE L 195 67.77 13.83 20.39
CA ILE L 195 66.92 12.98 19.56
C ILE L 195 66.53 11.72 20.32
N SER L 196 67.47 11.18 21.12
CA SER L 196 67.21 9.93 21.81
C SER L 196 66.12 10.09 22.86
N ARG L 197 66.06 11.25 23.51
CA ARG L 197 64.98 11.52 24.45
C ARG L 197 63.63 11.51 23.73
N PHE L 198 63.57 12.09 22.53
CA PHE L 198 62.33 12.03 21.75
C PHE L 198 61.97 10.59 21.40
N TYR L 199 62.96 9.78 21.04
CA TYR L 199 62.68 8.38 20.74
C TYR L 199 62.05 7.67 21.94
N ILE L 200 62.66 7.85 23.11
CA ILE L 200 62.15 7.22 24.32
C ILE L 200 60.70 7.65 24.57
N ILE L 201 60.47 8.97 24.53
CA ILE L 201 59.15 9.48 24.89
C ILE L 201 58.10 8.99 23.91
N GLN L 202 58.41 9.00 22.61
CA GLN L 202 57.40 8.58 21.65
C GLN L 202 57.09 7.09 21.79
N VAL L 203 58.09 6.27 22.13
CA VAL L 203 57.82 4.85 22.37
C VAL L 203 56.89 4.68 23.56
N VAL L 204 57.15 5.40 24.64
CA VAL L 204 56.30 5.34 25.83
C VAL L 204 54.86 5.71 25.46
N PHE L 205 54.71 6.81 24.73
CA PHE L 205 53.37 7.30 24.39
C PHE L 205 52.63 6.31 23.51
N ARG L 206 53.31 5.72 22.54
CA ARG L 206 52.66 4.74 21.67
C ARG L 206 52.15 3.55 22.49
N ASN L 207 52.99 3.04 23.40
CA ASN L 207 52.55 1.95 24.27
C ASN L 207 51.27 2.32 25.02
N ALA L 208 51.28 3.49 25.67
CA ALA L 208 50.12 3.89 26.47
C ALA L 208 48.87 3.99 25.60
N LEU L 209 49.00 4.60 24.42
CA LEU L 209 47.84 4.81 23.56
C LEU L 209 47.24 3.48 23.12
N GLU L 210 48.10 2.51 22.80
CA GLU L 210 47.57 1.25 22.27
C GLU L 210 46.91 0.43 23.37
N ILE L 211 47.43 0.49 24.59
CA ILE L 211 46.77 -0.23 25.67
C ILE L 211 45.42 0.41 25.99
N GLY L 212 45.37 1.74 26.02
CA GLY L 212 44.10 2.41 26.26
C GLY L 212 43.05 2.06 25.22
N PHE L 213 43.44 2.04 23.95
CA PHE L 213 42.46 1.77 22.90
C PHE L 213 41.97 0.32 22.96
N LEU L 214 42.85 -0.64 23.23
CA LEU L 214 42.39 -2.03 23.34
C LEU L 214 41.42 -2.21 24.51
N VAL L 215 41.75 -1.63 25.67
CA VAL L 215 40.84 -1.73 26.81
C VAL L 215 39.49 -1.09 26.49
N GLY L 216 39.50 0.09 25.86
CA GLY L 216 38.25 0.73 25.51
C GLY L 216 37.42 -0.10 24.55
N GLN L 217 38.06 -0.74 23.58
CA GLN L 217 37.32 -1.63 22.68
C GLN L 217 36.60 -2.72 23.45
N TYR L 218 37.34 -3.39 24.36
CA TYR L 218 36.72 -4.45 25.15
C TYR L 218 35.55 -3.94 25.96
N PHE L 219 35.67 -2.74 26.56
CA PHE L 219 34.60 -2.23 27.39
C PHE L 219 33.42 -1.71 26.59
N LEU L 220 33.63 -1.26 25.36
CA LEU L 220 32.53 -0.74 24.55
C LEU L 220 31.75 -1.85 23.86
N TYR L 221 32.44 -2.88 23.33
CA TYR L 221 31.77 -3.82 22.43
C TYR L 221 31.75 -5.26 22.89
N GLY L 222 32.69 -5.70 23.71
CA GLY L 222 32.78 -7.11 24.05
C GLY L 222 33.34 -8.00 22.97
N PHE L 223 32.81 -9.22 22.83
CA PHE L 223 33.34 -10.21 21.90
C PHE L 223 32.34 -10.78 20.92
N SER L 224 31.11 -10.29 20.86
CA SER L 224 30.12 -10.83 19.93
C SER L 224 29.05 -9.78 19.64
N VAL L 225 28.38 -9.97 18.52
CA VAL L 225 27.23 -9.15 18.12
C VAL L 225 26.01 -10.05 18.04
N PRO L 226 25.03 -9.93 18.94
CA PRO L 226 23.84 -10.79 18.87
C PRO L 226 22.86 -10.35 17.80
N GLY L 227 22.02 -11.31 17.38
CA GLY L 227 21.00 -11.09 16.38
C GLY L 227 19.74 -10.41 16.85
N LEU L 228 19.40 -10.51 18.14
CA LEU L 228 18.24 -9.85 18.72
C LEU L 228 18.64 -8.77 19.71
N TYR L 229 17.80 -7.75 19.82
CA TYR L 229 17.97 -6.68 20.79
C TYR L 229 16.64 -6.30 21.42
N GLU L 230 16.66 -6.08 22.73
CA GLU L 230 15.47 -5.74 23.52
C GLU L 230 15.55 -4.27 23.92
N CYS L 231 14.53 -3.50 23.57
CA CYS L 231 14.54 -2.04 23.65
C CYS L 231 13.37 -1.55 24.49
N ASN L 232 13.63 -0.55 25.34
CA ASN L 232 12.61 0.06 26.19
C ASN L 232 12.76 1.58 26.24
N ARG L 233 12.98 2.21 25.09
CA ARG L 233 13.14 3.66 25.03
C ARG L 233 11.93 4.34 24.40
N TYR L 234 11.57 5.49 24.97
CA TYR L 234 10.51 6.33 24.42
C TYR L 234 10.83 6.70 22.97
N PRO L 235 9.84 6.68 22.05
CA PRO L 235 8.38 6.49 22.22
C PRO L 235 7.88 5.05 22.18
N CYS L 236 8.75 4.04 22.26
CA CYS L 236 8.30 2.66 22.27
C CYS L 236 7.51 2.35 23.54
N ILE L 237 6.38 1.69 23.36
CA ILE L 237 5.54 1.22 24.47
C ILE L 237 6.14 -0.05 25.05
N LYS L 238 6.34 -0.05 26.37
CA LYS L 238 7.01 -1.14 27.09
C LYS L 238 8.24 -1.64 26.35
N GLU L 239 8.46 -2.95 26.30
CA GLU L 239 9.61 -3.53 25.62
C GLU L 239 9.25 -4.16 24.29
N VAL L 240 10.09 -3.90 23.28
CA VAL L 240 9.93 -4.36 21.90
C VAL L 240 11.16 -5.17 21.51
N GLU L 241 11.00 -6.00 20.47
CA GLU L 241 12.05 -6.84 19.93
C GLU L 241 12.48 -6.35 18.56
N CYS L 242 13.79 -6.24 18.35
CA CYS L 242 14.38 -5.74 17.10
C CYS L 242 15.41 -6.75 16.58
N TYR L 243 15.73 -6.63 15.28
CA TYR L 243 16.51 -7.62 14.55
C TYR L 243 17.66 -6.95 13.79
N VAL L 244 18.85 -7.54 13.92
CA VAL L 244 20.10 -6.96 13.43
C VAL L 244 20.48 -7.54 12.06
N SER L 245 21.23 -6.75 11.29
CA SER L 245 21.77 -7.16 10.00
C SER L 245 23.21 -7.66 10.12
N ARG L 246 23.50 -8.77 9.45
CA ARG L 246 24.83 -9.34 9.34
C ARG L 246 25.60 -9.53 10.66
N PRO L 247 25.02 -10.23 11.64
CA PRO L 247 25.72 -10.33 12.94
C PRO L 247 26.98 -11.20 12.90
N THR L 248 26.99 -12.28 12.13
CA THR L 248 28.13 -13.20 12.11
C THR L 248 29.38 -12.56 11.52
N GLU L 249 29.24 -11.87 10.38
CA GLU L 249 30.37 -11.19 9.78
C GLU L 249 30.97 -10.14 10.71
N LYS L 250 30.11 -9.40 11.41
CA LYS L 250 30.56 -8.38 12.34
C LYS L 250 31.28 -9.00 13.54
N THR L 251 30.80 -10.15 14.02
CA THR L 251 31.53 -10.86 15.08
C THR L 251 32.92 -11.29 14.61
N VAL L 252 33.01 -11.82 13.40
CA VAL L 252 34.31 -12.23 12.86
C VAL L 252 35.26 -11.04 12.78
N PHE L 253 34.76 -9.92 12.27
CA PHE L 253 35.57 -8.69 12.19
C PHE L 253 36.05 -8.23 13.57
N LEU L 254 35.15 -8.21 14.55
CA LEU L 254 35.53 -7.89 15.92
C LEU L 254 36.69 -8.74 16.42
N VAL L 255 36.57 -10.06 16.28
CA VAL L 255 37.59 -10.96 16.82
C VAL L 255 38.93 -10.75 16.11
N PHE L 256 38.90 -10.60 14.79
CA PHE L 256 40.12 -10.37 14.03
C PHE L 256 40.83 -9.09 14.49
N MET L 257 40.08 -8.00 14.66
CA MET L 257 40.70 -6.75 15.09
C MET L 257 41.30 -6.86 16.47
N PHE L 258 40.61 -7.53 17.40
CA PHE L 258 41.19 -7.72 18.73
C PHE L 258 42.50 -8.49 18.65
N ALA L 259 42.55 -9.54 17.83
CA ALA L 259 43.78 -10.33 17.73
C ALA L 259 44.94 -9.48 17.22
N VAL L 260 44.70 -8.71 16.15
CA VAL L 260 45.78 -7.87 15.60
C VAL L 260 46.28 -6.87 16.64
N SER L 261 45.36 -6.19 17.33
CA SER L 261 45.79 -5.20 18.31
C SER L 261 46.56 -5.84 19.46
N GLY L 262 46.18 -7.06 19.86
CA GLY L 262 46.97 -7.77 20.86
C GLY L 262 48.38 -8.03 20.40
N ILE L 263 48.54 -8.48 19.16
CA ILE L 263 49.89 -8.69 18.61
C ILE L 263 50.70 -7.40 18.71
N CYS L 264 50.10 -6.28 18.31
CA CYS L 264 50.84 -5.01 18.33
C CYS L 264 51.25 -4.64 19.75
N VAL L 265 50.36 -4.84 20.72
CA VAL L 265 50.70 -4.55 22.12
C VAL L 265 51.90 -5.38 22.54
N VAL L 266 51.87 -6.68 22.24
CA VAL L 266 52.97 -7.56 22.64
C VAL L 266 54.29 -7.05 22.06
N LEU L 267 54.28 -6.72 20.76
CA LEU L 267 55.52 -6.30 20.11
C LEU L 267 56.07 -5.01 20.72
N ASN L 268 55.20 -4.04 20.98
CA ASN L 268 55.68 -2.78 21.56
C ASN L 268 56.22 -2.98 22.96
N LEU L 269 55.60 -3.84 23.77
CA LEU L 269 56.20 -4.13 25.07
C LEU L 269 57.56 -4.82 24.89
N ALA L 270 57.67 -5.68 23.90
CA ALA L 270 58.94 -6.33 23.62
C ALA L 270 60.03 -5.28 23.43
N GLU L 271 59.79 -4.31 22.55
CA GLU L 271 60.83 -3.33 22.23
C GLU L 271 61.09 -2.41 23.43
N LEU L 272 60.04 -2.02 24.14
CA LEU L 272 60.22 -1.23 25.36
C LEU L 272 61.17 -1.91 26.31
N ASN L 273 61.00 -3.22 26.53
CA ASN L 273 61.89 -3.91 27.46
C ASN L 273 63.26 -4.13 26.83
N HIS L 274 63.33 -4.14 25.49
CA HIS L 274 64.63 -4.27 24.84
C HIS L 274 65.51 -3.05 25.11
N LEU L 275 64.95 -1.85 25.00
CA LEU L 275 65.77 -0.67 25.31
C LEU L 275 65.93 -0.48 26.81
N GLY L 276 64.83 -0.54 27.57
CA GLY L 276 64.92 -0.54 29.02
C GLY L 276 64.96 0.85 29.62
FAE YMZ M . -35.63 -22.33 12.75
CAZ YMZ M . -34.48 -22.60 12.09
FAF YMZ M . -33.74 -23.54 12.74
FAG YMZ M . -34.80 -23.07 10.85
CAT YMZ M . -33.66 -21.32 11.93
CAI YMZ M . -32.37 -21.26 12.41
CAH YMZ M . -31.61 -20.10 12.27
CAJ YMZ M . -32.17 -18.98 11.66
CAU YMZ M . -33.50 -19.06 11.17
CAV YMZ M . -34.22 -20.19 11.30
NAP YMZ M . -35.49 -20.27 10.83
CAR YMZ M . -36.05 -19.25 10.24
CAY YMZ M . -37.48 -19.42 9.75
FAC YMZ M . -38.30 -19.09 10.78
FAD YMZ M . -37.71 -18.61 8.66
FAB YMZ M . -37.69 -20.72 9.40
CAK YMZ M . -35.37 -18.04 10.06
CAS YMZ M . -34.07 -17.94 10.53
CAW YMZ M . -33.25 -16.65 10.40
OAA YMZ M . -33.98 -15.74 9.60
CAX YMZ M . -33.13 -16.10 11.75
CAO YMZ M . -34.46 -16.22 12.51
CAM YMZ M . -34.46 -15.55 13.82
CAL YMZ M . -34.02 -14.18 13.75
CAN YMZ M . -32.75 -14.02 13.06
NAQ YMZ M . -32.76 -14.63 11.71
C35 MC3 N . -12.29 -22.55 27.07
C36 MC3 N . -13.76 -22.92 27.17
C37 MC3 N . -14.40 -22.41 28.45
C38 MC3 N . -15.89 -22.71 28.46
C39 MC3 N . -16.15 -24.19 28.68
C40 MC3 N . -17.57 -24.58 28.31
C41 MC3 N . -18.62 -23.81 29.11
C42 MC3 N . -20.01 -24.19 28.61
C43 MC3 N . -21.10 -23.47 29.37
C44 MC3 N . -22.48 -23.87 28.88
C31 MC3 O . -17.02 -34.38 5.42
C32 MC3 O . -18.43 -33.94 5.70
C33 MC3 O . -19.43 -34.92 5.11
C34 MC3 O . -20.87 -34.43 5.28
C35 MC3 O . -21.39 -34.67 6.68
C36 MC3 O . -22.68 -33.91 6.96
C37 MC3 O . -23.84 -34.39 6.12
C38 MC3 O . -25.18 -34.03 6.75
C39 MC3 O . -25.30 -32.56 7.13
C40 MC3 O . -25.62 -31.64 5.96
C41 MC3 O . -25.62 -30.19 6.40
C42 MC3 O . -25.93 -29.22 5.28
C43 MC3 O . -24.71 -28.89 4.43
C44 MC3 O . -25.02 -27.95 3.28
C32 MC3 P . -15.77 -37.78 10.05
C33 MC3 P . -17.07 -37.55 9.28
C34 MC3 P . -18.23 -38.28 9.93
C35 MC3 P . -19.52 -37.90 9.23
C36 MC3 P . -20.73 -38.15 10.12
C37 MC3 P . -21.98 -37.58 9.48
C38 MC3 P . -23.22 -37.84 10.31
C39 MC3 P . -24.42 -37.20 9.64
C40 MC3 P . -25.72 -37.55 10.35
C41 MC3 P . -26.07 -39.01 10.14
C42 MC3 P . -27.52 -39.26 10.57
C43 MC3 P . -27.91 -40.72 10.40
C44 MC3 P . -29.28 -40.98 11.00
C35 MC3 Q . -21.43 -38.78 5.09
C36 MC3 Q . -22.54 -39.69 5.57
C37 MC3 Q . -23.90 -39.03 5.37
C38 MC3 Q . -25.01 -39.99 5.81
C39 MC3 Q . -26.39 -39.38 5.54
C40 MC3 Q . -26.57 -38.06 6.27
C41 MC3 Q . -27.98 -37.55 6.11
C31 MC3 R . -13.80 -28.04 26.49
C32 MC3 R . -14.58 -28.62 27.65
C33 MC3 R . -15.23 -29.93 27.23
C34 MC3 R . -16.25 -30.39 28.28
C35 MC3 R . -17.23 -31.38 27.68
C36 MC3 R . -18.42 -31.55 28.61
C37 MC3 R . -19.54 -32.39 28.00
C38 MC3 R . -20.75 -32.32 28.93
C39 MC3 R . -21.91 -33.15 28.40
C40 MC3 R . -23.11 -33.11 29.34
C41 MC3 R . -24.24 -33.98 28.78
C42 MC3 R . -25.48 -33.96 29.65
C43 MC3 R . -26.47 -35.03 29.21
C44 MC3 R . -27.61 -35.17 30.20
C39 MC3 S . -16.88 -28.33 31.06
C40 MC3 S . -18.22 -27.70 31.40
C41 MC3 S . -19.30 -28.76 31.57
C42 MC3 S . -20.66 -28.10 31.69
C43 MC3 S . -21.80 -29.10 31.63
C44 MC3 S . -23.13 -28.41 31.78
C35 MC3 T . -27.03 -24.78 29.38
C36 MC3 T . -27.34 -26.22 29.78
C37 MC3 T . -28.65 -26.75 29.21
C38 MC3 T . -29.88 -26.04 29.79
C39 MC3 T . -31.18 -26.67 29.34
C40 MC3 T . -32.37 -25.71 29.37
C41 MC3 T . -33.63 -26.28 28.73
C42 MC3 T . -34.86 -25.42 28.95
H351 MC3 T . -27.08 -24.21 30.16
H352 MC3 T . -27.71 -24.46 28.77
H361 MC3 T . -26.61 -26.78 29.48
H362 MC3 T . -27.35 -26.28 30.75
H371 MC3 T . -28.72 -27.69 29.39
H372 MC3 T . -28.65 -26.65 28.25
H381 MC3 T . -29.83 -26.06 30.76
H382 MC3 T . -29.86 -25.10 29.54
H391 MC3 T . -31.38 -27.44 29.89
H392 MC3 T . -31.08 -27.02 28.43
H401 MC3 T . -32.56 -25.46 30.28
H402 MC3 T . -32.12 -24.88 28.91
H411 MC3 T . -33.79 -27.17 29.08
H412 MC3 T . -33.49 -26.39 27.78
H421 MC3 T . -35.50 -25.90 29.49
H422 MC3 T . -34.62 -24.63 29.47
FAE YMZ U . -36.32 -10.70 22.28
CAZ YMZ U . -35.02 -11.08 22.26
FAF YMZ U . -34.44 -10.84 23.47
FAG YMZ U . -34.97 -12.42 22.00
CAT YMZ U . -34.28 -10.32 21.18
CAI YMZ U . -33.18 -9.57 21.49
CAH YMZ U . -32.48 -8.87 20.51
CAJ YMZ U . -32.91 -8.92 19.19
CAU YMZ U . -34.04 -9.72 18.87
CAV YMZ U . -34.71 -10.40 19.84
NAP YMZ U . -35.78 -11.14 19.54
CAR YMZ U . -36.23 -11.25 18.31
CAY YMZ U . -37.46 -12.11 18.08
FAC YMZ U . -38.55 -11.32 18.24
FAD YMZ U . -37.44 -12.62 16.81
FAB YMZ U . -37.49 -13.13 18.98
CAK YMZ U . -35.61 -10.58 17.26
CAS YMZ U . -34.49 -9.80 17.54
CAW YMZ U . -33.74 -9.02 16.44
OAA YMZ U . -34.29 -9.38 15.19
CAX YMZ U . -34.02 -7.60 16.70
CAO YMZ U . -35.51 -7.41 17.06
CAM YMZ U . -35.90 -5.99 17.18
CAL YMZ U . -35.56 -5.21 16.02
CAN YMZ U . -34.15 -5.36 15.64
NAQ YMZ U . -33.75 -6.77 15.46
C35 MC3 V . -17.81 6.93 32.06
C36 MC3 V . -19.23 6.43 32.28
C37 MC3 V . -20.22 7.57 32.45
C38 MC3 V . -21.63 7.02 32.57
C39 MC3 V . -21.85 6.37 33.93
C40 MC3 V . -23.10 5.49 33.93
C41 MC3 V . -24.36 6.26 33.59
C42 MC3 V . -25.54 5.29 33.53
C43 MC3 V . -26.84 6.00 33.20
C44 MC3 V . -28.00 5.03 33.16
C31 MC3 W . -15.73 -18.04 30.47
C32 MC3 W . -17.19 -17.96 30.11
C33 MC3 W . -17.93 -19.22 30.54
C34 MC3 W . -19.38 -19.21 30.08
C35 MC3 W . -20.25 -18.32 30.96
C36 MC3 W . -21.61 -18.04 30.34
C37 MC3 W . -22.47 -19.28 30.20
C38 MC3 W . -23.95 -18.94 30.09
C39 MC3 W . -24.25 -17.88 29.03
C40 MC3 W . -24.30 -18.45 27.62
C41 MC3 W . -24.51 -17.32 26.61
C42 MC3 W . -24.56 -17.82 25.17
C43 MC3 W . -23.18 -18.01 24.57
C44 MC3 W . -23.22 -18.52 23.14
C32 MC3 X . -15.58 -15.74 35.86
C33 MC3 X . -16.64 -16.59 35.16
C34 MC3 X . -17.89 -16.76 36.01
C35 MC3 X . -18.96 -17.45 35.20
C36 MC3 X . -20.35 -17.18 35.77
C37 MC3 X . -21.41 -17.74 34.83
C38 MC3 X . -22.81 -17.52 35.37
C39 MC3 X . -23.81 -18.05 34.36
C40 MC3 X . -25.23 -18.00 34.90
C41 MC3 X . -25.44 -19.02 36.01
C42 MC3 X . -26.91 -19.18 36.31
C43 MC3 X . -27.16 -20.19 37.42
C44 MC3 X . -28.62 -20.20 37.82
C35 MC3 Y . -19.60 -21.78 33.62
C36 MC3 Y . -20.76 -22.15 34.54
C37 MC3 Y . -22.05 -22.33 33.76
C38 MC3 Y . -23.17 -22.77 34.68
C39 MC3 Y . -24.46 -23.03 33.91
C40 MC3 Y . -24.90 -21.79 33.15
C41 MC3 Y . -26.26 -22.02 32.49
C31 MC3 Z . -18.76 3.20 36.29
C32 MC3 Z . -19.80 3.63 37.30
C33 MC3 Z . -20.23 2.44 38.15
C34 MC3 Z . -21.46 2.78 38.98
C35 MC3 Z . -22.18 1.51 39.43
C36 MC3 Z . -23.56 1.87 39.94
C37 MC3 Z . -24.43 0.65 40.23
C38 MC3 Z . -25.85 1.11 40.53
C39 MC3 Z . -26.77 -0.07 40.85
C40 MC3 Z . -28.18 0.41 41.20
C41 MC3 Z . -29.05 -0.80 41.54
C42 MC3 Z . -30.49 -0.41 41.86
C43 MC3 Z . -31.26 -1.59 42.46
C44 MC3 Z . -32.60 -1.16 42.98
C39 MC3 AA . -22.95 5.94 38.60
C40 MC3 AA . -24.38 6.19 38.12
C41 MC3 AA . -25.39 5.50 39.02
C42 MC3 AA . -26.77 5.58 38.38
C43 MC3 AA . -27.79 4.70 39.11
C44 MC3 AA . -29.15 4.84 38.46
C35 MC3 BA . -32.45 3.76 33.77
C36 MC3 BA . -32.77 3.25 35.17
C37 MC3 BA . -33.84 2.18 35.20
C38 MC3 BA . -35.23 2.69 34.79
C39 MC3 BA . -36.32 1.64 34.96
C40 MC3 BA . -37.52 1.86 34.05
C41 MC3 BA . -38.52 0.72 34.10
C42 MC3 BA . -39.82 1.02 33.36
H351 MC3 BA . -32.75 4.68 33.68
H352 MC3 BA . -32.97 3.25 33.12
H361 MC3 BA . -31.96 2.91 35.58
H362 MC3 BA . -33.05 4.00 35.73
H371 MC3 BA . -33.90 1.80 36.10
H372 MC3 BA . -33.59 1.45 34.63
H381 MC3 BA . -35.44 3.48 35.31
H382 MC3 BA . -35.20 2.97 33.87
H391 MC3 BA . -36.62 1.65 35.89
H392 MC3 BA . -35.96 0.76 34.80
H401 MC3 BA . -37.97 2.69 34.31
H402 MC3 BA . -37.21 1.99 33.14
H411 MC3 BA . -38.72 0.50 35.02
H412 MC3 BA . -38.12 -0.08 33.71
H421 MC3 BA . -40.55 1.03 33.99
H422 MC3 BA . -39.77 1.92 32.98
FAE YMZ CA . -40.30 2.90 17.25
CAZ YMZ CA . -39.02 3.04 17.69
FAF YMZ CA . -38.80 4.30 18.17
FAG YMZ CA . -38.82 2.14 18.69
CAT YMZ CA . -38.06 2.75 16.55
CAI YMZ CA . -37.13 3.68 16.17
CAH YMZ CA . -36.24 3.44 15.13
CAJ YMZ CA . -36.29 2.23 14.46
CAU YMZ CA . -37.24 1.26 14.87
CAV YMZ CA . -38.11 1.51 15.88
NAP YMZ CA . -39.01 0.59 16.26
CAR YMZ CA . -39.09 -0.57 15.67
CAY YMZ CA . -40.16 -1.54 16.17
FAC YMZ CA . -41.30 -1.27 15.48
FAD YMZ CA . -39.76 -2.83 15.95
FAB YMZ CA . -40.37 -1.34 17.51
CAK YMZ CA . -38.26 -0.91 14.62
CAS YMZ CA . -37.30 0.01 14.21
CAW YMZ CA . -36.33 -0.27 13.04
OAA YMZ CA . -36.50 -1.61 12.65
CAX YMZ CA . -36.76 0.61 11.94
CAO YMZ CA . -38.30 0.61 11.82
CAM YMZ CA . -38.80 1.34 10.64
CAL YMZ CA . -38.19 0.90 9.41
CAN YMZ CA . -36.73 0.88 9.48
NAQ YMZ CA . -36.21 0.11 10.62
C35 MC3 DA . -26.27 24.93 9.04
C36 MC3 DA . -27.67 24.47 9.44
C37 MC3 DA . -28.72 24.94 8.46
C38 MC3 DA . -30.08 24.38 8.86
C39 MC3 DA . -30.62 25.09 10.11
C40 MC3 DA . -31.76 24.30 10.74
C41 MC3 DA . -32.93 24.09 9.79
C42 MC3 DA . -33.99 23.23 10.47
C43 MC3 DA . -35.19 22.98 9.58
C44 MC3 DA . -36.24 22.14 10.27
C31 MC3 EA . -22.31 11.14 29.65
C32 MC3 EA . -23.62 10.51 29.26
C33 MC3 EA . -24.37 10.01 30.49
C34 MC3 EA . -25.64 9.26 30.10
C35 MC3 EA . -26.77 10.20 29.72
C36 MC3 EA . -27.92 9.49 29.03
C37 MC3 EA . -28.63 8.50 29.94
C38 MC3 EA . -30.05 8.21 29.46
C39 MC3 EA . -30.12 7.81 27.98
C40 MC3 EA . -29.74 6.36 27.73
C41 MC3 EA . -29.73 6.08 26.23
C42 MC3 EA . -29.37 4.64 25.89
C43 MC3 EA . -27.86 4.41 25.88
C44 MC3 EA . -27.48 2.98 25.58
C32 MC3 FA . -23.79 16.76 30.50
C33 MC3 FA . -24.55 15.47 30.75
C34 MC3 FA . -25.98 15.74 31.22
C35 MC3 FA . -26.74 14.44 31.30
C36 MC3 FA . -28.24 14.67 31.23
C37 MC3 FA . -28.98 13.34 31.13
C38 MC3 FA . -30.47 13.52 31.09
C39 MC3 FA . -31.14 12.17 30.91
C40 MC3 FA . -32.65 12.25 31.02
C41 MC3 FA . -33.08 12.56 32.45
C42 MC3 FA . -34.58 12.34 32.60
C43 MC3 FA . -35.06 12.65 34.02
C44 MC3 FA . -36.56 12.59 34.09
C35 MC3 GA . -26.66 10.73 34.11
C36 MC3 GA . -27.99 10.98 34.78
C37 MC3 GA . -29.01 9.91 34.41
C38 MC3 GA . -30.32 10.13 35.16
C39 MC3 GA . -31.33 9.04 34.86
C40 MC3 GA . -31.62 8.94 33.37
C41 MC3 GA . -32.73 7.93 33.10
C31 MC3 HA . -28.11 26.15 14.31
C32 MC3 HA . -29.40 26.93 14.37
C33 MC3 HA . -29.97 26.88 15.78
C34 MC3 HA . -31.40 27.40 15.81
C35 MC3 HA . -32.14 26.92 17.05
C36 MC3 HA . -33.63 27.16 16.89
C37 MC3 HA . -34.46 26.53 18.00
C38 MC3 HA . -35.94 26.64 17.63
C39 MC3 HA . -36.84 26.04 18.70
C40 MC3 HA . -38.32 26.20 18.35
C41 MC3 HA . -39.18 25.62 19.48
C42 MC3 HA . -40.66 25.70 19.17
C43 MC3 HA . -41.49 25.37 20.42
C44 MC3 HA . -42.96 25.66 20.19
C39 MC3 IA . -32.93 28.37 12.78
C40 MC3 IA . -34.18 27.72 12.19
C41 MC3 IA . -35.35 27.82 13.15
C42 MC3 IA . -36.51 26.99 12.62
C43 MC3 IA . -37.64 26.85 13.65
C44 MC3 IA . -38.78 26.04 13.08
C35 MC3 JA . -40.60 20.80 11.25
C36 MC3 JA . -41.26 21.58 12.38
C37 MC3 JA . -42.23 20.77 13.22
C38 MC3 JA . -43.47 20.33 12.44
C39 MC3 JA . -44.51 19.64 13.31
C40 MC3 JA . -45.43 18.70 12.54
C41 MC3 JA . -46.33 17.87 13.45
C42 MC3 JA . -47.39 17.10 12.69
H351 MC3 JA . -40.92 21.13 10.40
H352 MC3 JA . -40.88 19.87 11.30
H361 MC3 JA . -40.57 21.95 12.96
H362 MC3 JA . -41.72 22.35 12.01
H371 MC3 JA . -42.51 21.29 13.99
H372 MC3 JA . -41.78 19.98 13.56
H381 MC3 JA . -43.87 21.11 12.01
H382 MC3 JA . -43.21 19.74 11.72
H391 MC3 JA . -45.05 20.32 13.76
H392 MC3 JA . -44.06 19.15 14.02
H401 MC3 JA . -45.97 19.22 11.93
H402 MC3 JA . -44.89 18.12 12.00
H411 MC3 JA . -46.76 18.45 14.09
H412 MC3 JA . -45.79 17.25 13.96
H421 MC3 JA . -48.27 17.42 12.94
H422 MC3 JA . -47.30 17.27 11.73
FAE YMZ KA . -43.58 4.89 2.70
CAZ YMZ KA . -42.48 5.65 2.95
FAF YMZ KA . -42.48 6.75 2.14
FAG YMZ KA . -42.51 6.05 4.24
CAT YMZ KA . -41.22 4.83 2.68
CAI YMZ KA . -40.29 5.25 1.78
CAH YMZ KA . -39.13 4.52 1.54
CAJ YMZ KA . -38.92 3.33 2.21
CAU YMZ KA . -39.89 2.90 3.16
CAV YMZ KA . -41.01 3.63 3.38
NAP YMZ KA . -41.93 3.22 4.28
CAR YMZ KA . -41.79 2.11 4.96
CAY YMZ KA . -42.88 1.74 5.94
FAC YMZ KA . -43.80 1.01 5.25
FAD YMZ KA . -42.36 0.99 6.96
FAB YMZ KA . -43.45 2.86 6.45
CAK YMZ KA . -40.66 1.30 4.78
CAS YMZ KA . -39.69 1.70 3.87
CAW YMZ KA . -38.43 0.86 3.60
OAA YMZ KA . -38.39 -0.20 4.52
CAX YMZ KA . -38.59 0.31 2.25
CAO YMZ KA . -40.04 -0.19 2.04
CAM YMZ KA . -40.24 -0.89 0.75
CAL YMZ KA . -39.30 -1.96 0.56
CAN YMZ KA . -37.90 -1.53 0.73
NAQ YMZ KA . -37.68 -0.87 2.04
C35 MC3 LA . -29.20 13.42 -18.97
C36 MC3 LA . -30.63 13.15 -18.51
C37 MC3 LA . -31.40 12.32 -19.51
C38 MC3 LA . -32.79 11.99 -18.96
C39 MC3 LA . -33.68 13.22 -18.95
C40 MC3 LA . -34.91 13.03 -18.07
C41 MC3 LA . -35.77 11.84 -18.49
C42 MC3 LA . -36.90 11.66 -17.50
C43 MC3 LA . -37.80 10.49 -17.87
C44 MC3 LA . -38.94 10.35 -16.89
C31 MC3 MA . -30.19 23.99 3.79
C32 MC3 MA . -31.30 22.99 4.00
C33 MC3 MA . -32.32 23.53 4.99
C34 MC3 MA . -33.39 22.49 5.31
C35 MC3 MA . -34.43 22.38 4.21
C36 MC3 MA . -35.31 21.15 4.35
C37 MC3 MA . -36.18 21.18 5.60
C38 MC3 MA . -37.39 20.25 5.46
C39 MC3 MA . -37.02 18.83 5.03
C40 MC3 MA . -36.50 17.97 6.17
C41 MC3 MA . -36.07 16.61 5.64
C42 MC3 MA . -35.54 15.69 6.72
C43 MC3 MA . -34.08 15.95 7.05
C44 MC3 MA . -33.54 15.06 8.15
C32 MC3 NA . -32.18 27.22 -0.69
C33 MC3 NA . -32.90 26.55 0.47
C34 MC3 NA . -34.41 26.69 0.34
C35 MC3 NA . -35.09 25.88 1.43
C36 MC3 NA . -36.52 25.55 1.06
C37 MC3 NA . -37.12 24.57 2.05
C38 MC3 NA . -38.56 24.24 1.75
C39 MC3 NA . -39.07 23.22 2.75
C40 MC3 NA . -40.55 22.96 2.59
C41 MC3 NA . -41.37 24.16 3.02
C42 MC3 NA . -42.84 23.77 3.16
C43 MC3 NA . -43.70 24.96 3.58
C44 MC3 NA . -45.17 24.59 3.53
C35 MC3 OA . -35.56 26.24 6.03
C36 MC3 OA . -37.03 26.57 6.05
C37 MC3 OA . -37.84 25.44 6.68
C38 MC3 OA . -39.32 25.82 6.75
C39 MC3 OA . -40.13 24.73 7.44
C40 MC3 OA . -40.01 23.40 6.73
C41 MC3 OA . -40.94 22.37 7.34
C31 MC3 PA . -32.48 17.85 -17.46
C32 MC3 PA . -33.79 17.97 -18.21
C33 MC3 PA . -34.71 18.93 -17.48
C34 MC3 PA . -36.13 18.85 -18.05
C35 MC3 PA . -37.15 19.41 -17.07
C36 MC3 PA . -38.55 19.01 -17.49
C37 MC3 PA . -39.61 19.37 -16.46
C38 MC3 PA . -40.93 18.74 -16.89
C39 MC3 PA . -42.05 19.06 -15.91
C40 MC3 PA . -43.39 18.47 -16.36
C41 MC3 PA . -44.49 18.85 -15.37
C42 MC3 PA . -45.84 18.26 -15.73
C43 MC3 PA . -46.94 18.87 -14.88
C44 MC3 PA . -48.31 18.46 -15.38
C39 MC3 QA . -36.82 16.50 -20.57
C40 MC3 QA . -37.83 15.36 -20.46
C41 MC3 QA . -39.22 15.88 -20.15
C42 MC3 QA . -40.14 14.71 -19.82
C43 MC3 QA . -41.49 15.17 -19.28
C44 MC3 QA . -42.38 13.98 -18.99
C35 MC3 RA . -43.32 9.29 -15.65
C36 MC3 RA . -44.30 10.44 -15.80
C37 MC3 RA . -45.42 10.44 -14.76
C38 MC3 RA . -46.37 9.25 -14.90
C39 MC3 RA . -47.56 9.33 -13.97
C40 MC3 RA . -48.18 7.97 -13.65
C41 MC3 RA . -49.24 8.04 -12.55
C42 MC3 RA . -50.00 6.73 -12.39
H351 MC3 RA . -43.41 8.68 -16.40
H352 MC3 RA . -43.55 8.77 -14.86
H361 MC3 RA . -43.82 11.28 -15.73
H362 MC3 RA . -44.69 10.42 -16.68
H371 MC3 RA . -45.92 11.26 -14.82
H372 MC3 RA . -45.03 10.42 -13.87
H381 MC3 RA . -46.69 9.20 -15.82
H382 MC3 RA . -45.89 8.43 -14.75
H391 MC3 RA . -48.24 9.91 -14.35
H392 MC3 RA . -47.29 9.76 -13.13
H401 MC3 RA . -48.57 7.60 -14.45
H402 MC3 RA . -47.47 7.36 -13.38
H411 MC3 RA . -49.86 8.75 -12.75
H412 MC3 RA . -48.83 8.27 -11.71
H421 MC3 RA . -50.94 6.87 -12.62
H422 MC3 RA . -49.67 6.07 -13.02
FAE YMZ SA . -42.88 -6.74 -6.81
CAZ YMZ SA . -41.92 -5.86 -7.25
FAF YMZ SA . -41.77 -5.94 -8.59
FAG YMZ SA . -42.33 -4.60 -6.91
CAT YMZ SA . -40.61 -6.16 -6.56
CAI YMZ SA . -39.49 -6.43 -7.30
CAH YMZ SA . -38.26 -6.71 -6.70
CAJ YMZ SA . -38.18 -6.73 -5.32
CAU YMZ SA . -39.33 -6.44 -4.55
CAV YMZ SA . -40.52 -6.17 -5.15
NAP YMZ SA . -41.62 -5.90 -4.43
CAR YMZ SA . -41.59 -5.89 -3.12
CAY YMZ SA . -42.89 -5.58 -2.39
FAC YMZ SA . -43.55 -6.76 -2.22
FAD YMZ SA . -42.63 -5.01 -1.18
FAB YMZ SA . -43.65 -4.73 -3.14
CAK YMZ SA . -40.43 -6.16 -2.42
CAS YMZ SA . -39.27 -6.44 -3.14
CAW YMZ SA . -37.93 -6.76 -2.46
OAA YMZ SA . -38.07 -6.56 -1.06
CAX YMZ SA . -37.68 -8.19 -2.70
CAO YMZ SA . -38.98 -9.00 -2.52
CAM YMZ SA . -38.77 -10.46 -2.60
CAL YMZ SA . -37.76 -10.93 -1.71
CAN YMZ SA . -36.50 -10.19 -1.85
NAQ YMZ SA . -36.67 -8.74 -1.71
C35 MC3 TA . -23.68 -16.06 -23.96
C36 MC3 TA . -25.15 -16.20 -23.62
C37 MC3 TA . -25.58 -17.66 -23.51
C38 MC3 TA . -27.04 -17.74 -23.07
C39 MC3 TA . -27.98 -17.34 -24.20
C40 MC3 TA . -29.38 -17.04 -23.69
C41 MC3 TA . -30.01 -18.23 -22.98
C42 MC3 TA . -31.37 -17.82 -22.42
C43 MC3 TA . -32.06 -18.97 -21.70
C44 MC3 TA . -33.41 -18.55 -21.17
C31 MC3 UA . -31.49 7.65 -21.26
C32 MC3 UA . -32.54 7.01 -20.40
C33 MC3 UA . -33.84 7.83 -20.44
C34 MC3 UA . -34.88 7.26 -19.48
C35 MC3 UA . -35.57 6.03 -20.06
C36 MC3 UA . -36.37 5.27 -19.02
C37 MC3 UA . -37.55 6.07 -18.47
C38 MC3 UA . -38.62 5.16 -17.88
C39 MC3 UA . -38.07 4.16 -16.87
C40 MC3 UA . -37.83 4.77 -15.50
C41 MC3 UA . -37.18 3.74 -14.57
C42 MC3 UA . -36.91 4.29 -13.17
C43 MC3 UA . -35.61 5.07 -13.10
C44 MC3 UA . -35.34 5.63 -11.72
C32 MC3 VA . -32.36 5.19 -26.50
C33 MC3 VA . -33.34 5.59 -25.40
C34 MC3 VA . -34.76 5.15 -25.73
C35 MC3 VA . -35.66 5.43 -24.54
C36 MC3 VA . -36.92 4.57 -24.59
C37 MC3 VA . -37.70 4.73 -23.29
C38 MC3 VA . -38.98 3.92 -23.31
C39 MC3 VA . -39.68 4.07 -21.97
C40 MC3 VA . -41.04 3.41 -21.97
C41 MC3 VA . -42.03 4.17 -22.84
C42 MC3 VA . -43.44 3.69 -22.57
C43 MC3 VA . -44.46 4.42 -23.44
C44 MC3 VA . -45.83 3.81 -23.29
C35 MC3 WA . -37.38 9.24 -22.50
C36 MC3 WA . -38.84 9.03 -22.91
C37 MC3 WA . -39.71 8.74 -21.70
C38 MC3 WA . -41.16 8.60 -22.12
C39 MC3 WA . -42.08 8.38 -20.92
C40 MC3 WA . -41.67 7.13 -20.15
C41 MC3 WA . -42.68 6.84 -19.03
C31 MC3 XA . -27.52 -13.39 -27.26
C32 MC3 XA . -28.57 -14.28 -27.86
C33 MC3 XA . -29.72 -13.43 -28.39
C34 MC3 XA . -30.92 -14.31 -28.75
C35 MC3 XA . -32.20 -13.48 -28.80
C36 MC3 XA . -33.40 -14.41 -28.82
C37 MC3 XA . -34.73 -13.67 -28.68
C38 MC3 XA . -35.84 -14.69 -28.49
C39 MC3 XA . -37.20 -14.03 -28.37
C40 MC3 XA . -38.32 -15.05 -28.22
C41 MC3 XA . -39.67 -14.33 -28.13
C42 MC3 XA . -40.83 -15.29 -27.94
C43 MC3 XA . -42.17 -14.58 -28.13
C44 MC3 XA . -43.32 -15.56 -28.16
C39 MC3 YA . -30.75 -17.76 -28.12
C40 MC3 YA . -31.68 -18.53 -27.18
C41 MC3 YA . -33.13 -18.39 -27.59
C42 MC3 YA . -34.03 -18.96 -26.51
C43 MC3 YA . -35.51 -18.64 -26.75
C44 MC3 YA . -36.37 -19.27 -25.67
C35 MC3 ZA . -37.89 -19.25 -20.04
C36 MC3 ZA . -38.87 -19.02 -21.19
C37 MC3 ZA . -40.22 -18.48 -20.75
C38 MC3 ZA . -41.02 -19.47 -19.91
C39 MC3 ZA . -42.42 -18.99 -19.59
C40 MC3 ZA . -43.02 -19.60 -18.33
C41 MC3 ZA . -44.34 -18.96 -17.92
C42 MC3 ZA . -45.04 -19.71 -16.79
H351 MC3 ZA . -37.74 -20.20 -19.92
H352 MC3 ZA . -38.29 -18.94 -19.21
H361 MC3 ZA . -38.47 -18.41 -21.82
H362 MC3 ZA . -39.00 -19.86 -21.66
H371 MC3 ZA . -40.74 -18.24 -21.53
H372 MC3 ZA . -40.09 -17.67 -20.24
H381 MC3 ZA . -41.07 -20.32 -20.37
H382 MC3 ZA . -40.55 -19.65 -19.08
H391 MC3 ZA . -43.01 -19.18 -20.34
H392 MC3 ZA . -42.42 -18.01 -19.50
H401 MC3 ZA . -43.15 -20.55 -18.47
H402 MC3 ZA . -42.38 -19.52 -17.61
H411 MC3 ZA . -44.93 -18.91 -18.69
H412 MC3 ZA . -44.19 -18.04 -17.64
H421 MC3 ZA . -45.88 -20.06 -17.12
H422 MC3 ZA . -44.50 -20.47 -16.53
FAE YMZ AB . -38.90 -20.35 -1.79
CAZ YMZ AB . -37.92 -19.98 -2.67
FAF YMZ AB . -37.41 -21.08 -3.29
FAG YMZ AB . -38.48 -19.16 -3.61
CAT YMZ AB . -36.83 -19.24 -1.94
CAI YMZ AB . -35.53 -19.68 -1.99
CAH YMZ AB . -34.51 -19.01 -1.32
CAJ YMZ AB . -34.80 -17.88 -0.58
CAU YMZ AB . -36.13 -17.41 -0.55
CAV YMZ AB . -37.13 -18.08 -1.19
NAP YMZ AB . -38.39 -17.64 -1.14
CAR YMZ AB . -38.73 -16.56 -0.48
CAY YMZ AB . -40.20 -16.15 -0.49
FAC YMZ AB . -40.80 -16.81 0.54
FAD YMZ AB . -40.30 -14.80 -0.32
FAB YMZ AB . -40.77 -16.53 -1.67
CAK YMZ AB . -37.78 -15.83 0.22
CAS YMZ AB . -36.46 -16.25 0.19
CAW YMZ AB . -35.33 -15.52 0.95
OAA YMZ AB . -35.87 -14.32 1.48
CAX YMZ AB . -34.94 -16.39 2.06
CAO YMZ AB . -36.19 -17.01 2.72
CAM YMZ AB . -35.89 -17.78 3.94
CAL YMZ AB . -35.12 -17.04 4.90
CAN YMZ AB . -33.92 -16.44 4.31
NAQ YMZ AB . -34.21 -15.61 3.12
C35 MC3 BB . -15.22 -34.06 -0.94
C36 MC3 BB . -16.72 -34.25 -0.78
C37 MC3 BB . -17.08 -35.03 0.48
C38 MC3 BB . -18.59 -35.10 0.64
C39 MC3 BB . -19.21 -36.05 -0.38
C40 MC3 BB . -20.71 -35.86 -0.49
C41 MC3 BB . -21.44 -36.06 0.82
C42 MC3 BB . -22.92 -35.76 0.64
C43 MC3 BB . -23.71 -35.95 1.92
C44 MC3 BB . -25.18 -35.66 1.71
C31 MC3 CB . -24.89 -21.54 -20.44
C32 MC3 CB . -26.11 -21.46 -19.55
C33 MC3 CB . -27.38 -21.40 -20.39
C34 MC3 CB . -28.62 -21.20 -19.51
C35 MC3 CB . -29.05 -22.49 -18.83
C36 MC3 CB . -30.06 -22.26 -17.72
C37 MC3 CB . -31.38 -21.71 -18.22
C38 MC3 CB . -32.52 -21.98 -17.23
C39 MC3 CB . -32.20 -21.53 -15.82
C40 MC3 CB . -32.39 -20.04 -15.60
C41 MC3 CB . -31.95 -19.66 -14.19
C42 MC3 CB . -32.11 -18.17 -13.90
C43 MC3 CB . -30.93 -17.36 -14.41
C44 MC3 CB . -31.08 -15.87 -14.15
C32 MC3 DB . -24.16 -27.31 -21.14
C33 MC3 DB . -25.42 -26.47 -21.00
C34 MC3 DB . -26.67 -27.34 -20.94
C35 MC3 DB . -27.87 -26.46 -20.64
C36 MC3 DB . -29.01 -27.28 -20.06
C37 MC3 DB . -30.14 -26.35 -19.59
C38 MC3 DB . -31.31 -27.12 -19.03
C39 MC3 DB . -32.35 -26.15 -18.52
C40 MC3 DB . -33.62 -26.85 -18.09
C41 MC3 DB . -34.38 -27.42 -19.28
C42 MC3 DB . -35.78 -27.83 -18.87
C43 MC3 DB . -36.57 -28.42 -20.04
C44 MC3 DB . -37.88 -28.98 -19.56
C35 MC3 EB . -30.32 -23.28 -22.98
C36 MC3 EB . -31.58 -24.09 -23.16
C37 MC3 EB . -32.73 -23.50 -22.36
C38 MC3 EB . -34.02 -24.30 -22.61
C39 MC3 EB . -35.21 -23.68 -21.87
C40 MC3 EB . -34.95 -23.60 -20.38
C41 MC3 EB . -36.19 -23.10 -19.65
C31 MC3 FB . -18.17 -36.34 -5.28
C32 MC3 FB . -18.97 -37.58 -4.93
C33 MC3 FB . -19.97 -37.87 -6.03
C34 MC3 FB . -20.98 -38.94 -5.59
C35 MC3 FB . -22.24 -38.89 -6.44
C36 MC3 FB . -23.33 -39.70 -5.77
C37 MC3 FB . -24.69 -39.55 -6.45
C38 MC3 FB . -25.75 -40.22 -5.59
C39 MC3 FB . -27.13 -40.13 -6.22
C40 MC3 FB . -28.19 -40.84 -5.37
C41 MC3 FB . -29.55 -40.76 -6.06
C42 MC3 FB . -30.65 -41.41 -5.25
C43 MC3 FB . -31.93 -41.53 -6.08
C44 MC3 FB . -32.97 -42.38 -5.37
C39 MC3 GB . -20.78 -40.19 -2.30
C40 MC3 GB . -21.87 -40.07 -1.24
C41 MC3 GB . -23.17 -40.71 -1.72
C42 MC3 GB . -24.29 -40.37 -0.75
C43 MC3 GB . -25.65 -40.78 -1.29
C44 MC3 GB . -26.73 -40.46 -0.28
C35 MC3 HB . -29.74 -36.29 2.47
C36 MC3 HB . -30.39 -37.36 1.60
C37 MC3 HB . -31.83 -37.07 1.24
C38 MC3 HB . -32.78 -37.12 2.44
C39 MC3 HB . -34.24 -36.98 2.06
C40 MC3 HB . -35.12 -36.44 3.18
C41 MC3 HB . -36.54 -36.12 2.73
C42 MC3 HB . -37.47 -35.78 3.87
H351 MC3 HB . -29.57 -36.65 3.36
H352 MC3 HB . -30.38 -35.56 2.60
H361 MC3 HB . -29.86 -37.45 0.79
H362 MC3 HB . -30.33 -38.21 2.05
H371 MC3 HB . -32.13 -37.72 0.58
H372 MC3 HB . -31.90 -36.20 0.82
H381 MC3 HB . -32.64 -37.96 2.92
H382 MC3 HB . -32.53 -36.41 3.06
H391 MC3 HB . -34.58 -37.85 1.78
H392 MC3 HB . -34.32 -36.40 1.28
H401 MC3 HB . -35.15 -37.08 3.91
H402 MC3 HB . -34.70 -35.64 3.55
H411 MC3 HB . -36.89 -36.87 2.24
H412 MC3 HB . -36.51 -35.37 2.10
H421 MC3 HB . -38.17 -36.45 3.93
H422 MC3 HB . -36.98 -35.82 4.71
FAE YMZ IB . 43.32 -5.55 -4.78
CAZ YMZ IB . 42.36 -5.96 -3.92
FAF YMZ IB . 42.26 -7.32 -3.92
FAG YMZ IB . 42.71 -5.55 -2.67
CAT YMZ IB . 41.02 -5.35 -4.31
CAI YMZ IB . 39.94 -6.15 -4.57
CAH YMZ IB . 38.72 -5.61 -4.92
CAJ YMZ IB . 38.57 -4.23 -5.03
CAU YMZ IB . 39.70 -3.41 -4.74
CAV YMZ IB . 40.88 -3.95 -4.40
NAP YMZ IB . 41.95 -3.16 -4.13
CAR YMZ IB . 41.88 -1.87 -4.20
CAY YMZ IB . 43.13 -1.07 -3.88
FAC YMZ IB . 43.84 -0.95 -5.06
FAD YMZ IB . 42.81 0.16 -3.39
FAB YMZ IB . 43.89 -1.75 -2.98
CAK YMZ IB . 40.69 -1.23 -4.55
CAS YMZ IB . 39.57 -2.01 -4.83
CAW YMZ IB . 38.23 -1.39 -5.24
OAA YMZ IB . 38.32 0.01 -5.11
CAX YMZ IB . 38.04 -1.72 -6.66
CAO YMZ IB . 39.36 -1.54 -7.43
CAM YMZ IB . 39.22 -1.71 -8.89
CAL YMZ IB . 38.19 -0.89 -9.45
CAN YMZ IB . 36.90 -1.04 -8.75
NAQ YMZ IB . 37.02 -0.81 -7.30
C35 MC3 JB . 25.12 -23.91 -13.79
C36 MC3 JB . 26.59 -23.53 -13.89
C37 MC3 JB . 27.07 -23.48 -15.33
C38 MC3 JB . 28.50 -22.99 -15.39
C39 MC3 JB . 29.46 -24.06 -14.88
C40 MC3 JB . 30.83 -23.48 -14.57
C41 MC3 JB . 31.49 -22.82 -15.78
C42 MC3 JB . 32.80 -22.18 -15.35
C43 MC3 JB . 33.51 -21.50 -16.52
C44 MC3 JB . 34.83 -20.91 -16.08
C31 MC3 KB . 31.90 -19.58 10.00
C32 MC3 KB . 32.96 -18.72 9.35
C33 MC3 KB . 34.21 -18.66 10.21
C34 MC3 KB . 35.25 -17.70 9.63
C35 MC3 KB . 36.01 -18.32 8.46
C36 MC3 KB . 36.81 -17.29 7.68
C37 MC3 KB . 37.93 -16.67 8.48
C38 MC3 KB . 39.01 -16.08 7.57
C39 MC3 KB . 38.46 -15.14 6.49
C40 MC3 KB . 38.15 -13.74 7.02
C41 MC3 KB . 37.51 -12.91 5.92
C42 MC3 KB . 37.18 -11.50 6.36
C43 MC3 KB . 35.84 -11.42 7.10
C44 MC3 KB . 35.50 -10.02 7.57
C32 MC3 LB . 33.07 -24.92 7.88
C33 MC3 LB . 33.98 -23.75 8.25
C34 MC3 LB . 35.44 -24.06 7.89
C35 MC3 LB . 36.29 -22.82 8.12
C36 MC3 LB . 37.58 -22.86 7.32
C37 MC3 LB . 38.31 -21.54 7.42
C38 MC3 LB . 39.61 -21.54 6.67
C39 MC3 LB . 40.25 -20.18 6.76
C40 MC3 LB . 41.64 -20.16 6.15
C41 MC3 LB . 42.63 -20.95 7.00
C42 MC3 LB . 44.05 -20.66 6.56
C43 MC3 LB . 45.07 -21.45 7.37
C44 MC3 LB . 46.46 -21.28 6.80
C35 MC3 MB . 37.79 -20.51 11.86
C36 MC3 MB . 39.25 -20.87 11.73
C37 MC3 MB . 40.10 -19.65 11.40
C38 MC3 MB . 41.57 -20.02 11.35
C39 MC3 MB . 42.45 -18.80 11.09
C40 MC3 MB . 42.07 -18.11 9.79
C41 MC3 MB . 43.03 -16.98 9.47
C31 MC3 NB . 28.96 -26.90 -10.78
C32 MC3 NB . 30.07 -27.51 -11.60
C33 MC3 NB . 31.20 -27.95 -10.68
C34 MC3 NB . 32.45 -28.31 -11.49
C35 MC3 NB . 33.69 -28.28 -10.62
C36 MC3 NB . 34.93 -28.30 -11.50
C37 MC3 NB . 36.22 -28.07 -10.72
C38 MC3 NB . 37.37 -27.90 -11.71
C39 MC3 NB . 38.70 -27.68 -11.01
C40 MC3 NB . 39.85 -27.55 -11.99
C41 MC3 NB . 41.17 -27.37 -11.24
C42 MC3 NB . 42.36 -27.19 -12.17
C43 MC3 NB . 43.66 -27.29 -11.39
C44 MC3 NB . 44.86 -27.33 -12.33
C39 MC3 OB . 32.39 -27.89 -14.99
C40 MC3 OB . 33.31 -26.96 -15.78
C41 MC3 OB . 34.77 -27.31 -15.54
C42 MC3 OB . 35.65 -26.23 -16.16
C43 MC3 OB . 37.12 -26.39 -15.77
C44 MC3 OB . 37.97 -25.32 -16.42
C35 MC3 PB . 39.29 -19.64 -16.68
C36 MC3 PB . 40.29 -20.74 -16.36
C37 MC3 PB . 41.61 -20.22 -15.79
C38 MC3 PB . 42.42 -19.41 -16.80
C39 MC3 PB . 43.79 -19.02 -16.28
C40 MC3 PB . 44.36 -17.77 -16.94
C41 MC3 PB . 45.64 -17.27 -16.28
C42 MC3 PB . 46.33 -16.16 -17.06
H351 MC3 PB . 39.17 -19.59 -17.64
H352 MC3 PB . 39.65 -18.79 -16.40
H361 MC3 PB . 39.90 -21.35 -15.72
H362 MC3 PB . 40.47 -21.26 -17.15
H371 MC3 PB . 42.14 -20.97 -15.48
H372 MC3 PB . 41.43 -19.67 -15.01
H381 MC3 PB . 42.52 -19.92 -17.62
H382 MC3 PB . 41.92 -18.61 -17.04
H391 MC3 PB . 44.41 -19.76 -16.40
H392 MC3 PB . 43.75 -18.87 -15.31
H401 MC3 PB . 44.54 -17.96 -17.87
H402 MC3 PB . 43.69 -17.07 -16.92
H411 MC3 PB . 46.26 -18.01 -16.17
H412 MC3 PB . 45.45 -16.95 -15.39
H421 MC3 PB . 47.19 -16.48 -17.38
H422 MC3 PB . 45.82 -15.96 -17.87
FAE YMZ QB . 39.68 -1.47 -18.79
CAZ YMZ QB . 38.72 -2.36 -18.42
FAF YMZ QB . 38.27 -3.06 -19.49
FAG YMZ QB . 39.29 -3.23 -17.53
CAT YMZ QB . 37.58 -1.63 -17.76
CAI YMZ QB . 36.30 -1.75 -18.25
CAH YMZ QB . 35.23 -1.10 -17.66
CAJ YMZ QB . 35.45 -0.28 -16.56
CAU YMZ QB . 36.77 -0.15 -16.05
CAV YMZ QB . 37.80 -0.81 -16.63
NAP YMZ QB . 39.05 -0.70 -16.15
CAR YMZ QB . 39.33 0.05 -15.11
CAY YMZ QB . 40.77 0.12 -14.65
FAC YMZ QB . 41.36 1.14 -15.34
FAD YMZ QB . 40.82 0.37 -13.31
FAB YMZ QB . 41.40 -1.05 -14.92
CAK YMZ QB . 38.32 0.75 -14.45
CAS YMZ QB . 37.01 0.65 -14.92
CAW YMZ QB . 35.84 1.40 -14.26
OAA YMZ QB . 36.32 2.02 -13.08
CAX YMZ QB . 35.44 2.45 -15.23
CAO YMZ QB . 36.70 3.13 -15.83
CAM YMZ QB . 36.37 4.28 -16.69
CAL YMZ QB . 35.54 5.25 -16.03
CAN YMZ QB . 34.34 4.65 -15.44
NAQ YMZ QB . 34.64 3.53 -14.53
C35 MC3 RB . 16.54 -2.30 -33.39
C36 MC3 RB . 18.03 -2.10 -33.52
C37 MC3 RB . 18.37 -0.87 -34.37
C38 MC3 RB . 19.88 -0.67 -34.39
C39 MC3 RB . 20.56 -1.71 -35.26
C40 MC3 RB . 22.06 -1.75 -35.00
C41 MC3 RB . 22.76 -0.42 -35.26
C42 MC3 RB . 24.22 -0.53 -34.89
C43 MC3 RB . 24.97 0.77 -35.13
C44 MC3 RB . 26.44 0.64 -34.78
C31 MC3 SB . 26.42 -20.67 -19.41
C32 MC3 SB . 27.59 -19.74 -19.34
C33 MC3 SB . 28.90 -20.52 -19.18
C34 MC3 SB . 30.08 -19.58 -18.99
C35 MC3 SB . 30.53 -18.96 -20.30
C36 MC3 SB . 31.50 -17.80 -20.09
C37 MC3 SB . 32.82 -18.23 -19.48
C38 MC3 SB . 33.93 -17.22 -19.76
C39 MC3 SB . 33.54 -15.78 -19.41
C40 MC3 SB . 33.66 -15.47 -17.93
C41 MC3 SB . 33.16 -14.06 -17.64
C42 MC3 SB . 33.26 -13.68 -16.17
C43 MC3 SB . 32.06 -14.18 -15.37
C44 MC3 SB . 32.15 -13.83 -13.89
C32 MC3 TB . 25.93 -21.73 -25.15
C33 MC3 TB . 27.15 -21.49 -24.27
C34 MC3 TB . 28.43 -21.44 -25.09
C35 MC3 TB . 29.58 -21.04 -24.20
C36 MC3 TB . 30.74 -20.46 -25.01
C37 MC3 TB . 31.80 -19.90 -24.07
C38 MC3 TB . 32.98 -19.33 -24.83
C39 MC3 TB . 33.98 -18.75 -23.84
C40 MC3 TB . 35.26 -18.30 -24.53
C41 MC3 TB . 36.06 -19.49 -25.00
C42 MC3 TB . 37.46 -19.05 -25.38
C43 MC3 TB . 38.31 -20.22 -25.87
C44 MC3 TB . 39.63 -19.73 -26.41
C35 MC3 UB . 31.99 -23.10 -20.79
C36 MC3 UB . 33.29 -23.27 -21.56
C37 MC3 UB . 34.39 -22.40 -20.97
C38 MC3 UB . 35.71 -22.64 -21.70
C39 MC3 UB . 36.84 -21.84 -21.08
C40 MC3 UB . 36.53 -20.35 -21.10
C41 MC3 UB . 37.73 -19.54 -20.61
C31 MC3 VB . 19.73 -6.65 -35.31
C32 MC3 VB . 20.55 -6.34 -36.52
C33 MC3 VB . 21.60 -7.42 -36.71
C34 MC3 VB . 22.62 -7.00 -37.77
C35 MC3 VB . 23.91 -7.80 -37.63
C36 MC3 VB . 25.02 -7.13 -38.44
C37 MC3 VB . 26.39 -7.75 -38.20
C38 MC3 VB . 27.44 -6.89 -38.88
C39 MC3 VB . 28.84 -7.46 -38.70
C40 MC3 VB . 29.89 -6.61 -39.42
C41 MC3 VB . 31.27 -7.25 -39.24
C42 MC3 VB . 32.37 -6.43 -39.90
C43 MC3 VB . 33.69 -7.22 -39.94
C44 MC3 VB . 34.72 -6.52 -40.78
C39 MC3 WB . 22.36 -3.79 -39.22
C40 MC3 WB . 23.42 -2.70 -39.12
C41 MC3 WB . 24.74 -3.16 -39.68
C42 MC3 WB . 25.82 -2.14 -39.36
C43 MC3 WB . 27.22 -2.64 -39.69
C44 MC3 WB . 28.25 -1.57 -39.39
C35 MC3 XB . 30.99 1.53 -35.28
C36 MC3 XB . 31.70 0.63 -36.28
C37 MC3 XB . 33.15 0.33 -35.92
C38 MC3 XB . 34.05 1.57 -36.00
C39 MC3 XB . 35.52 1.25 -35.79
C40 MC3 XB . 36.34 2.43 -35.28
C41 MC3 XB . 37.76 2.05 -34.89
C42 MC3 XB . 38.64 3.25 -34.58
H351 MC3 XB . 30.80 2.38 -35.70
H352 MC3 XB . 31.59 1.73 -34.54
H361 MC3 XB . 31.22 -0.21 -36.34
H362 MC3 XB . 31.66 1.02 -37.16
H371 MC3 XB . 33.50 -0.35 -36.51
H372 MC3 XB . 33.20 -0.03 -35.03
H381 MC3 XB . 33.94 1.99 -36.87
H382 MC3 XB . 33.76 2.21 -35.35
H391 MC3 XB . 35.90 0.93 -36.62
H392 MC3 XB . 35.61 0.51 -35.16
H401 MC3 XB . 36.37 3.11 -35.96
H402 MC3 XB . 35.88 2.82 -34.52
H411 MC3 XB . 38.16 1.53 -35.60
H412 MC3 XB . 37.74 1.47 -34.11
H421 MC3 XB . 39.36 3.30 -35.23
H422 MC3 XB . 38.12 4.07 -34.69
FAE YMZ YB . 35.97 12.80 -21.74
CAZ YMZ YB . 34.85 12.07 -22.01
FAF YMZ YB . 34.13 12.65 -23.02
FAG YMZ YB . 35.24 10.83 -22.40
CAT YMZ YB . 34.00 11.97 -20.76
CAI YMZ YB . 32.69 12.39 -20.77
CAH YMZ YB . 31.89 12.30 -19.63
CAJ YMZ YB . 32.42 11.78 -18.46
CAU YMZ YB . 33.77 11.33 -18.47
CAV YMZ YB . 34.54 11.42 -19.57
NAP YMZ YB . 35.81 11.00 -19.57
CAR YMZ YB . 36.37 10.48 -18.51
CAY YMZ YB . 37.82 10.04 -18.60
FAC YMZ YB . 38.58 11.12 -18.30
FAD YMZ YB . 38.05 9.02 -17.72
FAB YMZ YB . 38.08 9.63 -19.88
CAK YMZ YB . 35.65 10.35 -17.32
CAS YMZ YB . 34.32 10.77 -17.29
CAW YMZ YB . 33.45 10.69 -16.02
OAA YMZ YB . 34.19 9.98 -15.04
CAX YMZ YB . 33.26 12.07 -15.56
CAO YMZ YB . 34.58 12.86 -15.67
CAM YMZ YB . 34.51 14.22 -15.08
CAL YMZ YB . 34.02 14.21 -13.73
CAN YMZ YB . 32.76 13.47 -13.58
NAQ YMZ YB . 32.85 12.10 -14.11
C35 MC3 ZB . 12.16 26.19 -23.65
C36 MC3 ZB . 13.64 26.32 -23.96
C37 MC3 ZB . 14.21 27.66 -23.50
C38 MC3 ZB . 15.71 27.70 -23.75
C39 MC3 ZB . 16.01 27.85 -25.23
C40 MC3 ZB . 17.46 27.52 -25.55
C41 MC3 ZB . 18.46 28.39 -24.79
C42 MC3 ZB . 19.87 27.92 -25.09
C43 MC3 ZB . 20.91 28.76 -24.37
C44 MC3 ZB . 22.32 28.30 -24.69
C31 MC3 AC . 18.10 4.10 -34.01
C32 MC3 AC . 19.49 4.45 -33.54
C33 MC3 AC . 20.54 3.84 -34.45
C34 MC3 AC . 21.96 4.09 -33.92
C35 MC3 AC . 22.43 5.50 -34.21
C36 MC3 AC . 23.68 5.88 -33.43
C37 MC3 AC . 24.89 5.05 -33.81
C38 MC3 AC . 26.20 5.75 -33.44
C39 MC3 AC . 26.24 6.22 -31.99
C40 MC3 AC . 26.58 5.11 -31.00
C41 MC3 AC . 26.50 5.65 -29.58
C42 MC3 AC . 26.82 4.58 -28.53
C43 MC3 AC . 25.62 3.71 -28.20
C44 MC3 AC . 25.93 2.63 -27.18
C32 MC3 BC . 16.83 8.47 -37.71
C33 MC3 BC . 18.14 7.77 -37.39
C34 MC3 BC . 19.31 8.42 -38.13
C35 MC3 BC . 20.61 7.79 -37.65
C36 MC3 BC . 21.80 8.71 -37.92
C37 MC3 BC . 23.05 8.15 -37.27
C38 MC3 BC . 24.26 9.01 -37.53
C39 MC3 BC . 25.45 8.43 -36.80
C40 MC3 BC . 26.74 9.16 -37.14
C41 MC3 BC . 27.16 8.89 -38.58
C42 MC3 BC . 28.59 9.36 -38.80
C43 MC3 BC . 29.05 9.11 -40.24
C44 MC3 BC . 30.40 9.75 -40.48
C35 MC3 CC . 22.69 3.67 -38.22
C36 MC3 CC . 23.82 4.16 -39.11
C37 MC3 CC . 25.17 4.05 -38.40
C38 MC3 CC . 26.29 4.47 -39.34
C39 MC3 CC . 27.66 4.29 -38.67
C40 MC3 CC . 27.75 5.10 -37.39
C41 MC3 CC . 29.15 5.02 -36.81
C31 MC3 DC . 13.89 25.35 -29.03
C32 MC3 DC . 14.66 26.51 -29.65
C33 MC3 DC . 15.37 26.04 -30.91
C34 MC3 DC . 16.37 27.09 -31.39
C35 MC3 DC . 17.40 26.48 -32.32
C36 MC3 DC . 18.56 27.45 -32.50
C37 MC3 DC . 19.74 26.83 -33.25
C38 MC3 DC . 20.91 27.80 -33.19
C39 MC3 DC . 22.13 27.26 -33.94
C40 MC3 DC . 23.29 28.26 -33.92
C41 MC3 DC . 24.46 27.70 -34.72
C42 MC3 DC . 25.67 28.62 -34.70
C43 MC3 DC . 26.72 28.14 -35.71
C44 MC3 DC . 27.83 29.17 -35.86
C39 MC3 EC . 16.82 30.01 -29.47
C40 MC3 EC . 18.13 30.44 -28.81
C41 MC3 EC . 19.23 30.60 -29.84
C42 MC3 EC . 20.57 30.80 -29.14
C43 MC3 EC . 21.75 30.73 -30.11
C44 MC3 EC . 23.05 30.97 -29.36
C35 MC3 FC . 26.88 28.92 -25.47
C36 MC3 FC . 27.23 29.25 -26.91
C37 MC3 FC . 28.58 28.71 -27.36
C38 MC3 FC . 29.76 29.37 -26.65
C39 MC3 FC . 31.10 28.93 -27.19
C40 MC3 FC . 32.25 29.06 -26.20
C41 MC3 FC . 33.55 28.44 -26.69
C42 MC3 FC . 34.74 28.76 -25.80
H351 MC3 FC . 26.88 29.74 -24.94
H352 MC3 FC . 27.57 28.36 -25.09
H361 MC3 FC . 26.54 28.90 -27.50
H362 MC3 FC . 27.21 30.21 -27.04
H371 MC3 FC . 28.67 28.84 -28.31
H372 MC3 FC . 28.61 27.76 -27.21
H381 MC3 FC . 29.68 30.34 -26.72
H382 MC3 FC . 29.71 29.16 -25.70
H391 MC3 FC . 31.31 29.45 -27.99
H392 MC3 FC . 31.05 28.01 -27.50
H401 MC3 FC . 32.39 30.00 -26.00
H402 MC3 FC . 31.98 28.65 -25.35
H411 MC3 FC . 33.73 28.75 -27.58
H412 MC3 FC . 33.45 27.48 -26.75
H421 MC3 FC . 35.38 29.29 -26.29
H422 MC3 FC . 34.45 29.31 -25.05
FAE YMZ GC . 35.88 22.99 -10.67
CAZ YMZ GC . 34.60 22.90 -11.10
FAF YMZ GC . 33.97 24.10 -10.96
FAG YMZ GC . 34.61 22.57 -12.42
CAT YMZ GC . 33.86 21.84 -10.31
CAI YMZ GC . 32.72 22.14 -9.61
CAH YMZ GC . 32.04 21.18 -8.89
CAJ YMZ GC . 32.52 19.88 -8.85
CAU YMZ GC . 33.69 19.57 -9.58
CAV YMZ GC . 34.35 20.52 -10.28
NAP YMZ GC . 35.47 20.22 -10.98
CAR YMZ GC . 35.96 19.00 -11.00
CAY YMZ GC . 37.22 18.77 -11.80
FAC YMZ GC . 38.28 19.02 -10.98
FAD YMZ GC . 37.27 17.47 -12.24
FAB YMZ GC . 37.25 19.61 -12.86
CAK YMZ GC . 35.34 17.97 -10.29
CAS YMZ GC . 34.18 18.24 -9.58
CAW YMZ GC . 33.46 17.17 -8.75
OAA YMZ GC . 34.05 15.92 -9.02
CAX YMZ GC . 33.68 17.51 -7.34
CAO YMZ GC . 35.14 17.94 -7.11
CAM YMZ GC . 35.47 18.16 -5.69
CAL YMZ GC . 35.14 17.03 -4.87
CAN YMZ GC . 33.75 16.59 -5.04
NAQ YMZ GC . 33.41 16.32 -6.45
C35 MC3 HC . 16.38 33.05 5.69
C36 MC3 HC . 17.81 33.30 5.23
C37 MC3 HC . 18.75 33.57 6.39
C38 MC3 HC . 20.17 33.71 5.89
C39 MC3 HC . 20.37 35.03 5.16
C40 MC3 HC . 21.64 35.04 4.33
C41 MC3 HC . 22.90 34.79 5.16
C42 MC3 HC . 24.10 34.71 4.25
C43 MC3 HC . 25.39 34.47 5.02
C44 MC3 HC . 26.59 34.43 4.09
C31 MC3 IC . 15.30 29.97 -19.21
C32 MC3 IC . 16.77 29.66 -19.06
C33 MC3 IC . 17.53 30.05 -20.31
C34 MC3 IC . 19.00 29.65 -20.22
C35 MC3 IC . 19.81 30.61 -19.36
C36 MC3 IC . 21.18 30.06 -18.99
C37 MC3 IC . 22.09 29.88 -20.19
C38 MC3 IC . 23.56 29.86 -19.78
C39 MC3 IC . 23.86 28.86 -18.67
C40 MC3 IC . 23.98 27.42 -19.14
C41 MC3 IC . 24.17 26.49 -17.96
C42 MC3 IC . 24.31 25.03 -18.37
C43 MC3 IC . 22.95 24.36 -18.57
C44 MC3 IC . 23.06 22.92 -19.00
C32 MC3 JC . 14.88 35.47 -17.23
C33 MC3 JC . 15.98 34.75 -18.00
C34 MC3 JC . 17.21 35.65 -18.16
C35 MC3 JC . 18.33 34.84 -18.78
C36 MC3 JC . 19.68 35.47 -18.50
C37 MC3 JC . 20.81 34.55 -18.96
C38 MC3 JC . 22.17 35.14 -18.73
C39 MC3 JC . 23.23 34.15 -19.15
C40 MC3 JC . 24.63 34.75 -19.09
C41 MC3 JC . 24.83 35.80 -20.17
C42 MC3 JC . 26.30 36.15 -20.29
C43 MC3 JC . 26.54 37.21 -21.35
C44 MC3 JC . 27.99 37.67 -21.33
C35 MC3 KC . 19.20 33.05 -22.98
C36 MC3 KC . 20.32 33.99 -23.37
C37 MC3 KC . 21.65 33.24 -23.45
C38 MC3 KC . 22.76 34.18 -23.90
C39 MC3 KC . 24.08 33.44 -24.07
C40 MC3 KC . 24.51 32.77 -22.78
C41 MC3 KC . 25.89 32.16 -22.93
C31 MC3 LC . 17.32 37.09 1.75
C32 MC3 LC . 18.30 38.16 2.16
C33 MC3 LC . 18.74 38.95 0.93
C34 MC3 LC . 19.93 39.85 1.27
C35 MC3 LC . 20.68 40.25 0.01
C36 MC3 LC . 22.03 40.84 0.38
C37 MC3 LC . 22.93 41.09 -0.82
C38 MC3 LC . 24.32 41.48 -0.33
C39 MC3 LC . 25.27 41.77 -1.48
C40 MC3 LC . 26.65 42.19 -0.98
C41 MC3 LC . 27.56 42.50 -2.17
C42 MC3 LC . 28.96 42.89 -1.75
C43 MC3 LC . 29.74 43.45 -2.94
C44 MC3 LC . 31.06 44.05 -2.49
C39 MC3 MC . 21.31 39.72 4.50
C40 MC3 MC . 22.75 39.31 4.84
C41 MC3 MC . 23.75 40.19 4.12
C42 MC3 MC . 25.15 39.62 4.29
C43 MC3 MC . 26.18 40.33 3.41
C44 MC3 MC . 27.55 39.75 3.63
C35 MC3 NC . 31.06 35.13 2.95
C36 MC3 NC . 31.35 36.51 2.37
C37 MC3 NC . 32.45 36.53 1.33
C38 MC3 NC . 33.83 36.19 1.91
C39 MC3 NC . 34.95 36.35 0.91
C40 MC3 NC . 36.18 35.50 1.22
C41 MC3 NC . 37.22 35.51 0.10
C42 MC3 NC . 38.53 34.85 0.50
H351 MC3 NC . 31.33 35.11 3.88
H352 MC3 NC . 31.61 34.48 2.50
H361 MC3 NC . 30.54 36.86 1.97
H362 MC3 NC . 31.57 37.12 3.09
H371 MC3 NC . 32.49 37.40 0.91
H372 MC3 NC . 32.25 35.89 0.63
H381 MC3 NC . 34.00 36.77 2.68
H382 MC3 NC . 33.82 35.29 2.26
H391 MC3 NC . 35.22 37.29 0.86
H392 MC3 NC . 34.63 36.13 0.02
H401 MC3 NC . 36.58 35.81 2.04
H402 MC3 NC . 35.89 34.59 1.39
H411 MC3 NC . 37.40 36.43 -0.16
H412 MC3 NC . 36.86 35.07 -0.68
H421 MC3 NC . 39.24 35.51 0.51
H422 MC3 NC . 38.47 34.52 1.42
FAE YMZ OC . 39.52 18.91 3.34
CAZ YMZ OC . 38.21 19.30 3.39
FAF YMZ OC . 37.94 19.84 4.62
FAG YMZ OC . 38.02 20.25 2.44
CAT YMZ OC . 37.31 18.11 3.15
CAI YMZ OC . 36.36 17.75 4.07
CAH YMZ OC . 35.51 16.67 3.85
CAJ YMZ OC . 35.64 15.93 2.68
CAU YMZ OC . 36.61 16.32 1.72
CAV YMZ OC . 37.43 17.37 1.95
NAP YMZ OC . 38.35 17.73 1.04
CAR YMZ OC . 38.50 17.09 -0.08
CAY YMZ OC . 39.58 17.57 -1.03
FAC YMZ OC . 40.74 16.94 -0.69
FAD YMZ OC . 39.25 17.26 -2.32
FAB YMZ OC . 39.74 18.91 -0.91
CAK YMZ OC . 37.71 15.99 -0.39
CAS YMZ OC . 36.74 15.58 0.53
CAW YMZ OC . 35.82 14.38 0.28
OAA YMZ OC . 36.05 13.91 -1.04
CAX YMZ OC . 36.26 13.34 1.23
CAO YMZ OC . 37.80 13.29 1.29
CAM YMZ OC . 38.31 12.17 2.11
CAL YMZ OC . 37.77 10.89 1.71
CAN YMZ OC . 36.30 10.90 1.65
NAQ YMZ OC . 35.77 11.97 0.79
C35 MC3 PC . 24.96 11.44 25.29
C36 MC3 PC . 26.35 11.87 24.86
C37 MC3 PC . 27.43 10.96 25.43
C38 MC3 PC . 28.80 11.38 24.89
C39 MC3 PC . 29.26 12.67 25.54
C40 MC3 PC . 30.41 13.31 24.76
C41 MC3 PC . 31.63 12.39 24.64
C42 MC3 PC . 32.68 13.06 23.78
C43 MC3 PC . 33.93 12.20 23.64
C44 MC3 PC . 34.98 12.89 22.79
C31 MC3 QC . 20.80 31.07 10.19
C32 MC3 QC . 22.14 30.68 9.63
C33 MC3 QC . 22.87 31.91 9.08
C34 MC3 QC . 24.18 31.53 8.40
C35 MC3 QC . 25.28 31.25 9.41
C36 MC3 QC . 26.48 30.56 8.78
C37 MC3 QC . 27.20 31.44 7.75
C38 MC3 QC . 28.64 30.99 7.55
C39 MC3 QC . 28.78 29.50 7.25
C40 MC3 QC . 28.47 29.15 5.80
C41 MC3 QC . 28.52 27.64 5.60
C42 MC3 QC . 28.22 27.22 4.17
C43 MC3 QC . 26.73 27.13 3.89
C44 MC3 QC . 26.41 26.73 2.46
C32 MC3 RC . 22.02 32.28 15.79
C33 MC3 RC . 22.83 32.50 14.51
C34 MC3 RC . 24.22 33.02 14.82
C35 MC3 RC . 25.04 33.06 13.54
C36 MC3 RC . 26.53 33.06 13.83
C37 MC3 RC . 27.32 32.91 12.53
C38 MC3 RC . 28.82 32.94 12.77
C39 MC3 RC . 29.53 32.73 11.45
C40 MC3 RC . 31.02 32.89 11.59
C41 MC3 RC . 31.40 34.34 11.83
C42 MC3 RC . 32.89 34.54 11.64
C43 MC3 RC . 33.31 35.98 11.89
C44 MC3 RC . 34.81 36.12 11.88
C35 MC3 SC . 25.00 35.65 9.67
C36 MC3 SC . 26.30 36.39 9.93
C37 MC3 SC . 27.37 36.00 8.91
C38 MC3 SC . 28.64 36.80 9.14
C39 MC3 SC . 29.70 36.49 8.10
C40 MC3 SC . 30.05 35.00 8.11
C41 MC3 SC . 31.20 34.73 7.15
C31 MC3 TC . 26.57 16.84 26.27
C32 MC3 TC . 27.82 16.99 27.08
C33 MC3 TC . 28.34 18.41 26.97
C34 MC3 TC . 29.75 18.53 27.55
C35 MC3 TC . 30.46 19.76 27.01
C36 MC3 TC . 31.95 19.67 27.32
C37 MC3 TC . 32.77 20.77 26.65
C38 MC3 TC . 34.24 20.47 26.84
C39 MC3 TC . 35.13 21.54 26.22
C40 MC3 TC . 36.61 21.26 26.44
C41 MC3 TC . 37.45 22.38 25.83
C42 MC3 TC . 38.94 22.13 25.98
C43 MC3 TC . 39.74 23.39 25.61
C44 MC3 TC . 41.20 23.24 25.96
C39 MC3 UC . 31.34 15.63 28.73
C40 MC3 UC . 32.65 15.04 28.18
C41 MC3 UC . 33.78 16.04 28.26
C42 MC3 UC . 34.98 15.52 27.50
C43 MC3 UC . 36.07 16.58 27.34
C44 MC3 UC . 37.27 16.00 26.61
C35 MC3 VC . 39.35 13.95 21.55
C36 MC3 VC . 39.94 15.15 22.29
C37 MC3 VC . 40.91 15.97 21.46
C38 MC3 VC . 42.20 15.22 21.12
C39 MC3 VC . 43.22 16.10 20.42
C40 MC3 VC . 44.21 15.30 19.55
C41 MC3 VC . 45.11 16.19 18.71
C42 MC3 VC . 46.22 15.43 18.01
H351 MC3 VC . 39.69 13.14 21.94
H352 MC3 VC . 39.67 13.96 20.63
H361 MC3 VC . 39.21 15.72 22.59
H362 MC3 VC . 40.38 14.84 23.10
H371 MC3 VC . 41.14 16.79 21.95
H372 MC3 VC . 40.48 16.25 20.65
H381 MC3 VC . 42.58 14.86 21.94
H382 MC3 VC . 41.98 14.46 20.57
H391 MC3 VC . 43.72 16.60 21.08
H392 MC3 VC . 42.77 16.75 19.86
H401 MC3 VC . 44.75 14.75 20.13
H402 MC3 VC . 43.71 14.70 18.98
H411 MC3 VC . 45.49 16.89 19.27
H412 MC3 VC . 44.57 16.65 18.04
H421 MC3 VC . 47.08 15.73 18.36
H422 MC3 VC . 46.16 14.49 18.24
FAE YMZ WC . 43.23 4.63 6.28
CAZ YMZ WC . 42.09 4.87 6.99
FAF YMZ WC . 42.08 4.13 8.14
FAG YMZ WC . 42.06 6.19 7.31
CAT YMZ WC . 40.89 4.52 6.14
CAI YMZ WC . 39.97 3.60 6.58
CAH YMZ WC . 38.85 3.27 5.82
CAJ YMZ WC . 38.66 3.87 4.59
CAU YMZ WC . 39.62 4.83 4.14
CAV YMZ WC . 40.69 5.14 4.89
NAP YMZ WC . 41.59 6.04 4.47
CAR YMZ WC . 41.46 6.65 3.32
CAY YMZ WC . 42.54 7.65 2.91
FAC YMZ WC . 43.52 6.96 2.28
FAD YMZ WC . 42.01 8.61 2.09
FAB YMZ WC . 43.06 8.24 4.04
CAK YMZ WC . 40.39 6.39 2.48
CAS YMZ WC . 39.43 5.47 2.89
CAW YMZ WC . 38.21 5.10 2.03
OAA YMZ WC . 38.19 5.96 0.91
CAX YMZ WC . 38.44 3.72 1.57
CAO YMZ WC . 39.92 3.54 1.13
CAM YMZ WC . 40.19 2.23 0.50
CAL YMZ WC . 39.29 1.93 -0.58
CAN YMZ WC . 37.88 2.09 -0.21
NAQ YMZ WC . 37.58 3.42 0.36
C35 MC3 XC . 29.34 -17.05 15.55
C36 MC3 XC . 30.74 -16.55 15.30
C37 MC3 XC . 31.59 -17.57 14.56
C38 MC3 XC . 32.96 -16.98 14.25
C39 MC3 XC . 33.81 -16.88 15.51
C40 MC3 XC . 35.01 -15.96 15.31
C41 MC3 XC . 35.93 -16.41 14.17
C42 MC3 XC . 37.04 -15.39 13.99
C43 MC3 XC . 37.99 -15.79 12.87
C44 MC3 XC . 39.10 -14.78 12.71
C31 MC3 YC . 29.11 6.30 24.80
C32 MC3 YC . 30.24 6.49 23.83
C33 MC3 YC . 31.20 7.55 24.35
C34 MC3 YC . 32.30 7.85 23.32
C35 MC3 YC . 33.38 6.78 23.32
C36 MC3 YC . 34.30 6.89 22.11
C37 MC3 YC . 35.12 8.16 22.10
C38 MC3 YC . 36.37 8.02 21.23
C39 MC3 YC . 36.07 7.50 19.82
C40 MC3 YC . 35.55 8.57 18.88
C41 MC3 YC . 35.19 7.93 17.54
C42 MC3 YC . 34.65 8.95 16.53
C43 MC3 YC . 33.17 9.23 16.72
C44 MC3 YC . 32.63 10.26 15.75
C32 MC3 ZC . 31.12 2.09 28.35
C33 MC3 ZC . 31.84 3.23 27.64
C34 MC3 ZC . 33.34 3.17 27.85
C35 MC3 ZC . 34.01 4.23 26.99
C36 MC3 ZC . 35.48 3.90 26.74
C37 MC3 ZC . 36.06 4.87 25.72
C38 MC3 ZC . 37.52 4.59 25.47
C39 MC3 ZC . 38.03 5.55 24.41
C40 MC3 ZC . 39.53 5.43 24.21
C41 MC3 ZC . 40.30 5.97 25.41
C42 MC3 ZC . 41.77 6.13 25.07
C43 MC3 ZC . 42.57 6.65 26.25
C44 MC3 ZC . 44.05 6.64 25.94
C35 MC3 AD . 34.29 8.87 27.10
C36 MC3 AD . 35.77 8.97 27.48
C37 MC3 AD . 36.59 9.55 26.34
C38 MC3 AD . 38.04 9.70 26.77
C39 MC3 AD . 38.88 10.36 25.68
C40 MC3 AD . 38.83 9.56 24.39
C41 MC3 AD . 39.78 10.15 23.35
C31 MC3 BD . 32.39 -15.16 20.00
C32 MC3 BD . 33.71 -15.86 20.20
C33 MC3 BD . 34.57 -15.05 21.16
C34 MC3 BD . 36.01 -15.56 21.17
C35 MC3 BD . 36.97 -14.51 21.70
C36 MC3 BD . 38.40 -14.91 21.38
C37 MC3 BD . 39.41 -13.81 21.70
C38 MC3 BD . 40.77 -14.22 21.15
C39 MC3 BD . 41.84 -13.18 21.45
C40 MC3 BD . 43.21 -13.62 20.94
C41 MC3 BD . 44.26 -12.56 21.30
C42 MC3 BD . 45.64 -12.91 20.78
C43 MC3 BD . 46.70 -11.98 21.37
C44 MC3 BD . 48.10 -12.46 21.04
C39 MC3 CD . 36.89 -18.19 18.99
C40 MC3 CD . 37.93 -18.09 17.87
C41 MC3 CD . 39.29 -17.71 18.42
C42 MC3 CD . 40.24 -17.41 17.27
C43 MC3 CD . 41.55 -16.80 17.75
C44 MC3 CD . 42.48 -16.54 16.58
C35 MC3 DD . 43.46 -13.44 11.73
C36 MC3 DD . 44.41 -13.48 12.93
C37 MC3 DD . 45.48 -12.40 12.90
C38 MC3 DD . 46.49 -12.58 11.77
C39 MC3 DD . 47.64 -11.59 11.83
C40 MC3 DD . 48.30 -11.33 10.48
C41 MC3 DD . 49.32 -10.20 10.52
C42 MC3 DD . 50.12 -10.08 9.22
H351 MC3 DD . 43.61 -14.22 11.18
H352 MC3 DD . 43.69 -12.67 11.18
H361 MC3 DD . 43.90 -13.40 13.75
H362 MC3 DD . 44.83 -14.35 12.97
H371 MC3 DD . 45.96 -12.41 13.75
H372 MC3 DD . 45.07 -11.53 12.82
H381 MC3 DD . 46.84 -13.49 11.78
H382 MC3 DD . 46.03 -12.49 10.92
H391 MC3 DD . 48.31 -11.92 12.45
H392 MC3 DD . 47.33 -10.75 12.20
H401 MC3 DD . 48.73 -12.14 10.16
H402 MC3 DD . 47.60 -11.13 9.82
H411 MC3 DD . 49.92 -10.34 11.26
H412 MC3 DD . 48.86 -9.36 10.68
H421 MC3 DD . 51.06 -10.26 9.42
H422 MC3 DD . 49.84 -10.76 8.60
#